data_1P02
# 
_entry.id   1P02 
# 
_audit_conform.dict_name       mmcif_pdbx.dic 
_audit_conform.dict_version    5.397 
_audit_conform.dict_location   http://mmcif.pdb.org/dictionaries/ascii/mmcif_pdbx.dic 
# 
loop_
_database_2.database_id 
_database_2.database_code 
_database_2.pdbx_database_accession 
_database_2.pdbx_DOI 
PDB   1P02         pdb_00001p02 10.2210/pdb1p02/pdb 
WWPDB D_1000175541 ?            ?                   
# 
loop_
_pdbx_audit_revision_history.ordinal 
_pdbx_audit_revision_history.data_content_type 
_pdbx_audit_revision_history.major_revision 
_pdbx_audit_revision_history.minor_revision 
_pdbx_audit_revision_history.revision_date 
1 'Structure model' 1 0 1990-04-15 
2 'Structure model' 1 1 2008-03-24 
3 'Structure model' 1 2 2011-07-13 
4 'Structure model' 1 3 2012-12-12 
5 'Structure model' 1 4 2024-06-05 
6 'Structure model' 1 5 2024-10-23 
# 
_pdbx_audit_revision_details.ordinal             1 
_pdbx_audit_revision_details.revision_ordinal    1 
_pdbx_audit_revision_details.data_content_type   'Structure model' 
_pdbx_audit_revision_details.provider            repository 
_pdbx_audit_revision_details.type                'Initial release' 
_pdbx_audit_revision_details.description         ? 
_pdbx_audit_revision_details.details             ? 
# 
loop_
_pdbx_audit_revision_group.ordinal 
_pdbx_audit_revision_group.revision_ordinal 
_pdbx_audit_revision_group.data_content_type 
_pdbx_audit_revision_group.group 
1  2 'Structure model' 'Version format compliance' 
2  3 'Structure model' 'Atomic model'              
3  3 'Structure model' 'Database references'       
4  3 'Structure model' 'Derived calculations'      
5  3 'Structure model' 'Non-polymer description'   
6  3 'Structure model' 'Structure summary'         
7  3 'Structure model' 'Version format compliance' 
8  4 'Structure model' Other                       
9  5 'Structure model' 'Data collection'           
10 5 'Structure model' 'Database references'       
11 5 'Structure model' 'Derived calculations'      
12 5 'Structure model' Other                       
13 6 'Structure model' 'Structure summary'         
# 
loop_
_pdbx_audit_revision_category.ordinal 
_pdbx_audit_revision_category.revision_ordinal 
_pdbx_audit_revision_category.data_content_type 
_pdbx_audit_revision_category.category 
1  5 'Structure model' chem_comp_atom            
2  5 'Structure model' chem_comp_bond            
3  5 'Structure model' database_2                
4  5 'Structure model' pdbx_database_status      
5  5 'Structure model' struct_conn               
6  5 'Structure model' struct_ref_seq            
7  5 'Structure model' struct_sheet              
8  5 'Structure model' struct_site               
9  6 'Structure model' pdbx_entry_details        
10 6 'Structure model' pdbx_modification_feature 
# 
loop_
_pdbx_audit_revision_item.ordinal 
_pdbx_audit_revision_item.revision_ordinal 
_pdbx_audit_revision_item.data_content_type 
_pdbx_audit_revision_item.item 
1  5 'Structure model' '_database_2.pdbx_DOI'                         
2  5 'Structure model' '_database_2.pdbx_database_accession'          
3  5 'Structure model' '_pdbx_database_status.process_site'           
4  5 'Structure model' '_struct_conn.pdbx_dist_value'                 
5  5 'Structure model' '_struct_conn.pdbx_leaving_atom_flag'          
6  5 'Structure model' '_struct_conn.ptnr1_auth_asym_id'              
7  5 'Structure model' '_struct_conn.ptnr1_auth_comp_id'              
8  5 'Structure model' '_struct_conn.ptnr1_auth_seq_id'               
9  5 'Structure model' '_struct_conn.ptnr1_label_asym_id'             
10 5 'Structure model' '_struct_conn.ptnr1_label_atom_id'             
11 5 'Structure model' '_struct_conn.ptnr1_label_comp_id'             
12 5 'Structure model' '_struct_conn.ptnr1_label_seq_id'              
13 5 'Structure model' '_struct_conn.ptnr2_auth_asym_id'              
14 5 'Structure model' '_struct_conn.ptnr2_auth_comp_id'              
15 5 'Structure model' '_struct_conn.ptnr2_auth_seq_id'               
16 5 'Structure model' '_struct_conn.ptnr2_label_asym_id'             
17 5 'Structure model' '_struct_conn.ptnr2_label_atom_id'             
18 5 'Structure model' '_struct_conn.ptnr2_label_comp_id'             
19 5 'Structure model' '_struct_conn.ptnr2_label_seq_id'              
20 5 'Structure model' '_struct_ref_seq.db_align_beg'                 
21 5 'Structure model' '_struct_ref_seq.db_align_end'                 
22 5 'Structure model' '_struct_sheet.number_strands'                 
23 5 'Structure model' '_struct_site.pdbx_auth_asym_id'               
24 5 'Structure model' '_struct_site.pdbx_auth_comp_id'               
25 5 'Structure model' '_struct_site.pdbx_auth_seq_id'                
26 6 'Structure model' '_pdbx_entry_details.has_protein_modification' 
# 
_pdbx_database_status.status_code                     REL 
_pdbx_database_status.entry_id                        1P02 
_pdbx_database_status.recvd_initial_deposition_date   1989-04-24 
_pdbx_database_status.deposit_site                    ? 
_pdbx_database_status.process_site                    BNL 
_pdbx_database_status.SG_entry                        . 
_pdbx_database_status.status_code_sf                  ? 
_pdbx_database_status.status_code_mr                  ? 
_pdbx_database_status.status_code_cs                  ? 
_pdbx_database_status.pdb_format_compatible           Y 
_pdbx_database_status.status_code_nmr_data            ? 
_pdbx_database_status.methods_development_category    ? 
# 
loop_
_audit_author.name 
_audit_author.pdbx_ordinal 
'Bone, R.'    1 
'Agard, D.A.' 2 
# 
loop_
_citation.id 
_citation.title 
_citation.journal_abbrev 
_citation.journal_volume 
_citation.page_first 
_citation.page_last 
_citation.year 
_citation.journal_id_ASTM 
_citation.country 
_citation.journal_id_ISSN 
_citation.journal_id_CSD 
_citation.book_publisher 
_citation.pdbx_database_id_PubMed 
_citation.pdbx_database_id_DOI 
primary 'Structural analysis of specificity: alpha-lytic protease complexes with analogues of reaction intermediates.' 
Biochemistry      28  7600 7609 1989 BICHAW US 0006-2960 0033 ? 2611204 10.1021/bi00445a015 
1       'Structural Plasticity as a Determinant of Enzyme Specificity. Creating Broadly Specific Proteases' 'To be Published' ?   
?    ?    ?    ?      ?  ?         0353 ? ?       ?                   
2       'Kinetic Properties of the Binding of Alpha-Lytic Protease to Peptide Boronic Acids' Biochemistry      27  7682 ?    1988 
BICHAW US 0006-2960 0033 ? ?       ?                   
3       
'Serine Protease Mechanism. Structure of an Inhibitory Complex of Alpha-Lytic Protease and a Tightly Bound Peptide Boronic Acid' 
Biochemistry      26  7609 ?    1987 BICHAW US 0006-2960 0033 ? ?       ?                   
4       
'Refined Structure of Alpha-Lytic Protease at 1.7 Angstroms Resolution. Analysis of Hydrogen Bonding and Solvent Structure'      
J.Mol.Biol.       184 479  ?    1985 JMOBAK UK 0022-2836 0070 ? ?       ?                   
5       'Molecular Structure of the Alpha-Lytic Protease from Myxobacter 495 at 2.8 Angstroms Resolution' J.Mol.Biol.       131 
743  ?    1979 JMOBAK UK 0022-2836 0070 ? ?       ?                   
# 
loop_
_citation_author.citation_id 
_citation_author.name 
_citation_author.ordinal 
_citation_author.identifier_ORCID 
primary 'Bone, R.'         1  ? 
primary 'Frank, D.'        2  ? 
primary 'Kettner, C.A.'    3  ? 
primary 'Agard, D.A.'      4  ? 
1       'Bone, R.'         5  ? 
1       'Silen, J.L.'      6  ? 
1       'Agard, D.A.'      7  ? 
2       'Kettner, C.A.'    8  ? 
2       'Bone, R.'         9  ? 
2       'Agard, D.A.'      10 ? 
2       'Bachovchin, W.W.' 11 ? 
3       'Bone, R.'         12 ? 
3       'Shenvi, A.B.'     13 ? 
3       'Kettner, C.A.'    14 ? 
3       'Agard, D.A.'      15 ? 
4       'Fujinaga, M.'     16 ? 
4       'Delbaere, L.T.J.' 17 ? 
4       'Brayer, G.D.'     18 ? 
4       'James, M.N.G.'    19 ? 
5       'Brayer, G.D.'     20 ? 
5       'Delbaere, L.T.J.' 21 ? 
5       'James, M.N.G.'    22 ? 
# 
loop_
_entity.id 
_entity.type 
_entity.src_method 
_entity.pdbx_description 
_entity.formula_weight 
_entity.pdbx_number_of_molecules 
_entity.pdbx_ec 
_entity.pdbx_mutation 
_entity.pdbx_fragment 
_entity.details 
1 polymer     man 'ALPHA-LYTIC PROTEASE'                                       19875.131 1   3.4.21.12 ? ? ? 
2 polymer     syn 'METHOXYSUCCINYL-ALA-ALA-PRO-ALANINE BORONIC ACID INHIBITOR' 442.271   1   ?         ? ? ? 
3 non-polymer syn 'SULFATE ION'                                                96.063    1   ?         ? ? ? 
4 water       nat water                                                        18.015    146 ?         ? ? ? 
# 
loop_
_entity_poly.entity_id 
_entity_poly.type 
_entity_poly.nstd_linkage 
_entity_poly.nstd_monomer 
_entity_poly.pdbx_seq_one_letter_code 
_entity_poly.pdbx_seq_one_letter_code_can 
_entity_poly.pdbx_strand_id 
_entity_poly.pdbx_target_identifier 
1 'polypeptide(L)' no no  
;ANIVGGIEYSINNASLCSVGFSVTRGATKGFVTAGHCGTVNATARIGGAVVGTFAARVFPGNDRAWVSLTSAQTLLPRVA
NGSSFVTVRGSTEAAVGAAVCRSGRTTGYQCGTITAKNVTANYAEGAVRGLTQGNACMGRGDSGGSWITSAGQAQGVMSG
GNVQSNGNNCGIPASQRSSLFERLQPILSQYGLSLVTG
;
;ANIVGGIEYSINNASLCSVGFSVTRGATKGFVTAGHCGTVNATARIGGAVVGTFAARVFPGNDRAWVSLTSAQTLLPRVA
NGSSFVTVRGSTEAAVGAAVCRSGRTTGYQCGTITAKNVTANYAEGAVRGLTQGNACMGRGDSGGSWITSAGQAQGVMSG
GNVQSNGNNCGIPASQRSSLFERLQPILSQYGLSLVTG
;
A ? 
2 'polypeptide(L)' no yes '(MSU)AAP(B2A)' XAAPA P ? 
# 
loop_
_pdbx_entity_nonpoly.entity_id 
_pdbx_entity_nonpoly.name 
_pdbx_entity_nonpoly.comp_id 
3 'SULFATE ION' SO4 
4 water         HOH 
# 
loop_
_entity_poly_seq.entity_id 
_entity_poly_seq.num 
_entity_poly_seq.mon_id 
_entity_poly_seq.hetero 
1 1   ALA n 
1 2   ASN n 
1 3   ILE n 
1 4   VAL n 
1 5   GLY n 
1 6   GLY n 
1 7   ILE n 
1 8   GLU n 
1 9   TYR n 
1 10  SER n 
1 11  ILE n 
1 12  ASN n 
1 13  ASN n 
1 14  ALA n 
1 15  SER n 
1 16  LEU n 
1 17  CYS n 
1 18  SER n 
1 19  VAL n 
1 20  GLY n 
1 21  PHE n 
1 22  SER n 
1 23  VAL n 
1 24  THR n 
1 25  ARG n 
1 26  GLY n 
1 27  ALA n 
1 28  THR n 
1 29  LYS n 
1 30  GLY n 
1 31  PHE n 
1 32  VAL n 
1 33  THR n 
1 34  ALA n 
1 35  GLY n 
1 36  HIS n 
1 37  CYS n 
1 38  GLY n 
1 39  THR n 
1 40  VAL n 
1 41  ASN n 
1 42  ALA n 
1 43  THR n 
1 44  ALA n 
1 45  ARG n 
1 46  ILE n 
1 47  GLY n 
1 48  GLY n 
1 49  ALA n 
1 50  VAL n 
1 51  VAL n 
1 52  GLY n 
1 53  THR n 
1 54  PHE n 
1 55  ALA n 
1 56  ALA n 
1 57  ARG n 
1 58  VAL n 
1 59  PHE n 
1 60  PRO n 
1 61  GLY n 
1 62  ASN n 
1 63  ASP n 
1 64  ARG n 
1 65  ALA n 
1 66  TRP n 
1 67  VAL n 
1 68  SER n 
1 69  LEU n 
1 70  THR n 
1 71  SER n 
1 72  ALA n 
1 73  GLN n 
1 74  THR n 
1 75  LEU n 
1 76  LEU n 
1 77  PRO n 
1 78  ARG n 
1 79  VAL n 
1 80  ALA n 
1 81  ASN n 
1 82  GLY n 
1 83  SER n 
1 84  SER n 
1 85  PHE n 
1 86  VAL n 
1 87  THR n 
1 88  VAL n 
1 89  ARG n 
1 90  GLY n 
1 91  SER n 
1 92  THR n 
1 93  GLU n 
1 94  ALA n 
1 95  ALA n 
1 96  VAL n 
1 97  GLY n 
1 98  ALA n 
1 99  ALA n 
1 100 VAL n 
1 101 CYS n 
1 102 ARG n 
1 103 SER n 
1 104 GLY n 
1 105 ARG n 
1 106 THR n 
1 107 THR n 
1 108 GLY n 
1 109 TYR n 
1 110 GLN n 
1 111 CYS n 
1 112 GLY n 
1 113 THR n 
1 114 ILE n 
1 115 THR n 
1 116 ALA n 
1 117 LYS n 
1 118 ASN n 
1 119 VAL n 
1 120 THR n 
1 121 ALA n 
1 122 ASN n 
1 123 TYR n 
1 124 ALA n 
1 125 GLU n 
1 126 GLY n 
1 127 ALA n 
1 128 VAL n 
1 129 ARG n 
1 130 GLY n 
1 131 LEU n 
1 132 THR n 
1 133 GLN n 
1 134 GLY n 
1 135 ASN n 
1 136 ALA n 
1 137 CYS n 
1 138 MET n 
1 139 GLY n 
1 140 ARG n 
1 141 GLY n 
1 142 ASP n 
1 143 SER n 
1 144 GLY n 
1 145 GLY n 
1 146 SER n 
1 147 TRP n 
1 148 ILE n 
1 149 THR n 
1 150 SER n 
1 151 ALA n 
1 152 GLY n 
1 153 GLN n 
1 154 ALA n 
1 155 GLN n 
1 156 GLY n 
1 157 VAL n 
1 158 MET n 
1 159 SER n 
1 160 GLY n 
1 161 GLY n 
1 162 ASN n 
1 163 VAL n 
1 164 GLN n 
1 165 SER n 
1 166 ASN n 
1 167 GLY n 
1 168 ASN n 
1 169 ASN n 
1 170 CYS n 
1 171 GLY n 
1 172 ILE n 
1 173 PRO n 
1 174 ALA n 
1 175 SER n 
1 176 GLN n 
1 177 ARG n 
1 178 SER n 
1 179 SER n 
1 180 LEU n 
1 181 PHE n 
1 182 GLU n 
1 183 ARG n 
1 184 LEU n 
1 185 GLN n 
1 186 PRO n 
1 187 ILE n 
1 188 LEU n 
1 189 SER n 
1 190 GLN n 
1 191 TYR n 
1 192 GLY n 
1 193 LEU n 
1 194 SER n 
1 195 LEU n 
1 196 VAL n 
1 197 THR n 
1 198 GLY n 
2 1   MSU n 
2 2   ALA n 
2 3   ALA n 
2 4   PRO n 
2 5   B2A n 
# 
_entity_src_gen.entity_id                          1 
_entity_src_gen.pdbx_src_id                        1 
_entity_src_gen.pdbx_alt_source_flag               sample 
_entity_src_gen.pdbx_seq_type                      ? 
_entity_src_gen.pdbx_beg_seq_num                   ? 
_entity_src_gen.pdbx_end_seq_num                   ? 
_entity_src_gen.gene_src_common_name               ? 
_entity_src_gen.gene_src_genus                     ? 
_entity_src_gen.pdbx_gene_src_gene                 ? 
_entity_src_gen.gene_src_species                   ? 
_entity_src_gen.gene_src_strain                    ? 
_entity_src_gen.gene_src_tissue                    ? 
_entity_src_gen.gene_src_tissue_fraction           ? 
_entity_src_gen.gene_src_details                   ? 
_entity_src_gen.pdbx_gene_src_fragment             ? 
_entity_src_gen.pdbx_gene_src_scientific_name      'Lysobacter enzymogenes' 
_entity_src_gen.pdbx_gene_src_ncbi_taxonomy_id     69 
_entity_src_gen.pdbx_gene_src_variant              ? 
_entity_src_gen.pdbx_gene_src_cell_line            ? 
_entity_src_gen.pdbx_gene_src_atcc                 ? 
_entity_src_gen.pdbx_gene_src_organ                ? 
_entity_src_gen.pdbx_gene_src_organelle            ? 
_entity_src_gen.pdbx_gene_src_cell                 ? 
_entity_src_gen.pdbx_gene_src_cellular_location    ? 
_entity_src_gen.host_org_common_name               ? 
_entity_src_gen.pdbx_host_org_scientific_name      ? 
_entity_src_gen.pdbx_host_org_ncbi_taxonomy_id     ? 
_entity_src_gen.host_org_genus                     ? 
_entity_src_gen.pdbx_host_org_gene                 ? 
_entity_src_gen.pdbx_host_org_organ                ? 
_entity_src_gen.host_org_species                   ? 
_entity_src_gen.pdbx_host_org_tissue               ? 
_entity_src_gen.pdbx_host_org_tissue_fraction      ? 
_entity_src_gen.pdbx_host_org_strain               ? 
_entity_src_gen.pdbx_host_org_variant              ? 
_entity_src_gen.pdbx_host_org_cell_line            ? 
_entity_src_gen.pdbx_host_org_atcc                 ? 
_entity_src_gen.pdbx_host_org_culture_collection   ? 
_entity_src_gen.pdbx_host_org_cell                 ? 
_entity_src_gen.pdbx_host_org_organelle            ? 
_entity_src_gen.pdbx_host_org_cellular_location    ? 
_entity_src_gen.pdbx_host_org_vector_type          ? 
_entity_src_gen.pdbx_host_org_vector               ? 
_entity_src_gen.host_org_details                   ? 
_entity_src_gen.expression_system_id               ? 
_entity_src_gen.plasmid_name                       ? 
_entity_src_gen.plasmid_details                    ? 
_entity_src_gen.pdbx_description                   ? 
# 
loop_
_chem_comp.id 
_chem_comp.type 
_chem_comp.mon_nstd_flag 
_chem_comp.name 
_chem_comp.pdbx_synonyms 
_chem_comp.formula 
_chem_comp.formula_weight 
ALA 'L-peptide linking' y ALANINE                          ? 'C3 H7 N O2'     89.093  
ARG 'L-peptide linking' y ARGININE                         ? 'C6 H15 N4 O2 1' 175.209 
ASN 'L-peptide linking' y ASPARAGINE                       ? 'C4 H8 N2 O3'    132.118 
ASP 'L-peptide linking' y 'ASPARTIC ACID'                  ? 'C4 H7 N O4'     133.103 
B2A peptide-like        n 'ALANINE BORONIC ACID'           ? 'C2 H8 B N O2'   88.901  
CYS 'L-peptide linking' y CYSTEINE                         ? 'C3 H7 N O2 S'   121.158 
GLN 'L-peptide linking' y GLUTAMINE                        ? 'C5 H10 N2 O3'   146.144 
GLU 'L-peptide linking' y 'GLUTAMIC ACID'                  ? 'C5 H9 N O4'     147.129 
GLY 'peptide linking'   y GLYCINE                          ? 'C2 H5 N O2'     75.067  
HIS 'L-peptide linking' y HISTIDINE                        ? 'C6 H10 N3 O2 1' 156.162 
HOH non-polymer         . WATER                            ? 'H2 O'           18.015  
ILE 'L-peptide linking' y ISOLEUCINE                       ? 'C6 H13 N O2'    131.173 
LEU 'L-peptide linking' y LEUCINE                          ? 'C6 H13 N O2'    131.173 
LYS 'L-peptide linking' y LYSINE                           ? 'C6 H15 N2 O2 1' 147.195 
MET 'L-peptide linking' y METHIONINE                       ? 'C5 H11 N O2 S'  149.211 
MSU non-polymer         . 'SUCCINIC ACID MONOMETHYL ESTER' ? 'C5 H8 O4'       132.115 
PHE 'L-peptide linking' y PHENYLALANINE                    ? 'C9 H11 N O2'    165.189 
PRO 'L-peptide linking' y PROLINE                          ? 'C5 H9 N O2'     115.130 
SER 'L-peptide linking' y SERINE                           ? 'C3 H7 N O3'     105.093 
SO4 non-polymer         . 'SULFATE ION'                    ? 'O4 S -2'        96.063  
THR 'L-peptide linking' y THREONINE                        ? 'C4 H9 N O3'     119.119 
TRP 'L-peptide linking' y TRYPTOPHAN                       ? 'C11 H12 N2 O2'  204.225 
TYR 'L-peptide linking' y TYROSINE                         ? 'C9 H11 N O3'    181.189 
VAL 'L-peptide linking' y VALINE                           ? 'C5 H11 N O2'    117.146 
# 
loop_
_pdbx_poly_seq_scheme.asym_id 
_pdbx_poly_seq_scheme.entity_id 
_pdbx_poly_seq_scheme.seq_id 
_pdbx_poly_seq_scheme.mon_id 
_pdbx_poly_seq_scheme.ndb_seq_num 
_pdbx_poly_seq_scheme.pdb_seq_num 
_pdbx_poly_seq_scheme.auth_seq_num 
_pdbx_poly_seq_scheme.pdb_mon_id 
_pdbx_poly_seq_scheme.auth_mon_id 
_pdbx_poly_seq_scheme.pdb_strand_id 
_pdbx_poly_seq_scheme.pdb_ins_code 
_pdbx_poly_seq_scheme.hetero 
A 1 1   ALA 1   15  15  ALA ALA A A n 
A 1 2   ASN 2   15  15  ASN ASN A B n 
A 1 3   ILE 3   16  16  ILE ILE A . n 
A 1 4   VAL 4   17  17  VAL VAL A . n 
A 1 5   GLY 5   18  18  GLY GLY A . n 
A 1 6   GLY 6   19  19  GLY GLY A . n 
A 1 7   ILE 7   29  29  ILE ILE A . n 
A 1 8   GLU 8   30  30  GLU GLU A . n 
A 1 9   TYR 9   31  31  TYR TYR A . n 
A 1 10  SER 10  32  32  SER SER A . n 
A 1 11  ILE 11  33  33  ILE ILE A . n 
A 1 12  ASN 12  34  34  ASN ASN A . n 
A 1 13  ASN 13  35  35  ASN ASN A . n 
A 1 14  ALA 14  39  39  ALA ALA A . n 
A 1 15  SER 15  40  40  SER SER A . n 
A 1 16  LEU 16  41  41  LEU LEU A . n 
A 1 17  CYS 17  42  42  CYS CYS A . n 
A 1 18  SER 18  43  43  SER SER A . n 
A 1 19  VAL 19  44  44  VAL VAL A . n 
A 1 20  GLY 20  45  45  GLY GLY A . n 
A 1 21  PHE 21  46  46  PHE PHE A . n 
A 1 22  SER 22  47  47  SER SER A . n 
A 1 23  VAL 23  48  48  VAL VAL A . n 
A 1 24  THR 24  48  48  THR THR A A n 
A 1 25  ARG 25  48  48  ARG ARG A B n 
A 1 26  GLY 26  48  48  GLY GLY A C n 
A 1 27  ALA 27  48  48  ALA ALA A D n 
A 1 28  THR 28  49  49  THR THR A . n 
A 1 29  LYS 29  50  50  LYS LYS A . n 
A 1 30  GLY 30  51  51  GLY GLY A . n 
A 1 31  PHE 31  52  52  PHE PHE A . n 
A 1 32  VAL 32  53  53  VAL VAL A . n 
A 1 33  THR 33  54  54  THR THR A . n 
A 1 34  ALA 34  55  55  ALA ALA A . n 
A 1 35  GLY 35  56  56  GLY GLY A . n 
A 1 36  HIS 36  57  57  HIS HIS A . n 
A 1 37  CYS 37  58  58  CYS CYS A . n 
A 1 38  GLY 38  59  59  GLY GLY A . n 
A 1 39  THR 39  62  62  THR THR A . n 
A 1 40  VAL 40  63  63  VAL VAL A . n 
A 1 41  ASN 41  64  64  ASN ASN A . n 
A 1 42  ALA 42  65  65  ALA ALA A . n 
A 1 43  THR 43  65  65  THR THR A A n 
A 1 44  ALA 44  66  66  ALA ALA A . n 
A 1 45  ARG 45  67  67  ARG ARG A . n 
A 1 46  ILE 46  80  80  ILE ILE A . n 
A 1 47  GLY 47  81  81  GLY GLY A . n 
A 1 48  GLY 48  82  82  GLY GLY A . n 
A 1 49  ALA 49  83  83  ALA ALA A . n 
A 1 50  VAL 50  84  84  VAL VAL A . n 
A 1 51  VAL 51  85  85  VAL VAL A . n 
A 1 52  GLY 52  86  86  GLY GLY A . n 
A 1 53  THR 53  87  87  THR THR A . n 
A 1 54  PHE 54  88  88  PHE PHE A . n 
A 1 55  ALA 55  89  89  ALA ALA A . n 
A 1 56  ALA 56  90  90  ALA ALA A . n 
A 1 57  ARG 57  91  91  ARG ARG A . n 
A 1 58  VAL 58  93  93  VAL VAL A . n 
A 1 59  PHE 59  94  94  PHE PHE A . n 
A 1 60  PRO 60  99  99  PRO PRO A A n 
A 1 61  GLY 61  100 100 GLY GLY A . n 
A 1 62  ASN 62  101 101 ASN ASN A . n 
A 1 63  ASP 63  102 102 ASP ASP A . n 
A 1 64  ARG 64  103 103 ARG ARG A . n 
A 1 65  ALA 65  104 104 ALA ALA A . n 
A 1 66  TRP 66  105 105 TRP TRP A . n 
A 1 67  VAL 67  106 106 VAL VAL A . n 
A 1 68  SER 68  107 107 SER SER A . n 
A 1 69  LEU 69  108 108 LEU LEU A . n 
A 1 70  THR 70  109 109 THR THR A . n 
A 1 71  SER 71  110 110 SER SER A . n 
A 1 72  ALA 72  111 111 ALA ALA A . n 
A 1 73  GLN 73  112 112 GLN GLN A . n 
A 1 74  THR 74  113 113 THR THR A . n 
A 1 75  LEU 75  114 114 LEU LEU A . n 
A 1 76  LEU 76  115 115 LEU LEU A . n 
A 1 77  PRO 77  116 116 PRO PRO A . n 
A 1 78  ARG 78  117 117 ARG ARG A . n 
A 1 79  VAL 79  118 118 VAL VAL A . n 
A 1 80  ALA 80  119 119 ALA ALA A . n 
A 1 81  ASN 81  120 120 ASN ASN A . n 
A 1 82  GLY 82  120 120 GLY GLY A B n 
A 1 83  SER 83  120 120 SER SER A C n 
A 1 84  SER 84  120 120 SER SER A D n 
A 1 85  PHE 85  121 121 PHE PHE A . n 
A 1 86  VAL 86  122 122 VAL VAL A . n 
A 1 87  THR 87  123 123 THR THR A . n 
A 1 88  VAL 88  124 124 VAL VAL A . n 
A 1 89  ARG 89  125 125 ARG ARG A . n 
A 1 90  GLY 90  126 126 GLY GLY A . n 
A 1 91  SER 91  127 127 SER SER A . n 
A 1 92  THR 92  128 128 THR THR A . n 
A 1 93  GLU 93  129 129 GLU GLU A . n 
A 1 94  ALA 94  130 130 ALA ALA A . n 
A 1 95  ALA 95  131 131 ALA ALA A . n 
A 1 96  VAL 96  132 132 VAL VAL A . n 
A 1 97  GLY 97  133 133 GLY GLY A . n 
A 1 98  ALA 98  134 134 ALA ALA A . n 
A 1 99  ALA 99  135 135 ALA ALA A . n 
A 1 100 VAL 100 136 136 VAL VAL A . n 
A 1 101 CYS 101 137 137 CYS CYS A . n 
A 1 102 ARG 102 138 138 ARG ARG A . n 
A 1 103 SER 103 139 139 SER SER A . n 
A 1 104 GLY 104 140 140 GLY GLY A . n 
A 1 105 ARG 105 141 141 ARG ARG A . n 
A 1 106 THR 106 142 142 THR THR A . n 
A 1 107 THR 107 143 143 THR THR A . n 
A 1 108 GLY 108 156 156 GLY GLY A . n 
A 1 109 TYR 109 157 157 TYR TYR A . n 
A 1 110 GLN 110 158 158 GLN GLN A . n 
A 1 111 CYS 111 159 159 CYS CYS A . n 
A 1 112 GLY 112 160 160 GLY GLY A . n 
A 1 113 THR 113 161 161 THR THR A . n 
A 1 114 ILE 114 162 162 ILE ILE A . n 
A 1 115 THR 115 163 163 THR THR A . n 
A 1 116 ALA 116 164 164 ALA ALA A . n 
A 1 117 LYS 117 165 165 LYS LYS A . n 
A 1 118 ASN 118 166 166 ASN ASN A . n 
A 1 119 VAL 119 167 167 VAL VAL A . n 
A 1 120 THR 120 168 168 THR THR A . n 
A 1 121 ALA 121 169 169 ALA ALA A . n 
A 1 122 ASN 122 170 170 ASN ASN A . n 
A 1 123 TYR 123 171 171 TYR TYR A . n 
A 1 124 ALA 124 172 172 ALA ALA A . n 
A 1 125 GLU 125 174 174 GLU GLU A . n 
A 1 126 GLY 126 175 175 GLY GLY A . n 
A 1 127 ALA 127 176 176 ALA ALA A . n 
A 1 128 VAL 128 177 177 VAL VAL A . n 
A 1 129 ARG 129 178 178 ARG ARG A . n 
A 1 130 GLY 130 179 179 GLY GLY A . n 
A 1 131 LEU 131 180 180 LEU LEU A . n 
A 1 132 THR 132 181 181 THR THR A . n 
A 1 133 GLN 133 182 182 GLN GLN A . n 
A 1 134 GLY 134 183 183 GLY GLY A . n 
A 1 135 ASN 135 184 184 ASN ASN A . n 
A 1 136 ALA 136 190 190 ALA ALA A . n 
A 1 137 CYS 137 191 191 CYS CYS A . n 
A 1 138 MET 138 192 192 MET MET A . n 
A 1 139 GLY 139 192 192 GLY GLY A A n 
A 1 140 ARG 140 192 192 ARG ARG A B n 
A 1 141 GLY 141 193 193 GLY GLY A . n 
A 1 142 ASP 142 194 194 ASP ASP A . n 
A 1 143 SER 143 195 195 SER SER A . n 
A 1 144 GLY 144 196 196 GLY GLY A . n 
A 1 145 GLY 145 197 197 GLY GLY A . n 
A 1 146 SER 146 198 198 SER SER A . n 
A 1 147 TRP 147 199 199 TRP TRP A . n 
A 1 148 ILE 148 200 200 ILE ILE A . n 
A 1 149 THR 149 201 201 THR THR A . n 
A 1 150 SER 150 202 202 SER SER A . n 
A 1 151 ALA 151 203 203 ALA ALA A . n 
A 1 152 GLY 152 207 207 GLY GLY A . n 
A 1 153 GLN 153 208 208 GLN GLN A . n 
A 1 154 ALA 154 209 209 ALA ALA A . n 
A 1 155 GLN 155 210 210 GLN GLN A . n 
A 1 156 GLY 156 211 211 GLY GLY A . n 
A 1 157 VAL 157 212 212 VAL VAL A . n 
A 1 158 MET 158 213 213 MET MET A . n 
A 1 159 SER 159 214 214 SER SER A . n 
A 1 160 GLY 160 215 215 GLY GLY A . n 
A 1 161 GLY 161 216 216 GLY GLY A . n 
A 1 162 ASN 162 217 217 ASN ASN A . n 
A 1 163 VAL 163 217 217 VAL VAL A A n 
A 1 164 GLN 164 217 217 GLN GLN A B n 
A 1 165 SER 165 217 217 SER SER A C n 
A 1 166 ASN 166 217 217 ASN ASN A D n 
A 1 167 GLY 167 217 217 GLY GLY A E n 
A 1 168 ASN 168 218 218 ASN ASN A . n 
A 1 169 ASN 169 219 219 ASN ASN A . n 
A 1 170 CYS 170 220 220 CYS CYS A . n 
A 1 171 GLY 171 221 221 GLY GLY A . n 
A 1 172 ILE 172 221 221 ILE ILE A A n 
A 1 173 PRO 173 221 221 PRO PRO A B n 
A 1 174 ALA 174 221 221 ALA ALA A C n 
A 1 175 SER 175 222 222 SER SER A . n 
A 1 176 GLN 176 223 223 GLN GLN A . n 
A 1 177 ARG 177 224 224 ARG ARG A . n 
A 1 178 SER 178 225 225 SER SER A . n 
A 1 179 SER 179 226 226 SER SER A . n 
A 1 180 LEU 180 227 227 LEU LEU A . n 
A 1 181 PHE 181 228 228 PHE PHE A . n 
A 1 182 GLU 182 229 229 GLU GLU A . n 
A 1 183 ARG 183 230 230 ARG ARG A . n 
A 1 184 LEU 184 231 231 LEU LEU A . n 
A 1 185 GLN 185 232 232 GLN GLN A . n 
A 1 186 PRO 186 233 233 PRO PRO A . n 
A 1 187 ILE 187 234 234 ILE ILE A . n 
A 1 188 LEU 188 235 235 LEU LEU A . n 
A 1 189 SER 189 235 235 SER SER A A n 
A 1 190 GLN 190 236 236 GLN GLN A . n 
A 1 191 TYR 191 237 237 TYR TYR A . n 
A 1 192 GLY 192 238 238 GLY GLY A . n 
A 1 193 LEU 193 239 239 LEU LEU A . n 
A 1 194 SER 194 240 240 SER SER A . n 
A 1 195 LEU 195 241 241 LEU LEU A . n 
A 1 196 VAL 196 242 242 VAL VAL A . n 
A 1 197 THR 197 243 243 THR THR A . n 
A 1 198 GLY 198 244 244 GLY GLY A . n 
B 2 1   MSU 1   5   ?   ?   ?   P . n 
B 2 2   ALA 2   4   4   ALA ALA P . n 
B 2 3   ALA 3   3   3   ALA ALA P . n 
B 2 4   PRO 4   2   2   PRO PRO P . n 
B 2 5   B2A 5   1   1   B2A B2A P . n 
# 
loop_
_pdbx_nonpoly_scheme.asym_id 
_pdbx_nonpoly_scheme.entity_id 
_pdbx_nonpoly_scheme.mon_id 
_pdbx_nonpoly_scheme.ndb_seq_num 
_pdbx_nonpoly_scheme.pdb_seq_num 
_pdbx_nonpoly_scheme.auth_seq_num 
_pdbx_nonpoly_scheme.pdb_mon_id 
_pdbx_nonpoly_scheme.auth_mon_id 
_pdbx_nonpoly_scheme.pdb_strand_id 
_pdbx_nonpoly_scheme.pdb_ins_code 
C 3 SO4 1   1   1   SO4 SO4 A . 
D 4 HOH 1   245 2   HOH HOH A . 
D 4 HOH 2   246 3   HOH HOH A . 
D 4 HOH 3   247 4   HOH HOH A . 
D 4 HOH 4   248 5   HOH HOH A . 
D 4 HOH 5   249 6   HOH HOH A . 
D 4 HOH 6   250 7   HOH HOH A . 
D 4 HOH 7   251 8   HOH HOH A . 
D 4 HOH 8   252 9   HOH HOH A . 
D 4 HOH 9   253 10  HOH HOH A . 
D 4 HOH 10  254 11  HOH HOH A . 
D 4 HOH 11  255 12  HOH HOH A . 
D 4 HOH 12  256 13  HOH HOH A . 
D 4 HOH 13  257 14  HOH HOH A . 
D 4 HOH 14  258 15  HOH HOH A . 
D 4 HOH 15  259 16  HOH HOH A . 
D 4 HOH 16  260 17  HOH HOH A . 
D 4 HOH 17  261 18  HOH HOH A . 
D 4 HOH 18  262 19  HOH HOH A . 
D 4 HOH 19  263 20  HOH HOH A . 
D 4 HOH 20  264 21  HOH HOH A . 
D 4 HOH 21  265 22  HOH HOH A . 
D 4 HOH 22  266 23  HOH HOH A . 
D 4 HOH 23  267 24  HOH HOH A . 
D 4 HOH 24  268 25  HOH HOH A . 
D 4 HOH 25  269 26  HOH HOH A . 
D 4 HOH 26  270 27  HOH HOH A . 
D 4 HOH 27  271 28  HOH HOH A . 
D 4 HOH 28  272 29  HOH HOH A . 
D 4 HOH 29  273 30  HOH HOH A . 
D 4 HOH 30  274 31  HOH HOH A . 
D 4 HOH 31  275 32  HOH HOH A . 
D 4 HOH 32  276 33  HOH HOH A . 
D 4 HOH 33  277 34  HOH HOH A . 
D 4 HOH 34  278 35  HOH HOH A . 
D 4 HOH 35  279 36  HOH HOH A . 
D 4 HOH 36  280 37  HOH HOH A . 
D 4 HOH 37  281 38  HOH HOH A . 
D 4 HOH 38  282 39  HOH HOH A . 
D 4 HOH 39  283 40  HOH HOH A . 
D 4 HOH 40  284 41  HOH HOH A . 
D 4 HOH 41  285 42  HOH HOH A . 
D 4 HOH 42  286 43  HOH HOH A . 
D 4 HOH 43  287 44  HOH HOH A . 
D 4 HOH 44  288 45  HOH HOH A . 
D 4 HOH 45  289 46  HOH HOH A . 
D 4 HOH 46  290 47  HOH HOH A . 
D 4 HOH 47  291 48  HOH HOH A . 
D 4 HOH 48  292 49  HOH HOH A . 
D 4 HOH 49  293 50  HOH HOH A . 
D 4 HOH 50  294 51  HOH HOH A . 
D 4 HOH 51  295 52  HOH HOH A . 
D 4 HOH 52  296 53  HOH HOH A . 
D 4 HOH 53  297 54  HOH HOH A . 
D 4 HOH 54  298 55  HOH HOH A . 
D 4 HOH 55  299 56  HOH HOH A . 
D 4 HOH 56  300 57  HOH HOH A . 
D 4 HOH 57  301 58  HOH HOH A . 
D 4 HOH 58  302 59  HOH HOH A . 
D 4 HOH 59  303 60  HOH HOH A . 
D 4 HOH 60  304 61  HOH HOH A . 
D 4 HOH 61  305 62  HOH HOH A . 
D 4 HOH 62  306 63  HOH HOH A . 
D 4 HOH 63  307 64  HOH HOH A . 
D 4 HOH 64  308 65  HOH HOH A . 
D 4 HOH 65  309 66  HOH HOH A . 
D 4 HOH 66  310 67  HOH HOH A . 
D 4 HOH 67  311 68  HOH HOH A . 
D 4 HOH 68  312 69  HOH HOH A . 
D 4 HOH 69  313 70  HOH HOH A . 
D 4 HOH 70  314 71  HOH HOH A . 
D 4 HOH 71  315 72  HOH HOH A . 
D 4 HOH 72  316 73  HOH HOH A . 
D 4 HOH 73  317 74  HOH HOH A . 
D 4 HOH 74  318 75  HOH HOH A . 
D 4 HOH 75  319 76  HOH HOH A . 
D 4 HOH 76  320 77  HOH HOH A . 
D 4 HOH 77  321 78  HOH HOH A . 
D 4 HOH 78  322 79  HOH HOH A . 
D 4 HOH 79  323 80  HOH HOH A . 
D 4 HOH 80  324 81  HOH HOH A . 
D 4 HOH 81  325 82  HOH HOH A . 
D 4 HOH 82  326 83  HOH HOH A . 
D 4 HOH 83  327 84  HOH HOH A . 
D 4 HOH 84  328 85  HOH HOH A . 
D 4 HOH 85  329 86  HOH HOH A . 
D 4 HOH 86  330 88  HOH HOH A . 
D 4 HOH 87  331 89  HOH HOH A . 
D 4 HOH 88  332 91  HOH HOH A . 
D 4 HOH 89  333 92  HOH HOH A . 
D 4 HOH 90  334 93  HOH HOH A . 
D 4 HOH 91  335 94  HOH HOH A . 
D 4 HOH 92  336 95  HOH HOH A . 
D 4 HOH 93  337 96  HOH HOH A . 
D 4 HOH 94  338 97  HOH HOH A . 
D 4 HOH 95  339 98  HOH HOH A . 
D 4 HOH 96  340 99  HOH HOH A . 
D 4 HOH 97  341 100 HOH HOH A . 
D 4 HOH 98  342 101 HOH HOH A . 
D 4 HOH 99  343 102 HOH HOH A . 
D 4 HOH 100 344 104 HOH HOH A . 
D 4 HOH 101 345 105 HOH HOH A . 
D 4 HOH 102 346 106 HOH HOH A . 
D 4 HOH 103 347 107 HOH HOH A . 
D 4 HOH 104 348 108 HOH HOH A . 
D 4 HOH 105 349 109 HOH HOH A . 
D 4 HOH 106 350 110 HOH HOH A . 
D 4 HOH 107 351 111 HOH HOH A . 
D 4 HOH 108 352 112 HOH HOH A . 
D 4 HOH 109 353 113 HOH HOH A . 
D 4 HOH 110 354 114 HOH HOH A . 
D 4 HOH 111 355 115 HOH HOH A . 
D 4 HOH 112 356 116 HOH HOH A . 
D 4 HOH 113 357 117 HOH HOH A . 
D 4 HOH 114 358 118 HOH HOH A . 
D 4 HOH 115 359 119 HOH HOH A . 
D 4 HOH 116 360 120 HOH HOH A . 
D 4 HOH 117 361 121 HOH HOH A . 
D 4 HOH 118 362 122 HOH HOH A . 
D 4 HOH 119 363 123 HOH HOH A . 
D 4 HOH 120 364 124 HOH HOH A . 
D 4 HOH 121 365 125 HOH HOH A . 
D 4 HOH 122 366 126 HOH HOH A . 
D 4 HOH 123 367 127 HOH HOH A . 
D 4 HOH 124 368 128 HOH HOH A . 
D 4 HOH 125 369 129 HOH HOH A . 
D 4 HOH 126 370 130 HOH HOH A . 
D 4 HOH 127 371 131 HOH HOH A . 
D 4 HOH 128 372 132 HOH HOH A . 
D 4 HOH 129 373 133 HOH HOH A . 
D 4 HOH 130 374 134 HOH HOH A . 
D 4 HOH 131 375 135 HOH HOH A . 
D 4 HOH 132 376 136 HOH HOH A . 
D 4 HOH 133 377 137 HOH HOH A . 
D 4 HOH 134 378 138 HOH HOH A . 
D 4 HOH 135 379 139 HOH HOH A . 
D 4 HOH 136 380 140 HOH HOH A . 
D 4 HOH 137 381 141 HOH HOH A . 
D 4 HOH 138 382 143 HOH HOH A . 
D 4 HOH 139 383 144 HOH HOH A . 
D 4 HOH 140 384 146 HOH HOH A . 
D 4 HOH 141 385 147 HOH HOH A . 
E 4 HOH 1   87  87  HOH HOH P . 
E 4 HOH 2   90  90  HOH HOH P . 
E 4 HOH 3   103 103 HOH HOH P . 
E 4 HOH 4   142 142 HOH HOH P . 
E 4 HOH 5   145 145 HOH HOH P . 
# 
_software.name             PROLSQ 
_software.classification   refinement 
_software.version          . 
_software.citation_id      ? 
_software.pdbx_ordinal     1 
# 
_cell.entry_id           1P02 
_cell.length_a           66.320 
_cell.length_b           66.320 
_cell.length_c           80.370 
_cell.angle_alpha        90.00 
_cell.angle_beta         90.00 
_cell.angle_gamma        120.00 
_cell.Z_PDB              6 
_cell.pdbx_unique_axis   ? 
_cell.length_a_esd       ? 
_cell.length_b_esd       ? 
_cell.length_c_esd       ? 
_cell.angle_alpha_esd    ? 
_cell.angle_beta_esd     ? 
_cell.angle_gamma_esd    ? 
# 
_symmetry.entry_id                         1P02 
_symmetry.space_group_name_H-M             'P 32 2 1' 
_symmetry.pdbx_full_space_group_name_H-M   ? 
_symmetry.cell_setting                     ? 
_symmetry.Int_Tables_number                154 
_symmetry.space_group_name_Hall            ? 
# 
_exptl.entry_id          1P02 
_exptl.method            'X-RAY DIFFRACTION' 
_exptl.crystals_number   ? 
# 
_exptl_crystal.id                    1 
_exptl_crystal.density_meas          ? 
_exptl_crystal.density_Matthews      2.52 
_exptl_crystal.density_percent_sol   51.28 
_exptl_crystal.description           ? 
_exptl_crystal.F_000                 ? 
_exptl_crystal.preparation           ? 
# 
_diffrn.id                     1 
_diffrn.ambient_temp           ? 
_diffrn.ambient_temp_details   ? 
_diffrn.crystal_id             1 
# 
_diffrn_radiation.diffrn_id                        1 
_diffrn_radiation.wavelength_id                    1 
_diffrn_radiation.monochromator                    ? 
_diffrn_radiation.pdbx_monochromatic_or_laue_m_l   ? 
_diffrn_radiation.pdbx_diffrn_protocol             ? 
_diffrn_radiation.pdbx_scattering_type             x-ray 
# 
_diffrn_radiation_wavelength.id           1 
_diffrn_radiation_wavelength.wavelength   . 
_diffrn_radiation_wavelength.wt           1.0 
# 
_reflns.entry_id                     1P02 
_reflns.number_all                   ? 
_reflns.number_obs                   ? 
_reflns.percent_possible_obs         ? 
_reflns.observed_criterion_sigma_F   ? 
_reflns.observed_criterion_sigma_I   ? 
_reflns.d_resolution_high            2.0 
_reflns.d_resolution_low             ? 
_reflns.pdbx_Rmerge_I_obs            ? 
_reflns.pdbx_Rsym_value              ? 
_reflns.pdbx_netI_over_sigmaI        ? 
_reflns.B_iso_Wilson_estimate        ? 
_reflns.pdbx_redundancy              ? 
_reflns.R_free_details               ? 
_reflns.limit_h_max                  ? 
_reflns.limit_h_min                  ? 
_reflns.limit_k_max                  ? 
_reflns.limit_k_min                  ? 
_reflns.limit_l_max                  ? 
_reflns.limit_l_min                  ? 
_reflns.observed_criterion_F_max     ? 
_reflns.observed_criterion_F_min     ? 
_reflns.pdbx_chi_squared             ? 
_reflns.pdbx_scaling_rejects         ? 
_reflns.pdbx_ordinal                 1 
_reflns.pdbx_diffrn_id               1 
# 
_refine.entry_id                                 1P02 
_refine.ls_number_reflns_obs                     ? 
_refine.ls_number_reflns_all                     ? 
_refine.pdbx_ls_sigma_I                          ? 
_refine.pdbx_ls_sigma_F                          ? 
_refine.pdbx_data_cutoff_high_absF               ? 
_refine.pdbx_data_cutoff_low_absF                ? 
_refine.pdbx_data_cutoff_high_rms_absF           ? 
_refine.ls_d_res_low                             ? 
_refine.ls_d_res_high                            2.0 
_refine.ls_percent_reflns_obs                    ? 
_refine.ls_R_factor_obs                          0.147 
_refine.ls_R_factor_all                          ? 
_refine.ls_R_factor_R_work                       ? 
_refine.ls_R_factor_R_free                       ? 
_refine.ls_R_factor_R_free_error                 ? 
_refine.ls_R_factor_R_free_error_details         ? 
_refine.ls_percent_reflns_R_free                 ? 
_refine.ls_number_reflns_R_free                  ? 
_refine.ls_number_parameters                     ? 
_refine.ls_number_restraints                     ? 
_refine.occupancy_min                            ? 
_refine.occupancy_max                            ? 
_refine.B_iso_mean                               ? 
_refine.aniso_B[1][1]                            ? 
_refine.aniso_B[2][2]                            ? 
_refine.aniso_B[3][3]                            ? 
_refine.aniso_B[1][2]                            ? 
_refine.aniso_B[1][3]                            ? 
_refine.aniso_B[2][3]                            ? 
_refine.solvent_model_details                    ? 
_refine.solvent_model_param_ksol                 ? 
_refine.solvent_model_param_bsol                 ? 
_refine.pdbx_ls_cross_valid_method               ? 
_refine.details                                  
'THE METHOXYSUCCINYL PORTION OF THE INHIBITOR WAS DISORDERED AND NO COORDINATES ARE INCLUDED FOR IT IN THIS ENTRY' 
_refine.pdbx_starting_model                      ? 
_refine.pdbx_method_to_determine_struct          ? 
_refine.pdbx_isotropic_thermal_model             ? 
_refine.pdbx_stereochemistry_target_values       ? 
_refine.pdbx_stereochem_target_val_spec_case     ? 
_refine.pdbx_R_Free_selection_details            ? 
_refine.pdbx_overall_ESU_R_Free                  ? 
_refine.overall_SU_ML                            ? 
_refine.overall_SU_B                             ? 
_refine.pdbx_refine_id                           'X-RAY DIFFRACTION' 
_refine.ls_redundancy_reflns_obs                 ? 
_refine.pdbx_overall_phase_error                 ? 
_refine.B_iso_min                                ? 
_refine.B_iso_max                                ? 
_refine.correlation_coeff_Fo_to_Fc               ? 
_refine.correlation_coeff_Fo_to_Fc_free          ? 
_refine.pdbx_solvent_vdw_probe_radii             ? 
_refine.pdbx_solvent_ion_probe_radii             ? 
_refine.pdbx_solvent_shrinkage_radii             ? 
_refine.overall_SU_R_Cruickshank_DPI             ? 
_refine.overall_SU_R_free                        ? 
_refine.ls_wR_factor_R_free                      ? 
_refine.ls_wR_factor_R_work                      ? 
_refine.overall_FOM_free_R_set                   ? 
_refine.overall_FOM_work_R_set                   ? 
_refine.pdbx_overall_ESU_R                       ? 
_refine.pdbx_diffrn_id                           1 
_refine.pdbx_TLS_residual_ADP_flag               ? 
_refine.pdbx_overall_SU_R_free_Cruickshank_DPI   ? 
_refine.pdbx_overall_SU_R_Blow_DPI               ? 
_refine.pdbx_overall_SU_R_free_Blow_DPI          ? 
# 
_refine_hist.pdbx_refine_id                   'X-RAY DIFFRACTION' 
_refine_hist.cycle_id                         LAST 
_refine_hist.pdbx_number_atoms_protein        1414 
_refine_hist.pdbx_number_atoms_nucleic_acid   0 
_refine_hist.pdbx_number_atoms_ligand         5 
_refine_hist.number_atoms_solvent             146 
_refine_hist.number_atoms_total               1565 
_refine_hist.d_res_high                       2.0 
_refine_hist.d_res_low                        . 
# 
_struct.entry_id                  1P02 
_struct.title                     
'STRUCTURE ANALYSIS OF SPECIFICITY. ALPHA-LYTIC PROTEASE COMPLEXES WITH ANALOGUES OF REACTION INTERMEDIATES' 
_struct.pdbx_model_details        ? 
_struct.pdbx_CASP_flag            ? 
_struct.pdbx_model_type_details   ? 
# 
_struct_keywords.entry_id        1P02 
_struct_keywords.pdbx_keywords   'HYDROLASE/HYDROLASE INHIBITOR' 
_struct_keywords.text            'HYDROLASE-HYDROLASE INHIBITOR COMPLEX' 
# 
loop_
_struct_asym.id 
_struct_asym.pdbx_blank_PDB_chainid_flag 
_struct_asym.pdbx_modified 
_struct_asym.entity_id 
_struct_asym.details 
A N N 1 ? 
B N N 2 ? 
C N N 3 ? 
D N N 4 ? 
E N N 4 ? 
# 
loop_
_struct_ref.id 
_struct_ref.db_name 
_struct_ref.db_code 
_struct_ref.entity_id 
_struct_ref.pdbx_db_accession 
_struct_ref.pdbx_align_begin 
_struct_ref.pdbx_seq_one_letter_code 
_struct_ref.pdbx_db_isoform 
1 UNP PRLA_LYSEN 1 P00778 1 
;MYVSNHRSRRVARVSVSCLVAALAAMSCGAALAADQVDPQLKFAMQRDLGIFPTQLPQYLQTEKLARTQAAAIEREFGAQ
FAGSWIERNEDGSFKLVAATSGARKSSTLGGVEVRNVRYSLKQLQSAMEQLDAGANARVKGVSKPLDGVQSWYVDPRSNA
VVVKVDDGATEAGVDFVALSGADSAQVRIESSPGKLQTTANIVGGIEYSINNASLCSVGFSVTRGATKGFVTAGHCGTVN
ATARIGGAVVGTFAARVFPGNDRAWVSLTSAQTLLPRVANGSSFVTVRGSTEAAVGAAVCRSGRTTGYQCGTITAKNVTA
NYAEGAVRGLTQGNACMGRGDSGGSWITSAGQAQGVMSGGNVQSNGNNCGIPASQRSSLFERLQPILSQYGLSLVTG
;
? 
2 PDB 1P02       2 1P02   1 '(MSU)AAP(B2A)' ? 
# 
loop_
_struct_ref_seq.align_id 
_struct_ref_seq.ref_id 
_struct_ref_seq.pdbx_PDB_id_code 
_struct_ref_seq.pdbx_strand_id 
_struct_ref_seq.seq_align_beg 
_struct_ref_seq.pdbx_seq_align_beg_ins_code 
_struct_ref_seq.seq_align_end 
_struct_ref_seq.pdbx_seq_align_end_ins_code 
_struct_ref_seq.pdbx_db_accession 
_struct_ref_seq.db_align_beg 
_struct_ref_seq.pdbx_db_align_beg_ins_code 
_struct_ref_seq.db_align_end 
_struct_ref_seq.pdbx_db_align_end_ins_code 
_struct_ref_seq.pdbx_auth_seq_align_beg 
_struct_ref_seq.pdbx_auth_seq_align_end 
1 1 1P02 A 1 A 198 ? P00778 200 ? 397 ? 15 244 
2 2 1P02 P 5 ? 1   ? 1P02   1   ? 5   ? 1  5   
# 
_pdbx_struct_assembly.id                   1 
_pdbx_struct_assembly.details              author_and_software_defined_assembly 
_pdbx_struct_assembly.method_details       PISA 
_pdbx_struct_assembly.oligomeric_details   dimeric 
_pdbx_struct_assembly.oligomeric_count     2 
# 
loop_
_pdbx_struct_assembly_prop.biol_id 
_pdbx_struct_assembly_prop.type 
_pdbx_struct_assembly_prop.value 
_pdbx_struct_assembly_prop.details 
1 'ABSA (A^2)' 910  ? 
1 MORE         -14  ? 
1 'SSA (A^2)'  7750 ? 
# 
_pdbx_struct_assembly_gen.assembly_id       1 
_pdbx_struct_assembly_gen.oper_expression   1 
_pdbx_struct_assembly_gen.asym_id_list      A,B,C,D,E 
# 
_pdbx_struct_oper_list.id                   1 
_pdbx_struct_oper_list.type                 'identity operation' 
_pdbx_struct_oper_list.name                 1_555 
_pdbx_struct_oper_list.symmetry_operation   x,y,z 
_pdbx_struct_oper_list.matrix[1][1]         1.0000000000 
_pdbx_struct_oper_list.matrix[1][2]         0.0000000000 
_pdbx_struct_oper_list.matrix[1][3]         0.0000000000 
_pdbx_struct_oper_list.vector[1]            0.0000000000 
_pdbx_struct_oper_list.matrix[2][1]         0.0000000000 
_pdbx_struct_oper_list.matrix[2][2]         1.0000000000 
_pdbx_struct_oper_list.matrix[2][3]         0.0000000000 
_pdbx_struct_oper_list.vector[2]            0.0000000000 
_pdbx_struct_oper_list.matrix[3][1]         0.0000000000 
_pdbx_struct_oper_list.matrix[3][2]         0.0000000000 
_pdbx_struct_oper_list.matrix[3][3]         1.0000000000 
_pdbx_struct_oper_list.vector[3]            0.0000000000 
# 
_struct_biol.id        1 
_struct_biol.details   ? 
# 
loop_
_struct_conf.conf_type_id 
_struct_conf.id 
_struct_conf.pdbx_PDB_helix_id 
_struct_conf.beg_label_comp_id 
_struct_conf.beg_label_asym_id 
_struct_conf.beg_label_seq_id 
_struct_conf.pdbx_beg_PDB_ins_code 
_struct_conf.end_label_comp_id 
_struct_conf.end_label_asym_id 
_struct_conf.end_label_seq_id 
_struct_conf.pdbx_end_PDB_ins_code 
_struct_conf.beg_auth_comp_id 
_struct_conf.beg_auth_asym_id 
_struct_conf.beg_auth_seq_id 
_struct_conf.end_auth_comp_id 
_struct_conf.end_auth_asym_id 
_struct_conf.end_auth_seq_id 
_struct_conf.pdbx_PDB_helix_class 
_struct_conf.details 
_struct_conf.pdbx_PDB_helix_length 
HELX_P HELX_P1 1 ALA A 34  ? GLY A 38  ? ALA A 55  GLY A 59  5 ? 5 
HELX_P HELX_P2 2 GLY A 171 ? ARG A 177 ? GLY A 221 ARG A 224 5 ? 7 
HELX_P HELX_P3 3 LEU A 184 ? GLY A 192 ? LEU A 231 GLY A 238 1 ? 9 
# 
_struct_conf_type.id          HELX_P 
_struct_conf_type.criteria    ? 
_struct_conf_type.reference   ? 
# 
loop_
_struct_conn.id 
_struct_conn.conn_type_id 
_struct_conn.pdbx_leaving_atom_flag 
_struct_conn.pdbx_PDB_id 
_struct_conn.ptnr1_label_asym_id 
_struct_conn.ptnr1_label_comp_id 
_struct_conn.ptnr1_label_seq_id 
_struct_conn.ptnr1_label_atom_id 
_struct_conn.pdbx_ptnr1_label_alt_id 
_struct_conn.pdbx_ptnr1_PDB_ins_code 
_struct_conn.pdbx_ptnr1_standard_comp_id 
_struct_conn.ptnr1_symmetry 
_struct_conn.ptnr2_label_asym_id 
_struct_conn.ptnr2_label_comp_id 
_struct_conn.ptnr2_label_seq_id 
_struct_conn.ptnr2_label_atom_id 
_struct_conn.pdbx_ptnr2_label_alt_id 
_struct_conn.pdbx_ptnr2_PDB_ins_code 
_struct_conn.ptnr1_auth_asym_id 
_struct_conn.ptnr1_auth_comp_id 
_struct_conn.ptnr1_auth_seq_id 
_struct_conn.ptnr2_auth_asym_id 
_struct_conn.ptnr2_auth_comp_id 
_struct_conn.ptnr2_auth_seq_id 
_struct_conn.ptnr2_symmetry 
_struct_conn.pdbx_ptnr3_label_atom_id 
_struct_conn.pdbx_ptnr3_label_seq_id 
_struct_conn.pdbx_ptnr3_label_comp_id 
_struct_conn.pdbx_ptnr3_label_asym_id 
_struct_conn.pdbx_ptnr3_label_alt_id 
_struct_conn.pdbx_ptnr3_PDB_ins_code 
_struct_conn.details 
_struct_conn.pdbx_dist_value 
_struct_conn.pdbx_value_order 
_struct_conn.pdbx_role 
disulf1 disulf ?    ? A CYS 17  SG ? ? ? 1_555 A CYS 37  SG ? ? A CYS 42  A CYS 58  1_555 ? ? ? ? ? ? ? 2.036 ? ? 
disulf2 disulf ?    ? A CYS 101 SG ? ? ? 1_555 A CYS 111 SG ? ? A CYS 137 A CYS 159 1_555 ? ? ? ? ? ? ? 2.026 ? ? 
disulf3 disulf ?    ? A CYS 137 SG ? ? ? 1_555 A CYS 170 SG ? ? A CYS 191 A CYS 220 1_555 ? ? ? ? ? ? ? 1.989 ? ? 
covale1 covale none ? A SER 143 OG ? ? ? 1_555 B B2A 5   B  ? ? A SER 195 P B2A 1   1_555 ? ? ? ? ? ? ? 1.605 ? ? 
covale2 covale both ? B B2A 5   N  ? ? ? 1_555 B PRO 4   C  ? ? P B2A 1   P PRO 2   1_555 ? ? ? ? ? ? ? 1.322 ? ? 
# 
loop_
_struct_conn_type.id 
_struct_conn_type.criteria 
_struct_conn_type.reference 
disulf ? ? 
covale ? ? 
# 
loop_
_pdbx_modification_feature.ordinal 
_pdbx_modification_feature.label_comp_id 
_pdbx_modification_feature.label_asym_id 
_pdbx_modification_feature.label_seq_id 
_pdbx_modification_feature.label_alt_id 
_pdbx_modification_feature.modified_residue_label_comp_id 
_pdbx_modification_feature.modified_residue_label_asym_id 
_pdbx_modification_feature.modified_residue_label_seq_id 
_pdbx_modification_feature.modified_residue_label_alt_id 
_pdbx_modification_feature.auth_comp_id 
_pdbx_modification_feature.auth_asym_id 
_pdbx_modification_feature.auth_seq_id 
_pdbx_modification_feature.PDB_ins_code 
_pdbx_modification_feature.symmetry 
_pdbx_modification_feature.modified_residue_auth_comp_id 
_pdbx_modification_feature.modified_residue_auth_asym_id 
_pdbx_modification_feature.modified_residue_auth_seq_id 
_pdbx_modification_feature.modified_residue_PDB_ins_code 
_pdbx_modification_feature.modified_residue_symmetry 
_pdbx_modification_feature.comp_id_linking_atom 
_pdbx_modification_feature.modified_residue_id_linking_atom 
_pdbx_modification_feature.modified_residue_id 
_pdbx_modification_feature.ref_pcm_id 
_pdbx_modification_feature.ref_comp_id 
_pdbx_modification_feature.type 
_pdbx_modification_feature.category 
1 B2A B 5   ? .   . .   . B2A P 1   ? 1_555 .   . .   . .     .  .  ALA 1 B2A None 'Non-standard residue' 
2 CYS A 17  ? CYS A 37  ? CYS A 42  ? 1_555 CYS A 58  ? 1_555 SG SG .   . .   None 'Disulfide bridge'     
3 CYS A 101 ? CYS A 111 ? CYS A 137 ? 1_555 CYS A 159 ? 1_555 SG SG .   . .   None 'Disulfide bridge'     
4 CYS A 137 ? CYS A 170 ? CYS A 191 ? 1_555 CYS A 220 ? 1_555 SG SG .   . .   None 'Disulfide bridge'     
5 SER A 143 ? B2A B 5   ? SER A 195 ? 1_555 B2A P 1   ? 1_555 OG B  .   . .   None 'Non-standard linkage' 
# 
_struct_mon_prot_cis.pdbx_id                1 
_struct_mon_prot_cis.label_comp_id          PHE 
_struct_mon_prot_cis.label_seq_id           59 
_struct_mon_prot_cis.label_asym_id          A 
_struct_mon_prot_cis.label_alt_id           . 
_struct_mon_prot_cis.pdbx_PDB_ins_code      ? 
_struct_mon_prot_cis.auth_comp_id           PHE 
_struct_mon_prot_cis.auth_seq_id            94 
_struct_mon_prot_cis.auth_asym_id           A 
_struct_mon_prot_cis.pdbx_label_comp_id_2   PRO 
_struct_mon_prot_cis.pdbx_label_seq_id_2    60 
_struct_mon_prot_cis.pdbx_label_asym_id_2   A 
_struct_mon_prot_cis.pdbx_PDB_ins_code_2    A 
_struct_mon_prot_cis.pdbx_auth_comp_id_2    PRO 
_struct_mon_prot_cis.pdbx_auth_seq_id_2     99 
_struct_mon_prot_cis.pdbx_auth_asym_id_2    A 
_struct_mon_prot_cis.pdbx_PDB_model_num     1 
_struct_mon_prot_cis.pdbx_omega_angle       -4.12 
# 
loop_
_struct_sheet.id 
_struct_sheet.type 
_struct_sheet.number_strands 
_struct_sheet.details 
A ? 1 ? 
B ? 6 ? 
# 
loop_
_struct_sheet_order.sheet_id 
_struct_sheet_order.range_id_1 
_struct_sheet_order.range_id_2 
_struct_sheet_order.offset 
_struct_sheet_order.sense 
B 1 2 ? anti-parallel 
B 2 3 ? anti-parallel 
B 3 4 ? anti-parallel 
B 4 5 ? anti-parallel 
B 5 6 ? anti-parallel 
# 
loop_
_struct_sheet_range.sheet_id 
_struct_sheet_range.id 
_struct_sheet_range.beg_label_comp_id 
_struct_sheet_range.beg_label_asym_id 
_struct_sheet_range.beg_label_seq_id 
_struct_sheet_range.pdbx_beg_PDB_ins_code 
_struct_sheet_range.end_label_comp_id 
_struct_sheet_range.end_label_asym_id 
_struct_sheet_range.end_label_seq_id 
_struct_sheet_range.pdbx_end_PDB_ins_code 
_struct_sheet_range.beg_auth_comp_id 
_struct_sheet_range.beg_auth_asym_id 
_struct_sheet_range.beg_auth_seq_id 
_struct_sheet_range.end_auth_comp_id 
_struct_sheet_range.end_auth_asym_id 
_struct_sheet_range.end_auth_seq_id 
A 1 THR A 74  ? SER A 83  C THR A 113 SER A 120 
B 1 SER A 15  ? SER A 18  ? SER A 40  SER A 43  
B 2 GLU A 8   ? ILE A 11  ? GLU A 30  ILE A 33  
B 3 ALA A 49  ? VAL A 58  ? ALA A 83  VAL A 93  
B 4 ARG A 64  ? LEU A 69  ? ARG A 103 LEU A 108 
B 5 THR A 28  ? THR A 33  ? THR A 49  THR A 54  
B 6 SER A 194 ? LEU A 195 ? SER A 240 LEU A 241 
# 
loop_
_pdbx_struct_sheet_hbond.sheet_id 
_pdbx_struct_sheet_hbond.range_id_1 
_pdbx_struct_sheet_hbond.range_id_2 
_pdbx_struct_sheet_hbond.range_1_label_atom_id 
_pdbx_struct_sheet_hbond.range_1_label_comp_id 
_pdbx_struct_sheet_hbond.range_1_label_asym_id 
_pdbx_struct_sheet_hbond.range_1_label_seq_id 
_pdbx_struct_sheet_hbond.range_1_PDB_ins_code 
_pdbx_struct_sheet_hbond.range_1_auth_atom_id 
_pdbx_struct_sheet_hbond.range_1_auth_comp_id 
_pdbx_struct_sheet_hbond.range_1_auth_asym_id 
_pdbx_struct_sheet_hbond.range_1_auth_seq_id 
_pdbx_struct_sheet_hbond.range_2_label_atom_id 
_pdbx_struct_sheet_hbond.range_2_label_comp_id 
_pdbx_struct_sheet_hbond.range_2_label_asym_id 
_pdbx_struct_sheet_hbond.range_2_label_seq_id 
_pdbx_struct_sheet_hbond.range_2_PDB_ins_code 
_pdbx_struct_sheet_hbond.range_2_auth_atom_id 
_pdbx_struct_sheet_hbond.range_2_auth_comp_id 
_pdbx_struct_sheet_hbond.range_2_auth_asym_id 
_pdbx_struct_sheet_hbond.range_2_auth_seq_id 
B 1 2 N CYS A 17 ? N CYS A 42  O TYR A 9  ? O TYR A 31  
B 2 3 N ILE A 46 ? N ILE A 80  O ALA A 49 ? O ALA A 83  
B 3 4 N VAL A 58 ? N VAL A 93  O ARG A 64 ? O ARG A 103 
B 4 5 N LEU A 69 ? N LEU A 108 O LYS A 29 ? O LYS A 50  
# 
loop_
_struct_site.id 
_struct_site.pdbx_evidence_code 
_struct_site.pdbx_auth_asym_id 
_struct_site.pdbx_auth_comp_id 
_struct_site.pdbx_auth_seq_id 
_struct_site.pdbx_auth_ins_code 
_struct_site.pdbx_num_residues 
_struct_site.details 
AC1 Software A SO4 1 ? 7  'BINDING SITE FOR RESIDUE SO4 A 1'                                                       
AC2 Software ? ?   ? ? 15 'BINDING SITE FOR CHAIN P OF METHOXYSUCCINYL-ALA-ALA-PRO-ALANINE BORONIC ACID INHIBITOR' 
# 
loop_
_struct_site_gen.id 
_struct_site_gen.site_id 
_struct_site_gen.pdbx_num_res 
_struct_site_gen.label_comp_id 
_struct_site_gen.label_asym_id 
_struct_site_gen.label_seq_id 
_struct_site_gen.pdbx_auth_ins_code 
_struct_site_gen.auth_comp_id 
_struct_site_gen.auth_asym_id 
_struct_site_gen.auth_seq_id 
_struct_site_gen.label_atom_id 
_struct_site_gen.label_alt_id 
_struct_site_gen.symmetry 
_struct_site_gen.details 
1  AC1 7  ALA A 1   A ALA A 15  . ? 3_665 ? 
2  AC1 7  ASN A 2   B ASN A 15  . ? 3_665 ? 
3  AC1 7  ARG A 183 ? ARG A 230 . ? 1_555 ? 
4  AC1 7  PRO A 186 ? PRO A 233 . ? 1_555 ? 
5  AC1 7  HOH D .   ? HOH A 271 . ? 3_665 ? 
6  AC1 7  HOH D .   ? HOH A 282 . ? 1_555 ? 
7  AC1 7  HOH D .   ? HOH A 371 . ? 3_665 ? 
8  AC2 15 HIS A 36  ? HIS A 57  . ? 1_555 ? 
9  AC2 15 ARG A 89  ? ARG A 125 . ? 5_565 ? 
10 AC2 15 TYR A 123 ? TYR A 171 . ? 1_555 ? 
11 AC2 15 MET A 138 ? MET A 192 . ? 1_555 ? 
12 AC2 15 GLY A 139 A GLY A 192 . ? 1_555 ? 
13 AC2 15 ARG A 140 B ARG A 192 . ? 1_555 ? 
14 AC2 15 GLY A 141 ? GLY A 193 . ? 1_555 ? 
15 AC2 15 ASP A 142 ? ASP A 194 . ? 1_555 ? 
16 AC2 15 SER A 143 ? SER A 195 . ? 1_555 ? 
17 AC2 15 SER A 159 ? SER A 214 . ? 1_555 ? 
18 AC2 15 GLY A 160 ? GLY A 215 . ? 1_555 ? 
19 AC2 15 GLY A 161 ? GLY A 216 . ? 1_555 ? 
20 AC2 15 GLY A 198 ? GLY A 244 . ? 5_565 ? 
21 AC2 15 HOH E .   ? HOH P 90  . ? 1_555 ? 
22 AC2 15 HOH E .   ? HOH P 103 . ? 1_555 ? 
# 
_pdbx_entry_details.entry_id                   1P02 
_pdbx_entry_details.compound_details           
;INHIBITORY PEPTIDE BORONIC ACIDS ARE PEPTIDE ANALOGS IN WHICH THE C-TERMINAL CARBOXYL GROUP HAS BEEN REPLACED WITH THE BORONIC ACID GROUP (B(OH)2).
;
_pdbx_entry_details.source_details             ? 
_pdbx_entry_details.nonpolymer_details         
;INHIBITORY PEPTIDE BORONIC ACIDS ARE PEPTIDE ANALOGUES IN
WHICH THE C-TERMINAL CARBOXY GROUP (COOH) HAS BEEN REPLACED
WITH THE BORONIC ACID GROUP (B(OH)2).

THE INHIBITOR NUMBERING (CHAIN P, 4 - 3 - 2 - 1) IS BY
ANALOGY TO PROTEASE SUBSTRATE NOMENCLATURE IN WHICH THE
RESIDUE PRIOR TO THE SCISSILE BOND IS THE P 1 RESIDUE AND
THE NEXT TOWARDS THE N-TERMINUS IS P 2, ETC.  (SEE
I.SCHECTER,A.BERGER, BIOCHEM.BIOPHYS.RES.COMM., V. 27,
P. 157 (1967).)
;
_pdbx_entry_details.sequence_details           
;CHAIN A RESIDUE NUMBERING IS DONE BY HOMOLOGY WITH CHYMOTRYPSIN FOR RESIDUES 15A - 244 AS DESCRIBED IN REFERENCE 4. CHAIN P RESIDUE NUMBERING ISDONE BY ANALOGY TO PROTEASE SUBSTRATE NOMENCLATURE IN WHICH THE RESIDUE PRIOR TO THE SCISSILE BOND IS THE P 1 RESIDUE AND THE NEXT TOWARDS THE N-TERMINUS IS P 2, ETC. SEE I.SCHECTER,A.BERGER, BIOCHEM.BIOPHYS.RES.COMM., V. 27, P. 157 (1967)
;
_pdbx_entry_details.has_ligand_of_interest     ? 
_pdbx_entry_details.has_protein_modification   Y 
# 
_pdbx_validate_close_contact.id               1 
_pdbx_validate_close_contact.PDB_model_num    1 
_pdbx_validate_close_contact.auth_atom_id_1   OG 
_pdbx_validate_close_contact.auth_asym_id_1   A 
_pdbx_validate_close_contact.auth_comp_id_1   SER 
_pdbx_validate_close_contact.auth_seq_id_1    195 
_pdbx_validate_close_contact.PDB_ins_code_1   ? 
_pdbx_validate_close_contact.label_alt_id_1   ? 
_pdbx_validate_close_contact.auth_atom_id_2   O2 
_pdbx_validate_close_contact.auth_asym_id_2   P 
_pdbx_validate_close_contact.auth_comp_id_2   B2A 
_pdbx_validate_close_contact.auth_seq_id_2    1 
_pdbx_validate_close_contact.PDB_ins_code_2   ? 
_pdbx_validate_close_contact.label_alt_id_2   ? 
_pdbx_validate_close_contact.dist             2.17 
# 
loop_
_pdbx_validate_rmsd_angle.id 
_pdbx_validate_rmsd_angle.PDB_model_num 
_pdbx_validate_rmsd_angle.auth_atom_id_1 
_pdbx_validate_rmsd_angle.auth_asym_id_1 
_pdbx_validate_rmsd_angle.auth_comp_id_1 
_pdbx_validate_rmsd_angle.auth_seq_id_1 
_pdbx_validate_rmsd_angle.PDB_ins_code_1 
_pdbx_validate_rmsd_angle.label_alt_id_1 
_pdbx_validate_rmsd_angle.auth_atom_id_2 
_pdbx_validate_rmsd_angle.auth_asym_id_2 
_pdbx_validate_rmsd_angle.auth_comp_id_2 
_pdbx_validate_rmsd_angle.auth_seq_id_2 
_pdbx_validate_rmsd_angle.PDB_ins_code_2 
_pdbx_validate_rmsd_angle.label_alt_id_2 
_pdbx_validate_rmsd_angle.auth_atom_id_3 
_pdbx_validate_rmsd_angle.auth_asym_id_3 
_pdbx_validate_rmsd_angle.auth_comp_id_3 
_pdbx_validate_rmsd_angle.auth_seq_id_3 
_pdbx_validate_rmsd_angle.PDB_ins_code_3 
_pdbx_validate_rmsd_angle.label_alt_id_3 
_pdbx_validate_rmsd_angle.angle_value 
_pdbx_validate_rmsd_angle.angle_target_value 
_pdbx_validate_rmsd_angle.angle_deviation 
_pdbx_validate_rmsd_angle.angle_standard_deviation 
_pdbx_validate_rmsd_angle.linker_flag 
1  1 CB  A ARG 48  B ? CG A ARG 48  B ? CD  A ARG 48  B ? 95.91  111.60 -15.69 2.60 N 
2  1 CD  A ARG 48  B ? NE A ARG 48  B ? CZ  A ARG 48  B ? 133.28 123.60 9.68   1.40 N 
3  1 NH1 A ARG 48  B ? CZ A ARG 48  B ? NH2 A ARG 48  B ? 128.86 119.40 9.46   1.10 N 
4  1 NE  A ARG 48  B ? CZ A ARG 48  B ? NH1 A ARG 48  B ? 102.31 120.30 -17.99 0.50 N 
5  1 NE  A ARG 48  B ? CZ A ARG 48  B ? NH2 A ARG 48  B ? 128.60 120.30 8.30   0.50 N 
6  1 N   A ALA 48  D ? CA A ALA 48  D ? CB  A ALA 48  D ? 100.52 110.10 -9.58  1.40 N 
7  1 NE  A ARG 67  ? ? CZ A ARG 67  ? ? NH1 A ARG 67  ? ? 132.90 120.30 12.60  0.50 N 
8  1 NE  A ARG 67  ? ? CZ A ARG 67  ? ? NH2 A ARG 67  ? ? 113.19 120.30 -7.11  0.50 N 
9  1 NH1 A ARG 91  ? ? CZ A ARG 91  ? ? NH2 A ARG 91  ? ? 110.41 119.40 -8.99  1.10 N 
10 1 NE  A ARG 91  ? ? CZ A ARG 91  ? ? NH1 A ARG 91  ? ? 117.13 120.30 -3.17  0.50 N 
11 1 NE  A ARG 91  ? ? CZ A ARG 91  ? ? NH2 A ARG 91  ? ? 132.43 120.30 12.13  0.50 N 
12 1 N   A SER 107 ? ? CA A SER 107 ? ? CB  A SER 107 ? ? 120.38 110.50 9.88   1.50 N 
13 1 CB  A SER 110 ? ? CA A SER 110 ? ? C   A SER 110 ? ? 89.92  110.10 -20.18 1.90 N 
14 1 CA  A SER 110 ? ? C  A SER 110 ? ? O   A SER 110 ? ? 107.37 120.10 -12.73 2.10 N 
15 1 CG  A GLN 112 ? ? CD A GLN 112 ? ? OE1 A GLN 112 ? ? 134.25 121.60 12.65  2.00 N 
16 1 NH1 A ARG 117 ? ? CZ A ARG 117 ? ? NH2 A ARG 117 ? ? 112.31 119.40 -7.09  1.10 N 
17 1 NE  A ARG 117 ? ? CZ A ARG 117 ? ? NH2 A ARG 117 ? ? 125.26 120.30 4.96   0.50 N 
18 1 N   A SER 120 D ? CA A SER 120 D ? CB  A SER 120 D ? 98.80  110.50 -11.70 1.50 N 
19 1 NE  A ARG 125 ? ? CZ A ARG 125 ? ? NH1 A ARG 125 ? ? 115.00 120.30 -5.30  0.50 N 
20 1 NE  A ARG 125 ? ? CZ A ARG 125 ? ? NH2 A ARG 125 ? ? 123.56 120.30 3.26   0.50 N 
21 1 OE1 A GLU 129 ? ? CD A GLU 129 ? ? OE2 A GLU 129 ? ? 134.05 123.30 10.75  1.20 N 
22 1 N   A SER 139 ? ? CA A SER 139 ? ? CB  A SER 139 ? ? 98.26  110.50 -12.24 1.50 N 
23 1 NE  A ARG 141 ? ? CZ A ARG 141 ? ? NH1 A ARG 141 ? ? 125.14 120.30 4.84   0.50 N 
24 1 NE  A ARG 141 ? ? CZ A ARG 141 ? ? NH2 A ARG 141 ? ? 112.68 120.30 -7.62  0.50 N 
25 1 CA  A THR 161 ? ? CB A THR 161 ? ? CG2 A THR 161 ? ? 121.48 112.40 9.08   1.40 N 
26 1 CG  A GLU 174 ? ? CD A GLU 174 ? ? OE2 A GLU 174 ? ? 102.91 118.30 -15.39 2.00 N 
27 1 CD  A ARG 178 ? ? NE A ARG 178 ? ? CZ  A ARG 178 ? ? 113.37 123.60 -10.23 1.40 N 
28 1 CG  A ARG 192 B ? CD A ARG 192 B ? NE  A ARG 192 B ? 98.51  111.80 -13.29 2.10 N 
29 1 CD  A ARG 192 B ? NE A ARG 192 B ? CZ  A ARG 192 B ? 114.28 123.60 -9.32  1.40 N 
30 1 NH1 A ARG 192 B ? CZ A ARG 192 B ? NH2 A ARG 192 B ? 127.18 119.40 7.78   1.10 N 
31 1 NE  A ARG 192 B ? CZ A ARG 192 B ? NH1 A ARG 192 B ? 109.74 120.30 -10.56 0.50 N 
32 1 CB  A ASP 194 ? ? CG A ASP 194 ? ? OD2 A ASP 194 ? ? 125.31 118.30 7.01   0.90 N 
33 1 NE  A ARG 224 ? ? CZ A ARG 224 ? ? NH1 A ARG 224 ? ? 123.62 120.30 3.32   0.50 N 
34 1 NE  A ARG 230 ? ? CZ A ARG 230 ? ? NH1 A ARG 230 ? ? 129.41 120.30 9.11   0.50 N 
35 1 NE  A ARG 230 ? ? CZ A ARG 230 ? ? NH2 A ARG 230 ? ? 114.33 120.30 -5.97  0.50 N 
# 
loop_
_pdbx_validate_torsion.id 
_pdbx_validate_torsion.PDB_model_num 
_pdbx_validate_torsion.auth_comp_id 
_pdbx_validate_torsion.auth_asym_id 
_pdbx_validate_torsion.auth_seq_id 
_pdbx_validate_torsion.PDB_ins_code 
_pdbx_validate_torsion.label_alt_id 
_pdbx_validate_torsion.phi 
_pdbx_validate_torsion.psi 
1 1 ALA A 39  ? ? -130.51 -81.85  
2 1 ASN A 64  ? ? 73.51   -3.51   
3 1 PRO A 99  A ? -81.11  -155.64 
4 1 ASP A 102 ? ? -151.86 81.61   
5 1 SER A 214 ? ? -107.17 -63.64  
# 
loop_
_pdbx_validate_planes.id 
_pdbx_validate_planes.PDB_model_num 
_pdbx_validate_planes.auth_comp_id 
_pdbx_validate_planes.auth_asym_id 
_pdbx_validate_planes.auth_seq_id 
_pdbx_validate_planes.PDB_ins_code 
_pdbx_validate_planes.label_alt_id 
_pdbx_validate_planes.rmsd 
_pdbx_validate_planes.type 
1 1 ARG A 91  ? ? 0.084 'SIDE CHAIN' 
2 1 ARG A 192 B ? 0.099 'SIDE CHAIN' 
# 
_pdbx_molecule_features.prd_id    PRD_000314 
_pdbx_molecule_features.name      'METHOXYSUCCINYL-ALA-ALA-PRO-ALANINE BORONIC ACID' 
_pdbx_molecule_features.type      Peptide-like 
_pdbx_molecule_features.class     Inhibitor 
_pdbx_molecule_features.details   ? 
# 
_pdbx_molecule.instance_id   1 
_pdbx_molecule.prd_id        PRD_000314 
_pdbx_molecule.asym_id       B 
# 
_pdbx_struct_mod_residue.id               1 
_pdbx_struct_mod_residue.label_asym_id    B 
_pdbx_struct_mod_residue.label_comp_id    B2A 
_pdbx_struct_mod_residue.label_seq_id     5 
_pdbx_struct_mod_residue.auth_asym_id     P 
_pdbx_struct_mod_residue.auth_comp_id     B2A 
_pdbx_struct_mod_residue.auth_seq_id      1 
_pdbx_struct_mod_residue.PDB_ins_code     ? 
_pdbx_struct_mod_residue.parent_comp_id   ALA 
_pdbx_struct_mod_residue.details          'ALANINE BORONIC ACID' 
# 
_pdbx_unobs_or_zero_occ_residues.id               1 
_pdbx_unobs_or_zero_occ_residues.PDB_model_num    1 
_pdbx_unobs_or_zero_occ_residues.polymer_flag     Y 
_pdbx_unobs_or_zero_occ_residues.occupancy_flag   1 
_pdbx_unobs_or_zero_occ_residues.auth_asym_id     P 
_pdbx_unobs_or_zero_occ_residues.auth_comp_id     MSU 
_pdbx_unobs_or_zero_occ_residues.auth_seq_id      5 
_pdbx_unobs_or_zero_occ_residues.PDB_ins_code     ? 
_pdbx_unobs_or_zero_occ_residues.label_asym_id    B 
_pdbx_unobs_or_zero_occ_residues.label_comp_id    MSU 
_pdbx_unobs_or_zero_occ_residues.label_seq_id     1 
# 
loop_
_chem_comp_atom.comp_id 
_chem_comp_atom.atom_id 
_chem_comp_atom.type_symbol 
_chem_comp_atom.pdbx_aromatic_flag 
_chem_comp_atom.pdbx_stereo_config 
_chem_comp_atom.pdbx_ordinal 
ALA N    N N N 1   
ALA CA   C N S 2   
ALA C    C N N 3   
ALA O    O N N 4   
ALA CB   C N N 5   
ALA OXT  O N N 6   
ALA H    H N N 7   
ALA H2   H N N 8   
ALA HA   H N N 9   
ALA HB1  H N N 10  
ALA HB2  H N N 11  
ALA HB3  H N N 12  
ALA HXT  H N N 13  
ARG N    N N N 14  
ARG CA   C N S 15  
ARG C    C N N 16  
ARG O    O N N 17  
ARG CB   C N N 18  
ARG CG   C N N 19  
ARG CD   C N N 20  
ARG NE   N N N 21  
ARG CZ   C N N 22  
ARG NH1  N N N 23  
ARG NH2  N N N 24  
ARG OXT  O N N 25  
ARG H    H N N 26  
ARG H2   H N N 27  
ARG HA   H N N 28  
ARG HB2  H N N 29  
ARG HB3  H N N 30  
ARG HG2  H N N 31  
ARG HG3  H N N 32  
ARG HD2  H N N 33  
ARG HD3  H N N 34  
ARG HE   H N N 35  
ARG HH11 H N N 36  
ARG HH12 H N N 37  
ARG HH21 H N N 38  
ARG HH22 H N N 39  
ARG HXT  H N N 40  
ASN N    N N N 41  
ASN CA   C N S 42  
ASN C    C N N 43  
ASN O    O N N 44  
ASN CB   C N N 45  
ASN CG   C N N 46  
ASN OD1  O N N 47  
ASN ND2  N N N 48  
ASN OXT  O N N 49  
ASN H    H N N 50  
ASN H2   H N N 51  
ASN HA   H N N 52  
ASN HB2  H N N 53  
ASN HB3  H N N 54  
ASN HD21 H N N 55  
ASN HD22 H N N 56  
ASN HXT  H N N 57  
ASP N    N N N 58  
ASP CA   C N S 59  
ASP C    C N N 60  
ASP O    O N N 61  
ASP CB   C N N 62  
ASP CG   C N N 63  
ASP OD1  O N N 64  
ASP OD2  O N N 65  
ASP OXT  O N N 66  
ASP H    H N N 67  
ASP H2   H N N 68  
ASP HA   H N N 69  
ASP HB2  H N N 70  
ASP HB3  H N N 71  
ASP HD2  H N N 72  
ASP HXT  H N N 73  
B2A N    N N N 74  
B2A CA   C N R 75  
B2A CB   C N N 76  
B2A B    B N N 77  
B2A O1   O N N 78  
B2A O2   O N N 79  
B2A H    H N N 80  
B2A H2   H N N 81  
B2A HA   H N N 82  
B2A HB1  H N N 83  
B2A HB2  H N N 84  
B2A HB3  H N N 85  
B2A HO1  H N N 86  
B2A HO2  H N N 87  
CYS N    N N N 88  
CYS CA   C N R 89  
CYS C    C N N 90  
CYS O    O N N 91  
CYS CB   C N N 92  
CYS SG   S N N 93  
CYS OXT  O N N 94  
CYS H    H N N 95  
CYS H2   H N N 96  
CYS HA   H N N 97  
CYS HB2  H N N 98  
CYS HB3  H N N 99  
CYS HG   H N N 100 
CYS HXT  H N N 101 
GLN N    N N N 102 
GLN CA   C N S 103 
GLN C    C N N 104 
GLN O    O N N 105 
GLN CB   C N N 106 
GLN CG   C N N 107 
GLN CD   C N N 108 
GLN OE1  O N N 109 
GLN NE2  N N N 110 
GLN OXT  O N N 111 
GLN H    H N N 112 
GLN H2   H N N 113 
GLN HA   H N N 114 
GLN HB2  H N N 115 
GLN HB3  H N N 116 
GLN HG2  H N N 117 
GLN HG3  H N N 118 
GLN HE21 H N N 119 
GLN HE22 H N N 120 
GLN HXT  H N N 121 
GLU N    N N N 122 
GLU CA   C N S 123 
GLU C    C N N 124 
GLU O    O N N 125 
GLU CB   C N N 126 
GLU CG   C N N 127 
GLU CD   C N N 128 
GLU OE1  O N N 129 
GLU OE2  O N N 130 
GLU OXT  O N N 131 
GLU H    H N N 132 
GLU H2   H N N 133 
GLU HA   H N N 134 
GLU HB2  H N N 135 
GLU HB3  H N N 136 
GLU HG2  H N N 137 
GLU HG3  H N N 138 
GLU HE2  H N N 139 
GLU HXT  H N N 140 
GLY N    N N N 141 
GLY CA   C N N 142 
GLY C    C N N 143 
GLY O    O N N 144 
GLY OXT  O N N 145 
GLY H    H N N 146 
GLY H2   H N N 147 
GLY HA2  H N N 148 
GLY HA3  H N N 149 
GLY HXT  H N N 150 
HIS N    N N N 151 
HIS CA   C N S 152 
HIS C    C N N 153 
HIS O    O N N 154 
HIS CB   C N N 155 
HIS CG   C Y N 156 
HIS ND1  N Y N 157 
HIS CD2  C Y N 158 
HIS CE1  C Y N 159 
HIS NE2  N Y N 160 
HIS OXT  O N N 161 
HIS H    H N N 162 
HIS H2   H N N 163 
HIS HA   H N N 164 
HIS HB2  H N N 165 
HIS HB3  H N N 166 
HIS HD1  H N N 167 
HIS HD2  H N N 168 
HIS HE1  H N N 169 
HIS HE2  H N N 170 
HIS HXT  H N N 171 
HOH O    O N N 172 
HOH H1   H N N 173 
HOH H2   H N N 174 
ILE N    N N N 175 
ILE CA   C N S 176 
ILE C    C N N 177 
ILE O    O N N 178 
ILE CB   C N S 179 
ILE CG1  C N N 180 
ILE CG2  C N N 181 
ILE CD1  C N N 182 
ILE OXT  O N N 183 
ILE H    H N N 184 
ILE H2   H N N 185 
ILE HA   H N N 186 
ILE HB   H N N 187 
ILE HG12 H N N 188 
ILE HG13 H N N 189 
ILE HG21 H N N 190 
ILE HG22 H N N 191 
ILE HG23 H N N 192 
ILE HD11 H N N 193 
ILE HD12 H N N 194 
ILE HD13 H N N 195 
ILE HXT  H N N 196 
LEU N    N N N 197 
LEU CA   C N S 198 
LEU C    C N N 199 
LEU O    O N N 200 
LEU CB   C N N 201 
LEU CG   C N N 202 
LEU CD1  C N N 203 
LEU CD2  C N N 204 
LEU OXT  O N N 205 
LEU H    H N N 206 
LEU H2   H N N 207 
LEU HA   H N N 208 
LEU HB2  H N N 209 
LEU HB3  H N N 210 
LEU HG   H N N 211 
LEU HD11 H N N 212 
LEU HD12 H N N 213 
LEU HD13 H N N 214 
LEU HD21 H N N 215 
LEU HD22 H N N 216 
LEU HD23 H N N 217 
LEU HXT  H N N 218 
LYS N    N N N 219 
LYS CA   C N S 220 
LYS C    C N N 221 
LYS O    O N N 222 
LYS CB   C N N 223 
LYS CG   C N N 224 
LYS CD   C N N 225 
LYS CE   C N N 226 
LYS NZ   N N N 227 
LYS OXT  O N N 228 
LYS H    H N N 229 
LYS H2   H N N 230 
LYS HA   H N N 231 
LYS HB2  H N N 232 
LYS HB3  H N N 233 
LYS HG2  H N N 234 
LYS HG3  H N N 235 
LYS HD2  H N N 236 
LYS HD3  H N N 237 
LYS HE2  H N N 238 
LYS HE3  H N N 239 
LYS HZ1  H N N 240 
LYS HZ2  H N N 241 
LYS HZ3  H N N 242 
LYS HXT  H N N 243 
MET N    N N N 244 
MET CA   C N S 245 
MET C    C N N 246 
MET O    O N N 247 
MET CB   C N N 248 
MET CG   C N N 249 
MET SD   S N N 250 
MET CE   C N N 251 
MET OXT  O N N 252 
MET H    H N N 253 
MET H2   H N N 254 
MET HA   H N N 255 
MET HB2  H N N 256 
MET HB3  H N N 257 
MET HG2  H N N 258 
MET HG3  H N N 259 
MET HE1  H N N 260 
MET HE2  H N N 261 
MET HE3  H N N 262 
MET HXT  H N N 263 
MSU C1   C N N 264 
MSU O1   O N N 265 
MSU C2   C N N 266 
MSU C3   C N N 267 
MSU C4   C N N 268 
MSU OT1  O N N 269 
MSU OT2  O N N 270 
MSU CT   C N N 271 
MSU OXT  O N N 272 
MSU H21  H N N 273 
MSU H22  H N N 274 
MSU H31  H N N 275 
MSU H32  H N N 276 
MSU HT1  H N N 277 
MSU HT2  H N N 278 
MSU HT3  H N N 279 
MSU HXT  H N N 280 
PHE N    N N N 281 
PHE CA   C N S 282 
PHE C    C N N 283 
PHE O    O N N 284 
PHE CB   C N N 285 
PHE CG   C Y N 286 
PHE CD1  C Y N 287 
PHE CD2  C Y N 288 
PHE CE1  C Y N 289 
PHE CE2  C Y N 290 
PHE CZ   C Y N 291 
PHE OXT  O N N 292 
PHE H    H N N 293 
PHE H2   H N N 294 
PHE HA   H N N 295 
PHE HB2  H N N 296 
PHE HB3  H N N 297 
PHE HD1  H N N 298 
PHE HD2  H N N 299 
PHE HE1  H N N 300 
PHE HE2  H N N 301 
PHE HZ   H N N 302 
PHE HXT  H N N 303 
PRO N    N N N 304 
PRO CA   C N S 305 
PRO C    C N N 306 
PRO O    O N N 307 
PRO CB   C N N 308 
PRO CG   C N N 309 
PRO CD   C N N 310 
PRO OXT  O N N 311 
PRO H    H N N 312 
PRO HA   H N N 313 
PRO HB2  H N N 314 
PRO HB3  H N N 315 
PRO HG2  H N N 316 
PRO HG3  H N N 317 
PRO HD2  H N N 318 
PRO HD3  H N N 319 
PRO HXT  H N N 320 
SER N    N N N 321 
SER CA   C N S 322 
SER C    C N N 323 
SER O    O N N 324 
SER CB   C N N 325 
SER OG   O N N 326 
SER OXT  O N N 327 
SER H    H N N 328 
SER H2   H N N 329 
SER HA   H N N 330 
SER HB2  H N N 331 
SER HB3  H N N 332 
SER HG   H N N 333 
SER HXT  H N N 334 
SO4 S    S N N 335 
SO4 O1   O N N 336 
SO4 O2   O N N 337 
SO4 O3   O N N 338 
SO4 O4   O N N 339 
THR N    N N N 340 
THR CA   C N S 341 
THR C    C N N 342 
THR O    O N N 343 
THR CB   C N R 344 
THR OG1  O N N 345 
THR CG2  C N N 346 
THR OXT  O N N 347 
THR H    H N N 348 
THR H2   H N N 349 
THR HA   H N N 350 
THR HB   H N N 351 
THR HG1  H N N 352 
THR HG21 H N N 353 
THR HG22 H N N 354 
THR HG23 H N N 355 
THR HXT  H N N 356 
TRP N    N N N 357 
TRP CA   C N S 358 
TRP C    C N N 359 
TRP O    O N N 360 
TRP CB   C N N 361 
TRP CG   C Y N 362 
TRP CD1  C Y N 363 
TRP CD2  C Y N 364 
TRP NE1  N Y N 365 
TRP CE2  C Y N 366 
TRP CE3  C Y N 367 
TRP CZ2  C Y N 368 
TRP CZ3  C Y N 369 
TRP CH2  C Y N 370 
TRP OXT  O N N 371 
TRP H    H N N 372 
TRP H2   H N N 373 
TRP HA   H N N 374 
TRP HB2  H N N 375 
TRP HB3  H N N 376 
TRP HD1  H N N 377 
TRP HE1  H N N 378 
TRP HE3  H N N 379 
TRP HZ2  H N N 380 
TRP HZ3  H N N 381 
TRP HH2  H N N 382 
TRP HXT  H N N 383 
TYR N    N N N 384 
TYR CA   C N S 385 
TYR C    C N N 386 
TYR O    O N N 387 
TYR CB   C N N 388 
TYR CG   C Y N 389 
TYR CD1  C Y N 390 
TYR CD2  C Y N 391 
TYR CE1  C Y N 392 
TYR CE2  C Y N 393 
TYR CZ   C Y N 394 
TYR OH   O N N 395 
TYR OXT  O N N 396 
TYR H    H N N 397 
TYR H2   H N N 398 
TYR HA   H N N 399 
TYR HB2  H N N 400 
TYR HB3  H N N 401 
TYR HD1  H N N 402 
TYR HD2  H N N 403 
TYR HE1  H N N 404 
TYR HE2  H N N 405 
TYR HH   H N N 406 
TYR HXT  H N N 407 
VAL N    N N N 408 
VAL CA   C N S 409 
VAL C    C N N 410 
VAL O    O N N 411 
VAL CB   C N N 412 
VAL CG1  C N N 413 
VAL CG2  C N N 414 
VAL OXT  O N N 415 
VAL H    H N N 416 
VAL H2   H N N 417 
VAL HA   H N N 418 
VAL HB   H N N 419 
VAL HG11 H N N 420 
VAL HG12 H N N 421 
VAL HG13 H N N 422 
VAL HG21 H N N 423 
VAL HG22 H N N 424 
VAL HG23 H N N 425 
VAL HXT  H N N 426 
# 
loop_
_chem_comp_bond.comp_id 
_chem_comp_bond.atom_id_1 
_chem_comp_bond.atom_id_2 
_chem_comp_bond.value_order 
_chem_comp_bond.pdbx_aromatic_flag 
_chem_comp_bond.pdbx_stereo_config 
_chem_comp_bond.pdbx_ordinal 
ALA N   CA   sing N N 1   
ALA N   H    sing N N 2   
ALA N   H2   sing N N 3   
ALA CA  C    sing N N 4   
ALA CA  CB   sing N N 5   
ALA CA  HA   sing N N 6   
ALA C   O    doub N N 7   
ALA C   OXT  sing N N 8   
ALA CB  HB1  sing N N 9   
ALA CB  HB2  sing N N 10  
ALA CB  HB3  sing N N 11  
ALA OXT HXT  sing N N 12  
ARG N   CA   sing N N 13  
ARG N   H    sing N N 14  
ARG N   H2   sing N N 15  
ARG CA  C    sing N N 16  
ARG CA  CB   sing N N 17  
ARG CA  HA   sing N N 18  
ARG C   O    doub N N 19  
ARG C   OXT  sing N N 20  
ARG CB  CG   sing N N 21  
ARG CB  HB2  sing N N 22  
ARG CB  HB3  sing N N 23  
ARG CG  CD   sing N N 24  
ARG CG  HG2  sing N N 25  
ARG CG  HG3  sing N N 26  
ARG CD  NE   sing N N 27  
ARG CD  HD2  sing N N 28  
ARG CD  HD3  sing N N 29  
ARG NE  CZ   sing N N 30  
ARG NE  HE   sing N N 31  
ARG CZ  NH1  sing N N 32  
ARG CZ  NH2  doub N N 33  
ARG NH1 HH11 sing N N 34  
ARG NH1 HH12 sing N N 35  
ARG NH2 HH21 sing N N 36  
ARG NH2 HH22 sing N N 37  
ARG OXT HXT  sing N N 38  
ASN N   CA   sing N N 39  
ASN N   H    sing N N 40  
ASN N   H2   sing N N 41  
ASN CA  C    sing N N 42  
ASN CA  CB   sing N N 43  
ASN CA  HA   sing N N 44  
ASN C   O    doub N N 45  
ASN C   OXT  sing N N 46  
ASN CB  CG   sing N N 47  
ASN CB  HB2  sing N N 48  
ASN CB  HB3  sing N N 49  
ASN CG  OD1  doub N N 50  
ASN CG  ND2  sing N N 51  
ASN ND2 HD21 sing N N 52  
ASN ND2 HD22 sing N N 53  
ASN OXT HXT  sing N N 54  
ASP N   CA   sing N N 55  
ASP N   H    sing N N 56  
ASP N   H2   sing N N 57  
ASP CA  C    sing N N 58  
ASP CA  CB   sing N N 59  
ASP CA  HA   sing N N 60  
ASP C   O    doub N N 61  
ASP C   OXT  sing N N 62  
ASP CB  CG   sing N N 63  
ASP CB  HB2  sing N N 64  
ASP CB  HB3  sing N N 65  
ASP CG  OD1  doub N N 66  
ASP CG  OD2  sing N N 67  
ASP OD2 HD2  sing N N 68  
ASP OXT HXT  sing N N 69  
B2A N   CA   sing N N 70  
B2A N   H    sing N N 71  
B2A N   H2   sing N N 72  
B2A CA  CB   sing N N 73  
B2A CA  B    sing N N 74  
B2A CA  HA   sing N N 75  
B2A CB  HB1  sing N N 76  
B2A CB  HB2  sing N N 77  
B2A CB  HB3  sing N N 78  
B2A B   O1   sing N N 79  
B2A B   O2   sing N N 80  
B2A O1  HO1  sing N N 81  
B2A O2  HO2  sing N N 82  
CYS N   CA   sing N N 83  
CYS N   H    sing N N 84  
CYS N   H2   sing N N 85  
CYS CA  C    sing N N 86  
CYS CA  CB   sing N N 87  
CYS CA  HA   sing N N 88  
CYS C   O    doub N N 89  
CYS C   OXT  sing N N 90  
CYS CB  SG   sing N N 91  
CYS CB  HB2  sing N N 92  
CYS CB  HB3  sing N N 93  
CYS SG  HG   sing N N 94  
CYS OXT HXT  sing N N 95  
GLN N   CA   sing N N 96  
GLN N   H    sing N N 97  
GLN N   H2   sing N N 98  
GLN CA  C    sing N N 99  
GLN CA  CB   sing N N 100 
GLN CA  HA   sing N N 101 
GLN C   O    doub N N 102 
GLN C   OXT  sing N N 103 
GLN CB  CG   sing N N 104 
GLN CB  HB2  sing N N 105 
GLN CB  HB3  sing N N 106 
GLN CG  CD   sing N N 107 
GLN CG  HG2  sing N N 108 
GLN CG  HG3  sing N N 109 
GLN CD  OE1  doub N N 110 
GLN CD  NE2  sing N N 111 
GLN NE2 HE21 sing N N 112 
GLN NE2 HE22 sing N N 113 
GLN OXT HXT  sing N N 114 
GLU N   CA   sing N N 115 
GLU N   H    sing N N 116 
GLU N   H2   sing N N 117 
GLU CA  C    sing N N 118 
GLU CA  CB   sing N N 119 
GLU CA  HA   sing N N 120 
GLU C   O    doub N N 121 
GLU C   OXT  sing N N 122 
GLU CB  CG   sing N N 123 
GLU CB  HB2  sing N N 124 
GLU CB  HB3  sing N N 125 
GLU CG  CD   sing N N 126 
GLU CG  HG2  sing N N 127 
GLU CG  HG3  sing N N 128 
GLU CD  OE1  doub N N 129 
GLU CD  OE2  sing N N 130 
GLU OE2 HE2  sing N N 131 
GLU OXT HXT  sing N N 132 
GLY N   CA   sing N N 133 
GLY N   H    sing N N 134 
GLY N   H2   sing N N 135 
GLY CA  C    sing N N 136 
GLY CA  HA2  sing N N 137 
GLY CA  HA3  sing N N 138 
GLY C   O    doub N N 139 
GLY C   OXT  sing N N 140 
GLY OXT HXT  sing N N 141 
HIS N   CA   sing N N 142 
HIS N   H    sing N N 143 
HIS N   H2   sing N N 144 
HIS CA  C    sing N N 145 
HIS CA  CB   sing N N 146 
HIS CA  HA   sing N N 147 
HIS C   O    doub N N 148 
HIS C   OXT  sing N N 149 
HIS CB  CG   sing N N 150 
HIS CB  HB2  sing N N 151 
HIS CB  HB3  sing N N 152 
HIS CG  ND1  sing Y N 153 
HIS CG  CD2  doub Y N 154 
HIS ND1 CE1  doub Y N 155 
HIS ND1 HD1  sing N N 156 
HIS CD2 NE2  sing Y N 157 
HIS CD2 HD2  sing N N 158 
HIS CE1 NE2  sing Y N 159 
HIS CE1 HE1  sing N N 160 
HIS NE2 HE2  sing N N 161 
HIS OXT HXT  sing N N 162 
HOH O   H1   sing N N 163 
HOH O   H2   sing N N 164 
ILE N   CA   sing N N 165 
ILE N   H    sing N N 166 
ILE N   H2   sing N N 167 
ILE CA  C    sing N N 168 
ILE CA  CB   sing N N 169 
ILE CA  HA   sing N N 170 
ILE C   O    doub N N 171 
ILE C   OXT  sing N N 172 
ILE CB  CG1  sing N N 173 
ILE CB  CG2  sing N N 174 
ILE CB  HB   sing N N 175 
ILE CG1 CD1  sing N N 176 
ILE CG1 HG12 sing N N 177 
ILE CG1 HG13 sing N N 178 
ILE CG2 HG21 sing N N 179 
ILE CG2 HG22 sing N N 180 
ILE CG2 HG23 sing N N 181 
ILE CD1 HD11 sing N N 182 
ILE CD1 HD12 sing N N 183 
ILE CD1 HD13 sing N N 184 
ILE OXT HXT  sing N N 185 
LEU N   CA   sing N N 186 
LEU N   H    sing N N 187 
LEU N   H2   sing N N 188 
LEU CA  C    sing N N 189 
LEU CA  CB   sing N N 190 
LEU CA  HA   sing N N 191 
LEU C   O    doub N N 192 
LEU C   OXT  sing N N 193 
LEU CB  CG   sing N N 194 
LEU CB  HB2  sing N N 195 
LEU CB  HB3  sing N N 196 
LEU CG  CD1  sing N N 197 
LEU CG  CD2  sing N N 198 
LEU CG  HG   sing N N 199 
LEU CD1 HD11 sing N N 200 
LEU CD1 HD12 sing N N 201 
LEU CD1 HD13 sing N N 202 
LEU CD2 HD21 sing N N 203 
LEU CD2 HD22 sing N N 204 
LEU CD2 HD23 sing N N 205 
LEU OXT HXT  sing N N 206 
LYS N   CA   sing N N 207 
LYS N   H    sing N N 208 
LYS N   H2   sing N N 209 
LYS CA  C    sing N N 210 
LYS CA  CB   sing N N 211 
LYS CA  HA   sing N N 212 
LYS C   O    doub N N 213 
LYS C   OXT  sing N N 214 
LYS CB  CG   sing N N 215 
LYS CB  HB2  sing N N 216 
LYS CB  HB3  sing N N 217 
LYS CG  CD   sing N N 218 
LYS CG  HG2  sing N N 219 
LYS CG  HG3  sing N N 220 
LYS CD  CE   sing N N 221 
LYS CD  HD2  sing N N 222 
LYS CD  HD3  sing N N 223 
LYS CE  NZ   sing N N 224 
LYS CE  HE2  sing N N 225 
LYS CE  HE3  sing N N 226 
LYS NZ  HZ1  sing N N 227 
LYS NZ  HZ2  sing N N 228 
LYS NZ  HZ3  sing N N 229 
LYS OXT HXT  sing N N 230 
MET N   CA   sing N N 231 
MET N   H    sing N N 232 
MET N   H2   sing N N 233 
MET CA  C    sing N N 234 
MET CA  CB   sing N N 235 
MET CA  HA   sing N N 236 
MET C   O    doub N N 237 
MET C   OXT  sing N N 238 
MET CB  CG   sing N N 239 
MET CB  HB2  sing N N 240 
MET CB  HB3  sing N N 241 
MET CG  SD   sing N N 242 
MET CG  HG2  sing N N 243 
MET CG  HG3  sing N N 244 
MET SD  CE   sing N N 245 
MET CE  HE1  sing N N 246 
MET CE  HE2  sing N N 247 
MET CE  HE3  sing N N 248 
MET OXT HXT  sing N N 249 
MSU C1  O1   doub N N 250 
MSU C1  C2   sing N N 251 
MSU C1  OXT  sing N N 252 
MSU C2  C3   sing N N 253 
MSU C2  H21  sing N N 254 
MSU C2  H22  sing N N 255 
MSU C3  C4   sing N N 256 
MSU C3  H31  sing N N 257 
MSU C3  H32  sing N N 258 
MSU C4  OT1  doub N N 259 
MSU C4  OT2  sing N N 260 
MSU OT2 CT   sing N N 261 
MSU CT  HT1  sing N N 262 
MSU CT  HT2  sing N N 263 
MSU CT  HT3  sing N N 264 
MSU OXT HXT  sing N N 265 
PHE N   CA   sing N N 266 
PHE N   H    sing N N 267 
PHE N   H2   sing N N 268 
PHE CA  C    sing N N 269 
PHE CA  CB   sing N N 270 
PHE CA  HA   sing N N 271 
PHE C   O    doub N N 272 
PHE C   OXT  sing N N 273 
PHE CB  CG   sing N N 274 
PHE CB  HB2  sing N N 275 
PHE CB  HB3  sing N N 276 
PHE CG  CD1  doub Y N 277 
PHE CG  CD2  sing Y N 278 
PHE CD1 CE1  sing Y N 279 
PHE CD1 HD1  sing N N 280 
PHE CD2 CE2  doub Y N 281 
PHE CD2 HD2  sing N N 282 
PHE CE1 CZ   doub Y N 283 
PHE CE1 HE1  sing N N 284 
PHE CE2 CZ   sing Y N 285 
PHE CE2 HE2  sing N N 286 
PHE CZ  HZ   sing N N 287 
PHE OXT HXT  sing N N 288 
PRO N   CA   sing N N 289 
PRO N   CD   sing N N 290 
PRO N   H    sing N N 291 
PRO CA  C    sing N N 292 
PRO CA  CB   sing N N 293 
PRO CA  HA   sing N N 294 
PRO C   O    doub N N 295 
PRO C   OXT  sing N N 296 
PRO CB  CG   sing N N 297 
PRO CB  HB2  sing N N 298 
PRO CB  HB3  sing N N 299 
PRO CG  CD   sing N N 300 
PRO CG  HG2  sing N N 301 
PRO CG  HG3  sing N N 302 
PRO CD  HD2  sing N N 303 
PRO CD  HD3  sing N N 304 
PRO OXT HXT  sing N N 305 
SER N   CA   sing N N 306 
SER N   H    sing N N 307 
SER N   H2   sing N N 308 
SER CA  C    sing N N 309 
SER CA  CB   sing N N 310 
SER CA  HA   sing N N 311 
SER C   O    doub N N 312 
SER C   OXT  sing N N 313 
SER CB  OG   sing N N 314 
SER CB  HB2  sing N N 315 
SER CB  HB3  sing N N 316 
SER OG  HG   sing N N 317 
SER OXT HXT  sing N N 318 
SO4 S   O1   doub N N 319 
SO4 S   O2   doub N N 320 
SO4 S   O3   sing N N 321 
SO4 S   O4   sing N N 322 
THR N   CA   sing N N 323 
THR N   H    sing N N 324 
THR N   H2   sing N N 325 
THR CA  C    sing N N 326 
THR CA  CB   sing N N 327 
THR CA  HA   sing N N 328 
THR C   O    doub N N 329 
THR C   OXT  sing N N 330 
THR CB  OG1  sing N N 331 
THR CB  CG2  sing N N 332 
THR CB  HB   sing N N 333 
THR OG1 HG1  sing N N 334 
THR CG2 HG21 sing N N 335 
THR CG2 HG22 sing N N 336 
THR CG2 HG23 sing N N 337 
THR OXT HXT  sing N N 338 
TRP N   CA   sing N N 339 
TRP N   H    sing N N 340 
TRP N   H2   sing N N 341 
TRP CA  C    sing N N 342 
TRP CA  CB   sing N N 343 
TRP CA  HA   sing N N 344 
TRP C   O    doub N N 345 
TRP C   OXT  sing N N 346 
TRP CB  CG   sing N N 347 
TRP CB  HB2  sing N N 348 
TRP CB  HB3  sing N N 349 
TRP CG  CD1  doub Y N 350 
TRP CG  CD2  sing Y N 351 
TRP CD1 NE1  sing Y N 352 
TRP CD1 HD1  sing N N 353 
TRP CD2 CE2  doub Y N 354 
TRP CD2 CE3  sing Y N 355 
TRP NE1 CE2  sing Y N 356 
TRP NE1 HE1  sing N N 357 
TRP CE2 CZ2  sing Y N 358 
TRP CE3 CZ3  doub Y N 359 
TRP CE3 HE3  sing N N 360 
TRP CZ2 CH2  doub Y N 361 
TRP CZ2 HZ2  sing N N 362 
TRP CZ3 CH2  sing Y N 363 
TRP CZ3 HZ3  sing N N 364 
TRP CH2 HH2  sing N N 365 
TRP OXT HXT  sing N N 366 
TYR N   CA   sing N N 367 
TYR N   H    sing N N 368 
TYR N   H2   sing N N 369 
TYR CA  C    sing N N 370 
TYR CA  CB   sing N N 371 
TYR CA  HA   sing N N 372 
TYR C   O    doub N N 373 
TYR C   OXT  sing N N 374 
TYR CB  CG   sing N N 375 
TYR CB  HB2  sing N N 376 
TYR CB  HB3  sing N N 377 
TYR CG  CD1  doub Y N 378 
TYR CG  CD2  sing Y N 379 
TYR CD1 CE1  sing Y N 380 
TYR CD1 HD1  sing N N 381 
TYR CD2 CE2  doub Y N 382 
TYR CD2 HD2  sing N N 383 
TYR CE1 CZ   doub Y N 384 
TYR CE1 HE1  sing N N 385 
TYR CE2 CZ   sing Y N 386 
TYR CE2 HE2  sing N N 387 
TYR CZ  OH   sing N N 388 
TYR OH  HH   sing N N 389 
TYR OXT HXT  sing N N 390 
VAL N   CA   sing N N 391 
VAL N   H    sing N N 392 
VAL N   H2   sing N N 393 
VAL CA  C    sing N N 394 
VAL CA  CB   sing N N 395 
VAL CA  HA   sing N N 396 
VAL C   O    doub N N 397 
VAL C   OXT  sing N N 398 
VAL CB  CG1  sing N N 399 
VAL CB  CG2  sing N N 400 
VAL CB  HB   sing N N 401 
VAL CG1 HG11 sing N N 402 
VAL CG1 HG12 sing N N 403 
VAL CG1 HG13 sing N N 404 
VAL CG2 HG21 sing N N 405 
VAL CG2 HG22 sing N N 406 
VAL CG2 HG23 sing N N 407 
VAL OXT HXT  sing N N 408 
# 
_atom_sites.entry_id                    1P02 
_atom_sites.fract_transf_matrix[1][1]   0.01182928 
_atom_sites.fract_transf_matrix[1][2]   0.00330093 
_atom_sites.fract_transf_matrix[1][3]   -0.01234150 
_atom_sites.fract_transf_matrix[2][1]   0.01311453 
_atom_sites.fract_transf_matrix[2][2]   -0.01113191 
_atom_sites.fract_transf_matrix[2][3]   -0.00268934 
_atom_sites.fract_transf_matrix[3][1]   -0.00693192 
_atom_sites.fract_transf_matrix[3][2]   -0.00616310 
_atom_sites.fract_transf_matrix[3][3]   -0.00829264 
_atom_sites.fract_transf_vector[1]      0.596602 
_atom_sites.fract_transf_vector[2]      0.482700 
_atom_sites.fract_transf_vector[3]      0.183434 
# 
_atom_sites_footnote.id     1 
_atom_sites_footnote.text   ? 
# 
loop_
_atom_type.symbol 
B 
C 
N 
O 
S 
# 
loop_
_atom_site.group_PDB 
_atom_site.id 
_atom_site.type_symbol 
_atom_site.label_atom_id 
_atom_site.label_alt_id 
_atom_site.label_comp_id 
_atom_site.label_asym_id 
_atom_site.label_entity_id 
_atom_site.label_seq_id 
_atom_site.pdbx_PDB_ins_code 
_atom_site.Cartn_x 
_atom_site.Cartn_y 
_atom_site.Cartn_z 
_atom_site.occupancy 
_atom_site.B_iso_or_equiv 
_atom_site.pdbx_formal_charge 
_atom_site.auth_seq_id 
_atom_site.auth_comp_id 
_atom_site.auth_asym_id 
_atom_site.auth_atom_id 
_atom_site.pdbx_PDB_model_num 
ATOM   1    N N   . ALA A 1 1   A -9.191  14.303  8.464   1.00 11.14 ? 15  ALA A N   1 
ATOM   2    C CA  . ALA A 1 1   A -7.803  13.828  8.621   1.00 11.45 ? 15  ALA A CA  1 
ATOM   3    C C   . ALA A 1 1   A -7.079  14.239  7.329   1.00 12.85 ? 15  ALA A C   1 
ATOM   4    O O   . ALA A 1 1   A -7.786  14.365  6.305   1.00 12.55 ? 15  ALA A O   1 
ATOM   5    C CB  . ALA A 1 1   A -7.679  12.321  8.819   1.00 10.46 ? 15  ALA A CB  1 
ATOM   6    N N   . ASN A 1 2   B -5.757  14.399  7.443   1.00 12.84 ? 15  ASN A N   1 
ATOM   7    C CA  . ASN A 1 2   B -4.917  14.717  6.288   1.00 11.76 ? 15  ASN A CA  1 
ATOM   8    C C   . ASN A 1 2   B -4.555  13.310  5.743   1.00 12.07 ? 15  ASN A C   1 
ATOM   9    O O   . ASN A 1 2   B -4.051  12.537  6.599   1.00 11.98 ? 15  ASN A O   1 
ATOM   10   C CB  . ASN A 1 2   B -3.646  15.511  6.658   1.00 10.39 ? 15  ASN A CB  1 
ATOM   11   C CG  . ASN A 1 2   B -4.028  16.978  6.816   1.00 11.99 ? 15  ASN A CG  1 
ATOM   12   O OD1 . ASN A 1 2   B -5.236  17.304  6.837   1.00 13.09 ? 15  ASN A OD1 1 
ATOM   13   N ND2 . ASN A 1 2   B -3.136  17.928  6.935   1.00 11.69 ? 15  ASN A ND2 1 
ATOM   14   N N   . ILE A 1 3   ? -4.830  13.073  4.476   1.00 10.60 ? 16  ILE A N   1 
ATOM   15   C CA  . ILE A 1 3   ? -4.513  11.697  3.978   1.00 8.53  ? 16  ILE A CA  1 
ATOM   16   C C   . ILE A 1 3   ? -3.131  11.684  3.347   1.00 9.78  ? 16  ILE A C   1 
ATOM   17   O O   . ILE A 1 3   ? -2.994  12.304  2.274   1.00 9.71  ? 16  ILE A O   1 
ATOM   18   C CB  . ILE A 1 3   ? -5.590  11.334  2.922   1.00 7.56  ? 16  ILE A CB  1 
ATOM   19   C CG1 . ILE A 1 3   ? -6.974  11.475  3.560   1.00 6.32  ? 16  ILE A CG1 1 
ATOM   20   C CG2 . ILE A 1 3   ? -5.315  9.988   2.223   1.00 6.90  ? 16  ILE A CG2 1 
ATOM   21   C CD1 . ILE A 1 3   ? -7.266  10.647  4.836   1.00 7.86  ? 16  ILE A CD1 1 
ATOM   22   N N   . VAL A 1 4   ? -2.203  10.966  3.959   1.00 9.02  ? 17  VAL A N   1 
ATOM   23   C CA  . VAL A 1 4   ? -0.828  10.835  3.483   1.00 9.14  ? 17  VAL A CA  1 
ATOM   24   C C   . VAL A 1 4   ? -0.479  9.358   3.319   1.00 7.80  ? 17  VAL A C   1 
ATOM   25   O O   . VAL A 1 4   ? -0.905  8.561   4.154   1.00 6.70  ? 17  VAL A O   1 
ATOM   26   C CB  . VAL A 1 4   ? 0.033   11.460  4.642   1.00 8.13  ? 17  VAL A CB  1 
ATOM   27   C CG1 . VAL A 1 4   ? 1.505   11.220  4.456   1.00 9.21  ? 17  VAL A CG1 1 
ATOM   28   C CG2 . VAL A 1 4   ? -0.260  12.949  4.709   1.00 9.53  ? 17  VAL A CG2 1 
ATOM   29   N N   . GLY A 1 5   ? 0.310   9.021   2.327   1.00 7.66  ? 18  GLY A N   1 
ATOM   30   C CA  . GLY A 1 5   ? 0.697   7.616   2.110   1.00 7.55  ? 18  GLY A CA  1 
ATOM   31   C C   . GLY A 1 5   ? 1.492   7.126   3.328   1.00 9.15  ? 18  GLY A C   1 
ATOM   32   O O   . GLY A 1 5   ? 2.376   7.882   3.820   1.00 10.96 ? 18  GLY A O   1 
ATOM   33   N N   . GLY A 1 6   ? 1.218   5.883   3.740   1.00 8.25  ? 19  GLY A N   1 
ATOM   34   C CA  . GLY A 1 6   ? 1.969   5.309   4.863   1.00 8.16  ? 19  GLY A CA  1 
ATOM   35   C C   . GLY A 1 6   ? 1.374   5.364   6.258   1.00 8.95  ? 19  GLY A C   1 
ATOM   36   O O   . GLY A 1 6   ? 1.928   4.628   7.106   1.00 8.54  ? 19  GLY A O   1 
ATOM   37   N N   . ILE A 1 7   ? 0.345   6.196   6.482   1.00 7.71  ? 29  ILE A N   1 
ATOM   38   C CA  . ILE A 1 7   ? -0.198  6.318   7.845   1.00 7.39  ? 29  ILE A CA  1 
ATOM   39   C C   . ILE A 1 7   ? -1.135  5.198   8.205   1.00 8.67  ? 29  ILE A C   1 
ATOM   40   O O   . ILE A 1 7   ? -1.680  4.545   7.294   1.00 8.51  ? 29  ILE A O   1 
ATOM   41   C CB  . ILE A 1 7   ? -0.865  7.719   8.050   1.00 7.99  ? 29  ILE A CB  1 
ATOM   42   C CG1 . ILE A 1 7   ? -2.072  7.884   7.091   1.00 7.83  ? 29  ILE A CG1 1 
ATOM   43   C CG2 . ILE A 1 7   ? 0.205   8.788   7.662   1.00 7.42  ? 29  ILE A CG2 1 
ATOM   44   C CD1 . ILE A 1 7   ? -2.848  9.180   7.507   1.00 9.68  ? 29  ILE A CD1 1 
ATOM   45   N N   . GLU A 1 8   ? -1.358  5.033   9.528   1.00 8.50  ? 30  GLU A N   1 
ATOM   46   C CA  . GLU A 1 8   ? -2.230  3.934   9.946   1.00 8.05  ? 30  GLU A CA  1 
ATOM   47   C C   . GLU A 1 8   ? -3.705  4.277   9.813   1.00 10.37 ? 30  GLU A C   1 
ATOM   48   O O   . GLU A 1 8   ? -4.116  5.451   9.941   1.00 9.57  ? 30  GLU A O   1 
ATOM   49   C CB  . GLU A 1 8   ? -1.989  3.832   11.439  1.00 7.80  ? 30  GLU A CB  1 
ATOM   50   C CG  . GLU A 1 8   ? -2.888  2.755   12.074  1.00 8.62  ? 30  GLU A CG  1 
ATOM   51   C CD  . GLU A 1 8   ? -2.431  2.739   13.515  1.00 13.07 ? 30  GLU A CD  1 
ATOM   52   O OE1 . GLU A 1 8   ? -3.208  3.129   14.352  1.00 15.14 ? 30  GLU A OE1 1 
ATOM   53   O OE2 . GLU A 1 8   ? -1.316  2.387   13.881  1.00 12.85 ? 30  GLU A OE2 1 
ATOM   54   N N   . TYR A 1 9   ? -4.524  3.220   9.610   1.00 10.03 ? 31  TYR A N   1 
ATOM   55   C CA  . TYR A 1 9   ? -6.001  3.412   9.576   1.00 7.89  ? 31  TYR A CA  1 
ATOM   56   C C   . TYR A 1 9   ? -6.495  2.084   10.155  1.00 9.12  ? 31  TYR A C   1 
ATOM   57   O O   . TYR A 1 9   ? -5.730  1.089   9.955   1.00 8.37  ? 31  TYR A O   1 
ATOM   58   C CB  . TYR A 1 9   ? -6.638  3.856   8.251   1.00 6.98  ? 31  TYR A CB  1 
ATOM   59   C CG  . TYR A 1 9   ? -6.698  2.764   7.222   1.00 6.63  ? 31  TYR A CG  1 
ATOM   60   C CD1 . TYR A 1 9   ? -7.813  1.960   7.050   1.00 6.62  ? 31  TYR A CD1 1 
ATOM   61   C CD2 . TYR A 1 9   ? -5.577  2.527   6.415   1.00 7.07  ? 31  TYR A CD2 1 
ATOM   62   C CE1 . TYR A 1 9   ? -7.798  0.968   6.064   1.00 6.78  ? 31  TYR A CE1 1 
ATOM   63   C CE2 . TYR A 1 9   ? -5.525  1.558   5.425   1.00 7.01  ? 31  TYR A CE2 1 
ATOM   64   C CZ  . TYR A 1 9   ? -6.663  0.761   5.273   1.00 8.68  ? 31  TYR A CZ  1 
ATOM   65   O OH  . TYR A 1 9   ? -6.625  -0.253  4.349   1.00 7.31  ? 31  TYR A OH  1 
ATOM   66   N N   . SER A 1 10  ? -7.668  2.026   10.759  1.00 7.66  ? 32  SER A N   1 
ATOM   67   C CA  . SER A 1 10  ? -8.155  0.744   11.300  1.00 8.88  ? 32  SER A CA  1 
ATOM   68   C C   . SER A 1 10  ? -9.397  0.398   10.471  1.00 11.51 ? 32  SER A C   1 
ATOM   69   O O   . SER A 1 10  ? -10.027 1.324   9.883   1.00 12.69 ? 32  SER A O   1 
ATOM   70   C CB  . SER A 1 10  ? -8.511  0.842   12.772  1.00 9.64  ? 32  SER A CB  1 
ATOM   71   O OG  . SER A 1 10  ? -9.595  1.792   12.888  1.00 10.80 ? 32  SER A OG  1 
ATOM   72   N N   . ILE A 1 11  ? -9.747  -0.884  10.463  1.00 10.39 ? 33  ILE A N   1 
ATOM   73   C CA  . ILE A 1 11  ? -10.922 -1.338  9.688   1.00 9.83  ? 33  ILE A CA  1 
ATOM   74   C C   . ILE A 1 11  ? -11.911 -1.968  10.671  1.00 12.05 ? 33  ILE A C   1 
ATOM   75   O O   . ILE A 1 11  ? -11.446 -2.908  11.379  1.00 12.15 ? 33  ILE A O   1 
ATOM   76   C CB  . ILE A 1 11  ? -10.412 -2.373  8.600   1.00 8.72  ? 33  ILE A CB  1 
ATOM   77   C CG1 . ILE A 1 11  ? -9.278  -1.813  7.755   1.00 6.88  ? 33  ILE A CG1 1 
ATOM   78   C CG2 . ILE A 1 11  ? -11.637 -2.866  7.770   1.00 9.81  ? 33  ILE A CG2 1 
ATOM   79   C CD1 . ILE A 1 11  ? -7.809  -1.990  8.179   1.00 5.51  ? 33  ILE A CD1 1 
ATOM   80   N N   . ASN A 1 12  ? -13.142 -1.499  10.718  1.00 10.62 ? 34  ASN A N   1 
ATOM   81   C CA  . ASN A 1 12  ? -14.139 -2.008  11.622  1.00 11.36 ? 34  ASN A CA  1 
ATOM   82   C C   . ASN A 1 12  ? -13.638 -2.132  13.054  1.00 12.33 ? 34  ASN A C   1 
ATOM   83   O O   . ASN A 1 12  ? -13.961 -3.137  13.761  1.00 9.89  ? 34  ASN A O   1 
ATOM   84   C CB  . ASN A 1 12  ? -14.604 -3.366  11.101  1.00 14.68 ? 34  ASN A CB  1 
ATOM   85   C CG  . ASN A 1 12  ? -15.472 -3.163  9.855   1.00 16.57 ? 34  ASN A CG  1 
ATOM   86   O OD1 . ASN A 1 12  ? -15.986 -2.083  9.546   1.00 15.96 ? 34  ASN A OD1 1 
ATOM   87   N ND2 . ASN A 1 12  ? -15.675 -4.251  9.119   1.00 17.66 ? 34  ASN A ND2 1 
ATOM   88   N N   . ASN A 1 13  ? -12.892 -1.131  13.481  1.00 12.03 ? 35  ASN A N   1 
ATOM   89   C CA  . ASN A 1 13  ? -12.325 -1.088  14.832  1.00 12.87 ? 35  ASN A CA  1 
ATOM   90   C C   . ASN A 1 13  ? -11.495 -2.311  15.209  1.00 13.99 ? 35  ASN A C   1 
ATOM   91   O O   . ASN A 1 13  ? -11.413 -2.574  16.445  1.00 12.86 ? 35  ASN A O   1 
ATOM   92   C CB  . ASN A 1 13  ? -13.526 -1.024  15.792  1.00 14.84 ? 35  ASN A CB  1 
ATOM   93   C CG  . ASN A 1 13  ? -13.879 0.426   16.082  1.00 17.72 ? 35  ASN A CG  1 
ATOM   94   O OD1 . ASN A 1 13  ? -12.935 1.238   16.082  1.00 18.86 ? 35  ASN A OD1 1 
ATOM   95   N ND2 . ASN A 1 13  ? -15.161 0.655   16.344  1.00 17.67 ? 35  ASN A ND2 1 
ATOM   96   N N   . ALA A 1 14  ? -10.942 -3.003  14.190  1.00 12.58 ? 39  ALA A N   1 
ATOM   97   C CA  . ALA A 1 14  ? -10.166 -4.238  14.539  1.00 11.48 ? 39  ALA A CA  1 
ATOM   98   C C   . ALA A 1 14  ? -8.809  -4.260  13.874  1.00 11.57 ? 39  ALA A C   1 
ATOM   99   O O   . ALA A 1 14  ? -7.845  -3.879  14.549  1.00 15.40 ? 39  ALA A O   1 
ATOM   100  C CB  . ALA A 1 14  ? -10.989 -5.510  14.210  1.00 9.50  ? 39  ALA A CB  1 
ATOM   101  N N   . SER A 1 15  ? -8.678  -4.645  12.658  1.00 10.34 ? 40  SER A N   1 
ATOM   102  C CA  . SER A 1 15  ? -7.402  -4.682  11.931  1.00 11.72 ? 40  SER A CA  1 
ATOM   103  C C   . SER A 1 15  ? -6.825  -3.292  11.658  1.00 8.95  ? 40  SER A C   1 
ATOM   104  O O   . SER A 1 15  ? -7.528  -2.285  11.608  1.00 8.97  ? 40  SER A O   1 
ATOM   105  C CB  . SER A 1 15  ? -7.805  -5.288  10.562  1.00 12.80 ? 40  SER A CB  1 
ATOM   106  O OG  . SER A 1 15  ? -7.966  -6.705  10.699  1.00 18.98 ? 40  SER A OG  1 
ATOM   107  N N   . LEU A 1 16  ? -5.521  -3.216  11.468  1.00 8.81  ? 41  LEU A N   1 
ATOM   108  C CA  . LEU A 1 16  ? -4.771  -2.011  11.111  1.00 9.35  ? 41  LEU A CA  1 
ATOM   109  C C   . LEU A 1 16  ? -4.132  -2.268  9.725   1.00 8.55  ? 41  LEU A C   1 
ATOM   110  O O   . LEU A 1 16  ? -3.729  -3.403  9.468   1.00 7.91  ? 41  LEU A O   1 
ATOM   111  C CB  . LEU A 1 16  ? -3.617  -1.669  12.075  1.00 8.60  ? 41  LEU A CB  1 
ATOM   112  C CG  . LEU A 1 16  ? -4.052  -1.500  13.535  1.00 9.38  ? 41  LEU A CG  1 
ATOM   113  C CD1 . LEU A 1 16  ? -2.834  -1.134  14.370  1.00 7.79  ? 41  LEU A CD1 1 
ATOM   114  C CD2 . LEU A 1 16  ? -5.075  -0.380  13.564  1.00 9.81  ? 41  LEU A CD2 1 
ATOM   115  N N   . CYS A 1 17  ? -4.133  -1.219  8.947   1.00 5.49  ? 42  CYS A N   1 
ATOM   116  C CA  . CYS A 1 17  ? -3.409  -1.259  7.637   1.00 6.61  ? 42  CYS A CA  1 
ATOM   117  C C   . CYS A 1 17  ? -2.756  0.121   7.453   1.00 5.11  ? 42  CYS A C   1 
ATOM   118  O O   . CYS A 1 17  ? -2.898  1.022   8.317   1.00 8.05  ? 42  CYS A O   1 
ATOM   119  C CB  . CYS A 1 17  ? -4.330  -1.704  6.520   1.00 5.92  ? 42  CYS A CB  1 
ATOM   120  S SG  . CYS A 1 17  ? -4.415  -3.521  6.344   1.00 9.50  ? 42  CYS A SG  1 
ATOM   121  N N   . SER A 1 18  ? -2.109  0.354   6.354   1.00 3.69  ? 43  SER A N   1 
ATOM   122  C CA  . SER A 1 18  ? -1.480  1.630   6.040   1.00 4.80  ? 43  SER A CA  1 
ATOM   123  C C   . SER A 1 18  ? -2.145  2.190   4.747   1.00 6.63  ? 43  SER A C   1 
ATOM   124  O O   . SER A 1 18  ? -2.502  1.397   3.873   1.00 5.67  ? 43  SER A O   1 
ATOM   125  C CB  . SER A 1 18  ? 0.013   1.463   5.775   1.00 4.44  ? 43  SER A CB  1 
ATOM   126  O OG  . SER A 1 18  ? 0.581   0.868   6.930   1.00 5.23  ? 43  SER A OG  1 
ATOM   127  N N   . VAL A 1 19  ? -2.136  3.530   4.669   1.00 7.18  ? 44  VAL A N   1 
ATOM   128  C CA  . VAL A 1 19  ? -2.711  4.162   3.456   1.00 5.95  ? 44  VAL A CA  1 
ATOM   129  C C   . VAL A 1 19  ? -1.699  4.031   2.317   1.00 5.34  ? 44  VAL A C   1 
ATOM   130  O O   . VAL A 1 19  ? -0.503  4.240   2.575   1.00 5.71  ? 44  VAL A O   1 
ATOM   131  C CB  . VAL A 1 19  ? -2.929  5.650   3.823   1.00 7.52  ? 44  VAL A CB  1 
ATOM   132  C CG1 . VAL A 1 19  ? -3.235  6.462   2.575   1.00 6.25  ? 44  VAL A CG1 1 
ATOM   133  C CG2 . VAL A 1 19  ? -4.000  5.890   4.873   1.00 6.47  ? 44  VAL A CG2 1 
ATOM   134  N N   . GLY A 1 20  ? -2.205  3.745   1.135   1.00 4.44  ? 45  GLY A N   1 
ATOM   135  C CA  . GLY A 1 20  ? -1.312  3.639   -0.031  1.00 4.41  ? 45  GLY A CA  1 
ATOM   136  C C   . GLY A 1 20  ? -1.126  5.036   -0.654  1.00 5.27  ? 45  GLY A C   1 
ATOM   137  O O   . GLY A 1 20  ? -0.069  5.623   -0.495  1.00 4.85  ? 45  GLY A O   1 
ATOM   138  N N   . PHE A 1 21  ? -2.093  5.522   -1.402  1.00 4.81  ? 46  PHE A N   1 
ATOM   139  C CA  . PHE A 1 21  ? -2.091  6.793   -2.103  1.00 4.94  ? 46  PHE A CA  1 
ATOM   140  C C   . PHE A 1 21  ? -3.440  7.511   -2.175  1.00 6.56  ? 46  PHE A C   1 
ATOM   141  O O   . PHE A 1 21  ? -4.465  6.837   -2.377  1.00 8.14  ? 46  PHE A O   1 
ATOM   142  C CB  . PHE A 1 21  ? -1.676  6.705   -3.611  1.00 4.72  ? 46  PHE A CB  1 
ATOM   143  C CG  . PHE A 1 21  ? -0.278  6.142   -3.719  1.00 7.56  ? 46  PHE A CG  1 
ATOM   144  C CD1 . PHE A 1 21  ? 0.865   6.925   -3.469  1.00 7.31  ? 46  PHE A CD1 1 
ATOM   145  C CD2 . PHE A 1 21  ? -0.157  4.752   -3.953  1.00 7.33  ? 46  PHE A CD2 1 
ATOM   146  C CE1 . PHE A 1 21  ? 2.136   6.352   -3.522  1.00 6.27  ? 46  PHE A CE1 1 
ATOM   147  C CE2 . PHE A 1 21  ? 1.109   4.131   -4.000  1.00 7.48  ? 46  PHE A CE2 1 
ATOM   148  C CZ  . PHE A 1 21  ? 2.227   4.961   -3.764  1.00 7.69  ? 46  PHE A CZ  1 
ATOM   149  N N   . SER A 1 22  ? -3.407  8.844   -2.029  1.00 6.74  ? 47  SER A N   1 
ATOM   150  C CA  . SER A 1 22  ? -4.568  9.678   -2.199  1.00 7.05  ? 47  SER A CA  1 
ATOM   151  C C   . SER A 1 22  ? -4.957  9.600   -3.704  1.00 8.09  ? 47  SER A C   1 
ATOM   152  O O   . SER A 1 22  ? -4.066  9.769   -4.562  1.00 8.96  ? 47  SER A O   1 
ATOM   153  C CB  . SER A 1 22  ? -4.157  11.130  -1.925  1.00 7.26  ? 47  SER A CB  1 
ATOM   154  O OG  . SER A 1 22  ? -4.008  11.280  -0.525  1.00 9.02  ? 47  SER A OG  1 
ATOM   155  N N   . VAL A 1 23  ? -6.259  9.513   -3.991  1.00 8.56  ? 48  VAL A N   1 
ATOM   156  C CA  . VAL A 1 23  ? -6.701  9.470   -5.398  1.00 8.76  ? 48  VAL A CA  1 
ATOM   157  C C   . VAL A 1 23  ? -8.075  10.156  -5.464  1.00 9.69  ? 48  VAL A C   1 
ATOM   158  O O   . VAL A 1 23  ? -8.663  10.329  -4.384  1.00 9.77  ? 48  VAL A O   1 
ATOM   159  C CB  . VAL A 1 23  ? -6.944  8.008   -5.861  1.00 6.75  ? 48  VAL A CB  1 
ATOM   160  C CG1 . VAL A 1 23  ? -5.642  7.249   -6.044  1.00 6.53  ? 48  VAL A CG1 1 
ATOM   161  C CG2 . VAL A 1 23  ? -7.977  7.239   -5.004  1.00 4.26  ? 48  VAL A CG2 1 
ATOM   162  N N   . THR A 1 24  A -8.486  10.412  -6.680  1.00 8.87  ? 48  THR A N   1 
ATOM   163  C CA  . THR A 1 24  A -9.875  10.908  -6.827  1.00 10.09 ? 48  THR A CA  1 
ATOM   164  C C   . THR A 1 24  A -10.558 10.017  -7.918  1.00 11.75 ? 48  THR A C   1 
ATOM   165  O O   . THR A 1 24  A -9.901  9.440   -8.827  1.00 11.17 ? 48  THR A O   1 
ATOM   166  C CB  . THR A 1 24  A -10.012 12.412  -7.272  1.00 10.67 ? 48  THR A CB  1 
ATOM   167  O OG1 . THR A 1 24  A -9.311  12.500  -8.551  1.00 9.31  ? 48  THR A OG1 1 
ATOM   168  C CG2 . THR A 1 24  A -9.478  13.389  -6.221  1.00 11.12 ? 48  THR A CG2 1 
ATOM   169  N N   . ARG A 1 25  B -11.887 10.026  -7.813  1.00 12.13 ? 48  ARG A N   1 
ATOM   170  C CA  . ARG A 1 25  B -12.750 9.376   -8.841  1.00 13.77 ? 48  ARG A CA  1 
ATOM   171  C C   . ARG A 1 25  B -13.868 10.399  -9.073  1.00 12.46 ? 48  ARG A C   1 
ATOM   172  O O   . ARG A 1 25  B -14.875 10.360  -8.345  1.00 12.99 ? 48  ARG A O   1 
ATOM   173  C CB  . ARG A 1 25  B -13.249 8.113   -8.156  1.00 16.98 ? 48  ARG A CB  1 
ATOM   174  C CG  . ARG A 1 25  B -13.371 7.011   -9.221  1.00 22.81 ? 48  ARG A CG  1 
ATOM   175  C CD  . ARG A 1 25  B -14.843 7.165   -9.434  1.00 26.50 ? 48  ARG A CD  1 
ATOM   176  N NE  . ARG A 1 25  B -15.353 5.852   -9.273  1.00 29.93 ? 48  ARG A NE  1 
ATOM   177  C CZ  . ARG A 1 25  B -16.427 5.365   -8.680  1.00 32.52 ? 48  ARG A CZ  1 
ATOM   178  N NH1 . ARG A 1 25  B -16.446 4.093   -9.120  1.00 34.01 ? 48  ARG A NH1 1 
ATOM   179  N NH2 . ARG A 1 25  B -17.216 5.950   -7.789  1.00 32.76 ? 48  ARG A NH2 1 
ATOM   180  N N   . GLY A 1 26  C -13.672 11.313  -9.994  1.00 12.14 ? 48  GLY A N   1 
ATOM   181  C CA  . GLY A 1 26  C -14.642 12.406  -10.255 1.00 11.18 ? 48  GLY A CA  1 
ATOM   182  C C   . GLY A 1 26  C -14.529 13.243  -8.986  1.00 13.41 ? 48  GLY A C   1 
ATOM   183  O O   . GLY A 1 26  C -13.399 13.409  -8.438  1.00 14.44 ? 48  GLY A O   1 
ATOM   184  N N   . ALA A 1 27  D -15.618 13.741  -8.443  1.00 11.46 ? 48  ALA A N   1 
ATOM   185  C CA  . ALA A 1 27  D -15.619 14.529  -7.228  1.00 11.47 ? 48  ALA A CA  1 
ATOM   186  C C   . ALA A 1 27  D -15.365 13.662  -5.997  1.00 13.33 ? 48  ALA A C   1 
ATOM   187  O O   . ALA A 1 27  D -15.308 14.271  -4.913  1.00 14.95 ? 48  ALA A O   1 
ATOM   188  C CB  . ALA A 1 27  D -17.049 15.078  -7.253  1.00 10.18 ? 48  ALA A CB  1 
ATOM   189  N N   . THR A 1 28  ? -15.303 12.318  -6.064  1.00 12.34 ? 49  THR A N   1 
ATOM   190  C CA  . THR A 1 28  ? -15.096 11.521  -4.856  1.00 11.46 ? 49  THR A CA  1 
ATOM   191  C C   . THR A 1 28  ? -13.626 11.452  -4.451  1.00 11.04 ? 49  THR A C   1 
ATOM   192  O O   . THR A 1 28  ? -12.786 11.213  -5.323  1.00 11.51 ? 49  THR A O   1 
ATOM   193  C CB  . THR A 1 28  ? -15.578 10.015  -5.047  1.00 12.57 ? 49  THR A CB  1 
ATOM   194  O OG1 . THR A 1 28  ? -16.922 10.238  -5.575  1.00 13.27 ? 49  THR A OG1 1 
ATOM   195  C CG2 . THR A 1 28  ? -15.632 9.227   -3.732  1.00 11.01 ? 49  THR A CG2 1 
ATOM   196  N N   . LYS A 1 29  ? -13.355 11.617  -3.182  1.00 9.42  ? 50  LYS A N   1 
ATOM   197  C CA  . LYS A 1 29  ? -11.956 11.520  -2.651  1.00 8.43  ? 50  LYS A CA  1 
ATOM   198  C C   . LYS A 1 29  ? -11.842 10.064  -2.182  1.00 8.68  ? 50  LYS A C   1 
ATOM   199  O O   . LYS A 1 29  ? -12.850 9.397   -1.785  1.00 7.84  ? 50  LYS A O   1 
ATOM   200  C CB  . LYS A 1 29  ? -11.809 12.455  -1.440  1.00 8.87  ? 50  LYS A CB  1 
ATOM   201  C CG  . LYS A 1 29  ? -12.099 13.924  -1.863  1.00 9.75  ? 50  LYS A CG  1 
ATOM   202  C CD  . LYS A 1 29  ? -11.894 14.700  -0.559  1.00 12.20 ? 50  LYS A CD  1 
ATOM   203  C CE  . LYS A 1 29  ? -12.232 16.156  -0.813  1.00 13.67 ? 50  LYS A CE  1 
ATOM   204  N NZ  . LYS A 1 29  ? -11.926 17.004  0.415   1.00 13.10 ? 50  LYS A NZ  1 
ATOM   205  N N   . GLY A 1 30  ? -10.616 9.547   -2.243  1.00 8.06  ? 51  GLY A N   1 
ATOM   206  C CA  . GLY A 1 30  ? -10.369 8.168   -1.806  1.00 7.09  ? 51  GLY A CA  1 
ATOM   207  C C   . GLY A 1 30  ? -8.855  7.928   -1.580  1.00 8.43  ? 51  GLY A C   1 
ATOM   208  O O   . GLY A 1 30  ? -8.036  8.870   -1.762  1.00 8.31  ? 51  GLY A O   1 
ATOM   209  N N   . PHE A 1 31  ? -8.549  6.715   -1.160  1.00 6.01  ? 52  PHE A N   1 
ATOM   210  C CA  . PHE A 1 31  ? -7.170  6.285   -1.068  1.00 8.15  ? 52  PHE A CA  1 
ATOM   211  C C   . PHE A 1 31  ? -7.129  4.828   -1.557  1.00 7.28  ? 52  PHE A C   1 
ATOM   212  O O   . PHE A 1 31  ? -8.116  4.122   -1.256  1.00 8.27  ? 52  PHE A O   1 
ATOM   213  C CB  . PHE A 1 31  ? -6.437  6.556   0.223   1.00 7.05  ? 52  PHE A CB  1 
ATOM   214  C CG  . PHE A 1 31  ? -6.930  5.774   1.400   1.00 9.45  ? 52  PHE A CG  1 
ATOM   215  C CD1 . PHE A 1 31  ? -6.532  4.442   1.560   1.00 9.72  ? 52  PHE A CD1 1 
ATOM   216  C CD2 . PHE A 1 31  ? -7.688  6.393   2.398   1.00 9.41  ? 52  PHE A CD2 1 
ATOM   217  C CE1 . PHE A 1 31  ? -6.872  3.711   2.697   1.00 7.68  ? 52  PHE A CE1 1 
ATOM   218  C CE2 . PHE A 1 31  ? -8.053  5.653   3.551   1.00 10.66 ? 52  PHE A CE2 1 
ATOM   219  C CZ  . PHE A 1 31  ? -7.637  4.308   3.666   1.00 8.92  ? 52  PHE A CZ  1 
ATOM   220  N N   . VAL A 1 32  ? -6.041  4.426   -2.179  1.00 6.91  ? 53  VAL A N   1 
ATOM   221  C CA  . VAL A 1 32  ? -5.851  3.042   -2.598  1.00 7.29  ? 53  VAL A CA  1 
ATOM   222  C C   . VAL A 1 32  ? -5.099  2.339   -1.464  1.00 7.53  ? 53  VAL A C   1 
ATOM   223  O O   . VAL A 1 32  ? -4.311  3.032   -0.775  1.00 7.25  ? 53  VAL A O   1 
ATOM   224  C CB  . VAL A 1 32  ? -5.136  2.808   -3.942  1.00 8.63  ? 53  VAL A CB  1 
ATOM   225  C CG1 . VAL A 1 32  ? -5.976  3.423   -5.063  1.00 8.64  ? 53  VAL A CG1 1 
ATOM   226  C CG2 . VAL A 1 32  ? -3.796  3.455   -4.017  1.00 11.55 ? 53  VAL A CG2 1 
ATOM   227  N N   . THR A 1 33  ? -5.392  1.057   -1.312  1.00 7.11  ? 54  THR A N   1 
ATOM   228  C CA  . THR A 1 33  ? -4.787  0.242   -0.238  1.00 8.78  ? 54  THR A CA  1 
ATOM   229  C C   . THR A 1 33  ? -4.842  -1.231  -0.659  1.00 10.76 ? 54  THR A C   1 
ATOM   230  O O   . THR A 1 33  ? -5.168  -1.507  -1.843  1.00 12.21 ? 54  THR A O   1 
ATOM   231  C CB  . THR A 1 33  ? -5.622  0.560   1.058   1.00 8.11  ? 54  THR A CB  1 
ATOM   232  O OG1 . THR A 1 33  ? -4.826  0.122   2.200   1.00 7.24  ? 54  THR A OG1 1 
ATOM   233  C CG2 . THR A 1 33  ? -7.024  -0.061  1.087   1.00 7.36  ? 54  THR A CG2 1 
ATOM   234  N N   . ALA A 1 34  ? -4.555  -2.163  0.233   1.00 9.68  ? 55  ALA A N   1 
ATOM   235  C CA  . ALA A 1 34  ? -4.580  -3.584  -0.078  1.00 8.55  ? 55  ALA A CA  1 
ATOM   236  C C   . ALA A 1 34  ? -5.993  -4.181  0.032   1.00 8.15  ? 55  ALA A C   1 
ATOM   237  O O   . ALA A 1 34  ? -6.665  -3.766  0.966   1.00 7.13  ? 55  ALA A O   1 
ATOM   238  C CB  . ALA A 1 34  ? -3.522  -4.308  0.753   1.00 7.76  ? 55  ALA A CB  1 
ATOM   239  N N   . GLY A 1 35  ? -6.338  -5.127  -0.872  1.00 7.50  ? 56  GLY A N   1 
ATOM   240  C CA  . GLY A 1 35  ? -7.667  -5.733  -0.784  1.00 7.16  ? 56  GLY A CA  1 
ATOM   241  C C   . GLY A 1 35  ? -7.854  -6.556  0.490   1.00 7.24  ? 56  GLY A C   1 
ATOM   242  O O   . GLY A 1 35  ? -8.949  -6.580  1.061   1.00 6.76  ? 56  GLY A O   1 
ATOM   243  N N   . HIS A 1 36  ? -6.756  -7.150  0.934   1.00 7.02  ? 57  HIS A N   1 
ATOM   244  C CA  . HIS A 1 36  ? -6.912  -7.985  2.137   1.00 8.34  ? 57  HIS A CA  1 
ATOM   245  C C   . HIS A 1 36  ? -7.173  -7.082  3.327   1.00 9.59  ? 57  HIS A C   1 
ATOM   246  O O   . HIS A 1 36  ? -7.519  -7.807  4.293   1.00 10.34 ? 57  HIS A O   1 
ATOM   247  C CB  . HIS A 1 36  ? -5.804  -8.988  2.402   1.00 8.62  ? 57  HIS A CB  1 
ATOM   248  C CG  . HIS A 1 36  ? -4.524  -8.349  2.889   1.00 9.82  ? 57  HIS A CG  1 
ATOM   249  N ND1 . HIS A 1 36  ? -3.460  -7.963  2.087   1.00 10.77 ? 57  HIS A ND1 1 
ATOM   250  C CD2 . HIS A 1 36  ? -4.207  -8.024  4.180   1.00 9.23  ? 57  HIS A CD2 1 
ATOM   251  C CE1 . HIS A 1 36  ? -2.486  -7.493  2.889   1.00 10.08 ? 57  HIS A CE1 1 
ATOM   252  N NE2 . HIS A 1 36  ? -2.956  -7.507  4.132   1.00 8.84  ? 57  HIS A NE2 1 
ATOM   253  N N   . CYS A 1 37  ? -7.031  -5.790  3.341   1.00 7.24  ? 58  CYS A N   1 
ATOM   254  C CA  . CYS A 1 37  ? -7.327  -5.069  4.578   1.00 8.29  ? 58  CYS A CA  1 
ATOM   255  C C   . CYS A 1 37  ? -8.809  -4.982  4.952   1.00 9.78  ? 58  CYS A C   1 
ATOM   256  O O   . CYS A 1 37  ? -9.073  -4.760  6.179   1.00 9.91  ? 58  CYS A O   1 
ATOM   257  C CB  . CYS A 1 37  ? -6.771  -3.591  4.437   1.00 8.61  ? 58  CYS A CB  1 
ATOM   258  S SG  . CYS A 1 37  ? -4.932  -3.725  4.385   1.00 9.37  ? 58  CYS A SG  1 
ATOM   259  N N   . GLY A 1 38  ? -9.728  -5.033  3.988   1.00 10.37 ? 59  GLY A N   1 
ATOM   260  C CA  . GLY A 1 38  ? -11.156 -4.869  4.340   1.00 11.14 ? 59  GLY A CA  1 
ATOM   261  C C   . GLY A 1 38  ? -12.174 -5.412  3.390   1.00 12.30 ? 59  GLY A C   1 
ATOM   262  O O   . GLY A 1 38  ? -11.764 -5.635  2.243   1.00 14.99 ? 59  GLY A O   1 
ATOM   263  N N   . THR A 1 39  ? -13.418 -5.608  3.737   1.00 12.11 ? 62  THR A N   1 
ATOM   264  C CA  . THR A 1 39  ? -14.425 -6.055  2.743   1.00 13.25 ? 62  THR A CA  1 
ATOM   265  C C   . THR A 1 39  ? -15.170 -4.823  2.307   1.00 13.69 ? 62  THR A C   1 
ATOM   266  O O   . THR A 1 39  ? -15.050 -3.788  3.034   1.00 14.78 ? 62  THR A O   1 
ATOM   267  C CB  . THR A 1 39  ? -15.416 -7.085  3.440   1.00 14.14 ? 62  THR A CB  1 
ATOM   268  O OG1 . THR A 1 39  ? -15.556 -6.542  4.785   1.00 15.62 ? 62  THR A OG1 1 
ATOM   269  C CG2 . THR A 1 39  ? -14.629 -8.399  3.473   1.00 15.78 ? 62  THR A CG2 1 
ATOM   270  N N   . VAL A 1 40  ? -15.909 -4.928  1.216   1.00 13.61 ? 63  VAL A N   1 
ATOM   271  C CA  . VAL A 1 40  ? -16.670 -3.757  0.712   1.00 13.82 ? 63  VAL A CA  1 
ATOM   272  C C   . VAL A 1 40  ? -17.537 -3.255  1.843   1.00 14.94 ? 63  VAL A C   1 
ATOM   273  O O   . VAL A 1 40  ? -17.973 -4.164  2.559   1.00 14.98 ? 63  VAL A O   1 
ATOM   274  C CB  . VAL A 1 40  ? -17.480 -4.220  -0.510  1.00 16.04 ? 63  VAL A CB  1 
ATOM   275  C CG1 . VAL A 1 40  ? -18.514 -3.136  -0.778  1.00 15.98 ? 63  VAL A CG1 1 
ATOM   276  C CG2 . VAL A 1 40  ? -16.426 -4.404  -1.607  1.00 16.27 ? 63  VAL A CG2 1 
ATOM   277  N N   . ASN A 1 41  ? -17.748 -1.985  2.065   1.00 14.67 ? 64  ASN A N   1 
ATOM   278  C CA  . ASN A 1 41  ? -18.499 -1.397  3.113   1.00 15.61 ? 64  ASN A CA  1 
ATOM   279  C C   . ASN A 1 41  ? -17.837 -1.436  4.485   1.00 15.44 ? 64  ASN A C   1 
ATOM   280  O O   . ASN A 1 41  ? -18.508 -0.790  5.340   1.00 16.73 ? 64  ASN A O   1 
ATOM   281  C CB  . ASN A 1 41  ? -19.976 -1.720  3.217   1.00 20.64 ? 64  ASN A CB  1 
ATOM   282  C CG  . ASN A 1 41  ? -20.704 -1.560  1.913   1.00 24.91 ? 64  ASN A CG  1 
ATOM   283  O OD1 . ASN A 1 41  ? -21.414 -2.513  1.559   1.00 29.24 ? 64  ASN A OD1 1 
ATOM   284  N ND2 . ASN A 1 41  ? -20.532 -0.466  1.197   1.00 27.20 ? 64  ASN A ND2 1 
ATOM   285  N N   . ALA A 1 42  ? -16.683 -2.035  4.702   1.00 14.19 ? 65  ALA A N   1 
ATOM   286  C CA  . ALA A 1 42  ? -16.028 -1.930  6.029   1.00 12.47 ? 65  ALA A CA  1 
ATOM   287  C C   . ALA A 1 42  ? -15.705 -0.446  6.297   1.00 12.18 ? 65  ALA A C   1 
ATOM   288  O O   . ALA A 1 42  ? -15.422 0.362   5.354   1.00 12.81 ? 65  ALA A O   1 
ATOM   289  C CB  . ALA A 1 42  ? -14.716 -2.736  5.986   1.00 12.10 ? 65  ALA A CB  1 
ATOM   290  N N   . THR A 1 43  A -15.748 -0.052  7.560   1.00 10.92 ? 65  THR A N   1 
ATOM   291  C CA  . THR A 1 43  A -15.472 1.324   7.976   1.00 11.89 ? 65  THR A CA  1 
ATOM   292  C C   . THR A 1 43  A -14.010 1.591   8.256   1.00 13.06 ? 65  THR A C   1 
ATOM   293  O O   . THR A 1 43  A -13.405 0.817   9.037   1.00 12.45 ? 65  THR A O   1 
ATOM   294  C CB  . THR A 1 43  A -16.285 1.586   9.312   1.00 13.24 ? 65  THR A CB  1 
ATOM   295  O OG1 . THR A 1 43  A -17.622 1.239   8.887   1.00 15.20 ? 65  THR A OG1 1 
ATOM   296  C CG2 . THR A 1 43  A -16.306 3.082   9.724   1.00 13.69 ? 65  THR A CG2 1 
ATOM   297  N N   . ALA A 1 44  ? -13.484 2.666   7.700   1.00 10.90 ? 66  ALA A N   1 
ATOM   298  C CA  . ALA A 1 44  ? -12.041 2.991   7.924   1.00 10.78 ? 66  ALA A CA  1 
ATOM   299  C C   . ALA A 1 44  ? -11.974 4.142   8.923   1.00 11.06 ? 66  ALA A C   1 
ATOM   300  O O   . ALA A 1 44  ? -12.806 5.067   8.743   1.00 12.80 ? 66  ALA A O   1 
ATOM   301  C CB  . ALA A 1 44  ? -11.501 3.474   6.551   1.00 10.14 ? 66  ALA A CB  1 
ATOM   302  N N   . ARG A 1 45  ? -11.071 4.123   9.871   1.00 9.65  ? 67  ARG A N   1 
ATOM   303  C CA  . ARG A 1 45  ? -10.962 5.190   10.856  1.00 10.96 ? 67  ARG A CA  1 
ATOM   304  C C   . ARG A 1 45  ? -9.503  5.660   10.888  1.00 11.48 ? 67  ARG A C   1 
ATOM   305  O O   . ARG A 1 45  ? -8.620  4.800   10.734  1.00 11.90 ? 67  ARG A O   1 
ATOM   306  C CB  . ARG A 1 45  ? -11.256 4.672   12.287  1.00 9.84  ? 67  ARG A CB  1 
ATOM   307  C CG  . ARG A 1 45  ? -12.786 4.580   12.471  1.00 11.62 ? 67  ARG A CG  1 
ATOM   308  C CD  . ARG A 1 45  ? -13.049 4.022   13.821  1.00 12.83 ? 67  ARG A CD  1 
ATOM   309  N NE  . ARG A 1 45  ? -14.480 3.969   14.076  1.00 14.81 ? 67  ARG A NE  1 
ATOM   310  C CZ  . ARG A 1 45  ? -15.226 2.946   13.633  1.00 16.34 ? 67  ARG A CZ  1 
ATOM   311  N NH1 . ARG A 1 45  ? -14.936 1.850   12.970  1.00 15.78 ? 67  ARG A NH1 1 
ATOM   312  N NH2 . ARG A 1 45  ? -16.534 3.101   13.880  1.00 20.19 ? 67  ARG A NH2 1 
ATOM   313  N N   . ILE A 1 46  ? -9.320  6.936   11.063  1.00 12.23 ? 80  ILE A N   1 
ATOM   314  C CA  . ILE A 1 46  ? -7.977  7.510   11.174  1.00 14.07 ? 80  ILE A CA  1 
ATOM   315  C C   . ILE A 1 46  ? -8.050  8.272   12.517  1.00 15.78 ? 80  ILE A C   1 
ATOM   316  O O   . ILE A 1 46  ? -8.910  9.139   12.653  1.00 16.34 ? 80  ILE A O   1 
ATOM   317  C CB  . ILE A 1 46  ? -7.401  8.320   9.984   1.00 12.75 ? 80  ILE A CB  1 
ATOM   318  C CG1 . ILE A 1 46  ? -7.222  7.372   8.780   1.00 12.09 ? 80  ILE A CG1 1 
ATOM   319  C CG2 . ILE A 1 46  ? -6.051  9.013   10.336  1.00 12.89 ? 80  ILE A CG2 1 
ATOM   320  C CD1 . ILE A 1 46  ? -6.849  8.127   7.485   1.00 12.70 ? 80  ILE A CD1 1 
ATOM   321  N N   . GLY A 1 47  ? -7.178  7.887   13.408  1.00 18.17 ? 81  GLY A N   1 
ATOM   322  C CA  . GLY A 1 47  ? -7.047  8.478   14.738  1.00 20.19 ? 81  GLY A CA  1 
ATOM   323  C C   . GLY A 1 47  ? -8.394  8.457   15.432  1.00 22.73 ? 81  GLY A C   1 
ATOM   324  O O   . GLY A 1 47  ? -8.814  9.483   15.971  1.00 24.95 ? 81  GLY A O   1 
ATOM   325  N N   . GLY A 1 48  ? -9.009  7.292   15.381  1.00 23.82 ? 82  GLY A N   1 
ATOM   326  C CA  . GLY A 1 48  ? -10.329 7.119   15.969  1.00 24.52 ? 82  GLY A CA  1 
ATOM   327  C C   . GLY A 1 48  ? -11.491 7.809   15.258  1.00 24.23 ? 82  GLY A C   1 
ATOM   328  O O   . GLY A 1 48  ? -12.579 7.509   15.794  1.00 25.60 ? 82  GLY A O   1 
ATOM   329  N N   . ALA A 1 49  ? -11.361 8.573   14.205  1.00 20.90 ? 83  ALA A N   1 
ATOM   330  C CA  . ALA A 1 49  ? -12.502 9.164   13.524  1.00 17.77 ? 83  ALA A CA  1 
ATOM   331  C C   . ALA A 1 49  ? -12.796 8.446   12.190  1.00 16.92 ? 83  ALA A C   1 
ATOM   332  O O   . ALA A 1 49  ? -11.865 8.018   11.478  1.00 13.41 ? 83  ALA A O   1 
ATOM   333  C CB  . ALA A 1 49  ? -12.150 10.605  13.186  1.00 17.56 ? 83  ALA A CB  1 
ATOM   334  N N   . VAL A 1 50  ? -14.078 8.290   11.923  1.00 15.07 ? 84  VAL A N   1 
ATOM   335  C CA  . VAL A 1 50  ? -14.537 7.638   10.678  1.00 16.10 ? 84  VAL A CA  1 
ATOM   336  C C   . VAL A 1 50  ? -14.120 8.525   9.495   1.00 14.78 ? 84  VAL A C   1 
ATOM   337  O O   . VAL A 1 50  ? -14.389 9.712   9.563   1.00 15.12 ? 84  VAL A O   1 
ATOM   338  C CB  . VAL A 1 50  ? -16.043 7.315   10.729  1.00 16.29 ? 84  VAL A CB  1 
ATOM   339  C CG1 . VAL A 1 50  ? -16.504 6.883   9.330   1.00 15.61 ? 84  VAL A CG1 1 
ATOM   340  C CG2 . VAL A 1 50  ? -16.309 6.257   11.771  1.00 15.92 ? 84  VAL A CG2 1 
ATOM   341  N N   . VAL A 1 51  ? -13.439 8.008   8.502   1.00 13.45 ? 85  VAL A N   1 
ATOM   342  C CA  . VAL A 1 51  ? -12.995 8.790   7.348   1.00 11.00 ? 85  VAL A CA  1 
ATOM   343  C C   . VAL A 1 51  ? -13.673 8.250   6.076   1.00 13.45 ? 85  VAL A C   1 
ATOM   344  O O   . VAL A 1 51  ? -13.708 9.059   5.132   1.00 14.51 ? 85  VAL A O   1 
ATOM   345  C CB  . VAL A 1 51  ? -11.475 8.833   7.202   1.00 10.37 ? 85  VAL A CB  1 
ATOM   346  C CG1 . VAL A 1 51  ? -10.812 9.556   8.404   1.00 10.63 ? 85  VAL A CG1 1 
ATOM   347  C CG2 . VAL A 1 51  ? -10.843 7.488   6.925   1.00 7.93  ? 85  VAL A CG2 1 
ATOM   348  N N   . GLY A 1 52  ? -14.154 7.008   6.080   1.00 12.20 ? 86  GLY A N   1 
ATOM   349  C CA  . GLY A 1 52  ? -14.821 6.520   4.852   1.00 10.74 ? 86  GLY A CA  1 
ATOM   350  C C   . GLY A 1 52  ? -15.080 5.036   4.902   1.00 11.90 ? 86  GLY A C   1 
ATOM   351  O O   . GLY A 1 52  ? -14.993 4.451   5.995   1.00 12.18 ? 86  GLY A O   1 
ATOM   352  N N   . THR A 1 53  ? -15.380 4.406   3.765   1.00 11.36 ? 87  THR A N   1 
ATOM   353  C CA  . THR A 1 53  ? -15.635 2.982   3.749   1.00 11.61 ? 87  THR A CA  1 
ATOM   354  C C   . THR A 1 53  ? -15.010 2.397   2.460   1.00 10.78 ? 87  THR A C   1 
ATOM   355  O O   . THR A 1 53  ? -14.778 3.092   1.435   1.00 9.58  ? 87  THR A O   1 
ATOM   356  C CB  . THR A 1 53  ? -17.189 2.767   3.785   1.00 14.66 ? 87  THR A CB  1 
ATOM   357  O OG1 . THR A 1 53  ? -17.670 3.479   2.582   1.00 17.34 ? 87  THR A OG1 1 
ATOM   358  C CG2 . THR A 1 53  ? -17.929 3.388   4.973   1.00 14.65 ? 87  THR A CG2 1 
ATOM   359  N N   . PHE A 1 54  ? -14.816 1.076   2.579   1.00 8.47  ? 88  PHE A N   1 
ATOM   360  C CA  . PHE A 1 54  ? -14.215 0.343   1.451   1.00 9.44  ? 88  PHE A CA  1 
ATOM   361  C C   . PHE A 1 54  ? -15.211 0.414   0.279   1.00 12.12 ? 88  PHE A C   1 
ATOM   362  O O   . PHE A 1 54  ? -16.338 -0.043  0.603   1.00 12.53 ? 88  PHE A O   1 
ATOM   363  C CB  . PHE A 1 54  ? -13.878 -1.077  1.859   1.00 8.88  ? 88  PHE A CB  1 
ATOM   364  C CG  . PHE A 1 54  ? -12.495 -1.153  2.456   1.00 7.23  ? 88  PHE A CG  1 
ATOM   365  C CD1 . PHE A 1 54  ? -12.276 -0.596  3.698   1.00 8.93  ? 88  PHE A CD1 1 
ATOM   366  C CD2 . PHE A 1 54  ? -11.486 -1.784  1.746   1.00 7.80  ? 88  PHE A CD2 1 
ATOM   367  C CE1 . PHE A 1 54  ? -11.007 -0.654  4.248   1.00 9.93  ? 88  PHE A CE1 1 
ATOM   368  C CE2 . PHE A 1 54  ? -10.191 -1.839  2.263   1.00 8.87  ? 88  PHE A CE2 1 
ATOM   369  C CZ  . PHE A 1 54  ? -9.965  -1.269  3.528   1.00 8.91  ? 88  PHE A CZ  1 
ATOM   370  N N   . ALA A 1 55  ? -14.780 0.871   -0.897  1.00 11.00 ? 89  ALA A N   1 
ATOM   371  C CA  . ALA A 1 55  ? -15.735 0.945   -1.993  1.00 11.26 ? 89  ALA A CA  1 
ATOM   372  C C   . ALA A 1 55  ? -15.653 -0.266  -2.889  1.00 10.99 ? 89  ALA A C   1 
ATOM   373  O O   . ALA A 1 55  ? -16.658 -0.667  -3.488  1.00 11.07 ? 89  ALA A O   1 
ATOM   374  C CB  . ALA A 1 55  ? -15.484 2.223   -2.791  1.00 10.56 ? 89  ALA A CB  1 
ATOM   375  N N   . ALA A 1 56  ? -14.492 -0.900  -2.927  1.00 10.10 ? 90  ALA A N   1 
ATOM   376  C CA  . ALA A 1 56  ? -14.339 -2.095  -3.765  1.00 10.21 ? 90  ALA A CA  1 
ATOM   377  C C   . ALA A 1 56  ? -13.061 -2.792  -3.411  1.00 12.03 ? 90  ALA A C   1 
ATOM   378  O O   . ALA A 1 56  ? -12.193 -2.022  -2.884  1.00 10.79 ? 90  ALA A O   1 
ATOM   379  C CB  . ALA A 1 56  ? -14.177 -1.596  -5.224  1.00 11.45 ? 90  ALA A CB  1 
ATOM   380  N N   . ARG A 1 57  ? -13.000 -4.097  -3.653  1.00 9.89  ? 91  ARG A N   1 
ATOM   381  C CA  . ARG A 1 57  ? -11.670 -4.720  -3.400  1.00 10.76 ? 91  ARG A CA  1 
ATOM   382  C C   . ARG A 1 57  ? -11.659 -6.001  -4.210  1.00 13.08 ? 91  ARG A C   1 
ATOM   383  O O   . ARG A 1 57  ? -12.742 -6.461  -4.637  1.00 13.72 ? 91  ARG A O   1 
ATOM   384  C CB  . ARG A 1 57  ? -11.413 -5.005  -1.956  1.00 12.32 ? 91  ARG A CB  1 
ATOM   385  C CG  . ARG A 1 57  ? -12.545 -5.750  -1.339  1.00 16.31 ? 91  ARG A CG  1 
ATOM   386  C CD  . ARG A 1 57  ? -12.363 -7.224  -1.292  1.00 18.65 ? 91  ARG A CD  1 
ATOM   387  N NE  . ARG A 1 57  ? -11.875 -7.622  -0.005  1.00 18.61 ? 91  ARG A NE  1 
ATOM   388  C CZ  . ARG A 1 57  ? -11.893 -8.780  0.599   1.00 17.94 ? 91  ARG A CZ  1 
ATOM   389  N NH1 . ARG A 1 57  ? -11.050 -8.952  1.581   1.00 16.65 ? 91  ARG A NH1 1 
ATOM   390  N NH2 . ARG A 1 57  ? -12.630 -9.838  0.444   1.00 19.13 ? 91  ARG A NH2 1 
ATOM   391  N N   . VAL A 1 58  ? -10.476 -6.525  -4.402  1.00 10.77 ? 93  VAL A N   1 
ATOM   392  C CA  . VAL A 1 58  ? -10.248 -7.793  -5.043  1.00 10.17 ? 93  VAL A CA  1 
ATOM   393  C C   . VAL A 1 58  ? -9.204  -8.500  -4.153  1.00 11.53 ? 93  VAL A C   1 
ATOM   394  O O   . VAL A 1 58  ? -8.091  -7.923  -4.074  1.00 12.47 ? 93  VAL A O   1 
ATOM   395  C CB  . VAL A 1 58  ? -9.802  -7.791  -6.506  1.00 10.85 ? 93  VAL A CB  1 
ATOM   396  C CG1 . VAL A 1 58  ? -9.745  -9.251  -7.025  1.00 8.53  ? 93  VAL A CG1 1 
ATOM   397  C CG2 . VAL A 1 58  ? -10.650 -6.914  -7.402  1.00 10.20 ? 93  VAL A CG2 1 
ATOM   398  N N   . PHE A 1 59  ? -9.575  -9.641  -3.562  1.00 11.38 ? 94  PHE A N   1 
ATOM   399  C CA  . PHE A 1 59  ? -8.584  -10.416 -2.784  1.00 10.85 ? 94  PHE A CA  1 
ATOM   400  C C   . PHE A 1 59  ? -9.238  -11.776 -2.518  1.00 10.57 ? 94  PHE A C   1 
ATOM   401  O O   . PHE A 1 59  ? -10.378 -11.734 -2.069  1.00 9.33  ? 94  PHE A O   1 
ATOM   402  C CB  . PHE A 1 59  ? -8.197  -9.777  -1.420  1.00 9.35  ? 94  PHE A CB  1 
ATOM   403  C CG  . PHE A 1 59  ? -7.282  -10.633 -0.591  1.00 10.64 ? 94  PHE A CG  1 
ATOM   404  C CD1 . PHE A 1 59  ? -7.808  -11.469 0.409   1.00 8.94  ? 94  PHE A CD1 1 
ATOM   405  C CD2 . PHE A 1 59  ? -5.906  -10.662 -0.857  1.00 10.61 ? 94  PHE A CD2 1 
ATOM   406  C CE1 . PHE A 1 59  ? -6.975  -12.282 1.136   1.00 9.62  ? 94  PHE A CE1 1 
ATOM   407  C CE2 . PHE A 1 59  ? -5.052  -11.535 -0.113  1.00 9.80  ? 94  PHE A CE2 1 
ATOM   408  C CZ  . PHE A 1 59  ? -5.617  -12.336 0.868   1.00 9.48  ? 94  PHE A CZ  1 
ATOM   409  N N   . PRO A 1 60  A -8.552  -12.868 -2.744  1.00 11.42 ? 99  PRO A N   1 
ATOM   410  C CA  . PRO A 1 60  A -7.217  -13.029 -3.313  1.00 10.91 ? 99  PRO A CA  1 
ATOM   411  C C   . PRO A 1 60  A -7.276  -12.952 -4.846  1.00 10.67 ? 99  PRO A C   1 
ATOM   412  O O   . PRO A 1 60  A -8.244  -12.354 -5.300  1.00 10.85 ? 99  PRO A O   1 
ATOM   413  C CB  . PRO A 1 60  A -6.791  -14.400 -2.755  1.00 10.03 ? 99  PRO A CB  1 
ATOM   414  C CG  . PRO A 1 60  A -8.082  -15.168 -2.837  1.00 9.63  ? 99  PRO A CG  1 
ATOM   415  C CD  . PRO A 1 60  A -9.167  -14.196 -2.424  1.00 10.37 ? 99  PRO A CD  1 
ATOM   416  N N   . GLY A 1 61  ? -6.349  -13.518 -5.590  1.00 10.26 ? 100 GLY A N   1 
ATOM   417  C CA  . GLY A 1 61  ? -6.310  -13.363 -7.052  1.00 10.82 ? 100 GLY A CA  1 
ATOM   418  C C   . GLY A 1 61  ? -5.354  -12.181 -7.327  1.00 10.04 ? 100 GLY A C   1 
ATOM   419  O O   . GLY A 1 61  ? -4.238  -12.257 -7.812  1.00 10.11 ? 100 GLY A O   1 
ATOM   420  N N   . ASN A 1 62  ? -5.872  -11.024 -6.915  1.00 11.55 ? 101 ASN A N   1 
ATOM   421  C CA  . ASN A 1 62  ? -5.168  -9.708  -6.880  1.00 10.37 ? 101 ASN A CA  1 
ATOM   422  C C   . ASN A 1 62  ? -5.177  -9.305  -5.383  1.00 9.23  ? 101 ASN A C   1 
ATOM   423  O O   . ASN A 1 62  ? -5.683  -10.126 -4.560  1.00 10.77 ? 101 ASN A O   1 
ATOM   424  C CB  . ASN A 1 62  ? -5.887  -8.595  -7.667  1.00 9.04  ? 101 ASN A CB  1 
ATOM   425  C CG  . ASN A 1 62  ? -6.116  -9.000  -9.107  1.00 11.18 ? 101 ASN A CG  1 
ATOM   426  O OD1 . ASN A 1 62  ? -5.232  -9.381  -9.880  1.00 13.96 ? 101 ASN A OD1 1 
ATOM   427  N ND2 . ASN A 1 62  ? -7.359  -8.978  -9.529  1.00 10.88 ? 101 ASN A ND2 1 
ATOM   428  N N   . ASP A 1 63  ? -4.712  -8.112  -5.057  1.00 8.64  ? 102 ASP A N   1 
ATOM   429  C CA  . ASP A 1 63  ? -4.784  -7.676  -3.642  1.00 6.91  ? 102 ASP A CA  1 
ATOM   430  C C   . ASP A 1 63  ? -4.872  -6.148  -3.712  1.00 7.49  ? 102 ASP A C   1 
ATOM   431  O O   . ASP A 1 63  ? -3.878  -5.452  -3.472  1.00 7.40  ? 102 ASP A O   1 
ATOM   432  C CB  . ASP A 1 63  ? -3.534  -8.180  -2.894  1.00 5.85  ? 102 ASP A CB  1 
ATOM   433  C CG  . ASP A 1 63  ? -3.736  -7.926  -1.396  1.00 7.82  ? 102 ASP A CG  1 
ATOM   434  O OD1 . ASP A 1 63  ? -2.832  -8.227  -0.611  1.00 8.38  ? 102 ASP A OD1 1 
ATOM   435  O OD2 . ASP A 1 63  ? -4.792  -7.408  -0.950  1.00 8.21  ? 102 ASP A OD2 1 
ATOM   436  N N   . ARG A 1 64  ? -6.068  -5.619  -3.949  1.00 8.32  ? 103 ARG A N   1 
ATOM   437  C CA  . ARG A 1 64  ? -6.250  -4.176  -4.129  1.00 8.46  ? 103 ARG A CA  1 
ATOM   438  C C   . ARG A 1 64  ? -7.595  -3.739  -3.583  1.00 8.80  ? 103 ARG A C   1 
ATOM   439  O O   . ARG A 1 64  ? -8.525  -4.566  -3.558  1.00 10.22 ? 103 ARG A O   1 
ATOM   440  C CB  . ARG A 1 64  ? -6.186  -3.830  -5.656  1.00 6.63  ? 103 ARG A CB  1 
ATOM   441  C CG  . ARG A 1 64  ? -7.284  -4.561  -6.511  1.00 7.84  ? 103 ARG A CG  1 
ATOM   442  C CD  . ARG A 1 64  ? -7.164  -4.581  -7.996  1.00 8.15  ? 103 ARG A CD  1 
ATOM   443  N NE  . ARG A 1 64  ? -5.880  -5.139  -8.447  1.00 7.93  ? 103 ARG A NE  1 
ATOM   444  C CZ  . ARG A 1 64  ? -5.573  -5.403  -9.722  1.00 8.90  ? 103 ARG A CZ  1 
ATOM   445  N NH1 . ARG A 1 64  ? -6.451  -5.110  -10.669 1.00 7.41  ? 103 ARG A NH1 1 
ATOM   446  N NH2 . ARG A 1 64  ? -4.442  -5.941  -10.051 1.00 7.90  ? 103 ARG A NH2 1 
ATOM   447  N N   . ALA A 1 65  ? -7.667  -2.475  -3.262  1.00 8.04  ? 104 ALA A N   1 
ATOM   448  C CA  . ALA A 1 65  ? -8.925  -1.883  -2.786  1.00 6.44  ? 104 ALA A CA  1 
ATOM   449  C C   . ALA A 1 65  ? -8.818  -0.351  -2.852  1.00 6.93  ? 104 ALA A C   1 
ATOM   450  O O   . ALA A 1 65  ? -7.710  0.188   -2.925  1.00 6.95  ? 104 ALA A O   1 
ATOM   451  C CB  . ALA A 1 65  ? -9.221  -2.297  -1.351  1.00 4.41  ? 104 ALA A CB  1 
ATOM   452  N N   . TRP A 1 66  ? -9.968  0.330   -2.771  1.00 7.08  ? 105 TRP A N   1 
ATOM   453  C CA  . TRP A 1 66  ? -9.944  1.800   -2.682  1.00 6.98  ? 105 TRP A CA  1 
ATOM   454  C C   . TRP A 1 66  ? -11.004 2.081   -1.643  1.00 7.18  ? 105 TRP A C   1 
ATOM   455  O O   . TRP A 1 66  ? -12.054 1.381   -1.565  1.00 7.83  ? 105 TRP A O   1 
ATOM   456  C CB  . TRP A 1 66  ? -10.013 2.529   -3.975  1.00 7.83  ? 105 TRP A CB  1 
ATOM   457  C CG  . TRP A 1 66  ? -11.365 2.664   -4.615  1.00 9.23  ? 105 TRP A CG  1 
ATOM   458  C CD1 . TRP A 1 66  ? -12.009 1.760   -5.432  1.00 8.92  ? 105 TRP A CD1 1 
ATOM   459  C CD2 . TRP A 1 66  ? -12.184 3.832   -4.610  1.00 9.42  ? 105 TRP A CD2 1 
ATOM   460  N NE1 . TRP A 1 66  ? -13.198 2.277   -5.845  1.00 9.72  ? 105 TRP A NE1 1 
ATOM   461  C CE2 . TRP A 1 66  ? -13.328 3.542   -5.374  1.00 9.58  ? 105 TRP A CE2 1 
ATOM   462  C CE3 . TRP A 1 66  ? -12.046 5.087   -3.983  1.00 10.34 ? 105 TRP A CE3 1 
ATOM   463  C CZ2 . TRP A 1 66  ? -14.366 4.445   -5.511  1.00 11.17 ? 105 TRP A CZ2 1 
ATOM   464  C CZ3 . TRP A 1 66  ? -13.096 5.988   -4.090  1.00 10.77 ? 105 TRP A CZ3 1 
ATOM   465  C CH2 . TRP A 1 66  ? -14.210 5.675   -4.874  1.00 10.82 ? 105 TRP A CH2 1 
ATOM   466  N N   . VAL A 1 67  ? -10.816 3.069   -0.822  1.00 8.15  ? 106 VAL A N   1 
ATOM   467  C CA  . VAL A 1 67  ? -11.756 3.491   0.245   1.00 8.67  ? 106 VAL A CA  1 
ATOM   468  C C   . VAL A 1 67  ? -12.368 4.812   -0.148  1.00 9.43  ? 106 VAL A C   1 
ATOM   469  O O   . VAL A 1 67  ? -11.478 5.685   -0.444  1.00 8.37  ? 106 VAL A O   1 
ATOM   470  C CB  . VAL A 1 67  ? -10.890 3.679   1.520   1.00 8.85  ? 106 VAL A CB  1 
ATOM   471  C CG1 . VAL A 1 67  ? -11.634 4.135   2.740   1.00 9.08  ? 106 VAL A CG1 1 
ATOM   472  C CG2 . VAL A 1 67  ? -10.334 2.337   1.983   1.00 10.97 ? 106 VAL A CG2 1 
ATOM   473  N N   . SER A 1 68  ? -13.669 5.010   -0.200  1.00 9.09  ? 107 SER A N   1 
ATOM   474  C CA  . SER A 1 68  ? -14.130 6.346   -0.608  1.00 10.33 ? 107 SER A CA  1 
ATOM   475  C C   . SER A 1 68  ? -14.224 7.131   0.706   1.00 12.03 ? 107 SER A C   1 
ATOM   476  O O   . SER A 1 68  ? -14.694 6.530   1.676   1.00 12.06 ? 107 SER A O   1 
ATOM   477  C CB  . SER A 1 68  ? -15.460 6.513   -1.370  1.00 12.69 ? 107 SER A CB  1 
ATOM   478  O OG  . SER A 1 68  ? -16.112 5.409   -0.820  1.00 16.04 ? 107 SER A OG  1 
ATOM   479  N N   . LEU A 1 69  ? -13.723 8.368   0.657   1.00 11.25 ? 108 LEU A N   1 
ATOM   480  C CA  . LEU A 1 69  ? -13.701 9.182   1.878   1.00 12.46 ? 108 LEU A CA  1 
ATOM   481  C C   . LEU A 1 69  ? -14.823 10.202  1.946   1.00 14.59 ? 108 LEU A C   1 
ATOM   482  O O   . LEU A 1 69  ? -15.410 10.479  0.876   1.00 15.12 ? 108 LEU A O   1 
ATOM   483  C CB  . LEU A 1 69  ? -12.330 9.887   1.800   1.00 11.32 ? 108 LEU A CB  1 
ATOM   484  C CG  . LEU A 1 69  ? -11.143 8.944   1.891   1.00 11.14 ? 108 LEU A CG  1 
ATOM   485  C CD1 . LEU A 1 69  ? -9.896  9.736   1.560   1.00 10.93 ? 108 LEU A CD1 1 
ATOM   486  C CD2 . LEU A 1 69  ? -10.898 8.396   3.309   1.00 11.35 ? 108 LEU A CD2 1 
ATOM   487  N N   . THR A 1 70  ? -15.035 10.738  3.136   1.00 16.13 ? 109 THR A N   1 
ATOM   488  C CA  . THR A 1 70  ? -16.048 11.841  3.216   1.00 18.02 ? 109 THR A CA  1 
ATOM   489  C C   . THR A 1 70  ? -15.359 13.098  2.677   1.00 18.76 ? 109 THR A C   1 
ATOM   490  O O   . THR A 1 70  ? -14.114 13.187  2.539   1.00 18.14 ? 109 THR A O   1 
ATOM   491  C CB  . THR A 1 70  ? -16.596 11.933  4.687   1.00 19.18 ? 109 THR A CB  1 
ATOM   492  O OG1 . THR A 1 70  ? -15.454 12.411  5.428   1.00 20.30 ? 109 THR A OG1 1 
ATOM   493  C CG2 . THR A 1 70  ? -17.070 10.528  5.132   1.00 20.83 ? 109 THR A CG2 1 
ATOM   494  N N   . SER A 1 71  ? -16.116 14.106  2.336   1.00 19.58 ? 110 SER A N   1 
ATOM   495  C CA  . SER A 1 71  ? -15.632 15.347  1.775   1.00 21.40 ? 110 SER A CA  1 
ATOM   496  C C   . SER A 1 71  ? -14.793 16.046  2.842   1.00 20.34 ? 110 SER A C   1 
ATOM   497  O O   . SER A 1 71  ? -14.119 16.912  2.274   1.00 22.03 ? 110 SER A O   1 
ATOM   498  C CB  . SER A 1 71  ? -16.722 16.443  1.917   1.00 25.21 ? 110 SER A CB  1 
ATOM   499  O OG  . SER A 1 71  ? -17.738 15.979  1.129   1.00 31.86 ? 110 SER A OG  1 
ATOM   500  N N   . ALA A 1 72  ? -14.961 15.773  4.101   1.00 18.26 ? 111 ALA A N   1 
ATOM   501  C CA  . ALA A 1 72  ? -14.116 16.589  5.011   1.00 18.06 ? 111 ALA A CA  1 
ATOM   502  C C   . ALA A 1 72  ? -12.640 16.183  5.019   1.00 18.44 ? 111 ALA A C   1 
ATOM   503  O O   . ALA A 1 72  ? -11.910 16.927  5.682   1.00 19.57 ? 111 ALA A O   1 
ATOM   504  C CB  . ALA A 1 72  ? -14.591 16.466  6.432   1.00 17.82 ? 111 ALA A CB  1 
ATOM   505  N N   . GLN A 1 73  ? -12.279 15.095  4.362   1.00 16.05 ? 112 GLN A N   1 
ATOM   506  C CA  . GLN A 1 73  ? -10.862 14.629  4.382   1.00 13.19 ? 112 GLN A CA  1 
ATOM   507  C C   . GLN A 1 73  ? -10.027 15.459  3.433   1.00 11.81 ? 112 GLN A C   1 
ATOM   508  O O   . GLN A 1 73  ? -10.523 15.993  2.429   1.00 11.57 ? 112 GLN A O   1 
ATOM   509  C CB  . GLN A 1 73  ? -10.833 13.118  4.031   1.00 13.26 ? 112 GLN A CB  1 
ATOM   510  C CG  . GLN A 1 73  ? -11.858 12.231  4.782   1.00 11.57 ? 112 GLN A CG  1 
ATOM   511  C CD  . GLN A 1 73  ? -11.658 12.457  6.245   1.00 12.66 ? 112 GLN A CD  1 
ATOM   512  O OE1 . GLN A 1 73  ? -10.686 12.608  6.951   1.00 12.92 ? 112 GLN A OE1 1 
ATOM   513  N NE2 . GLN A 1 73  ? -12.799 12.593  6.873   1.00 12.72 ? 112 GLN A NE2 1 
ATOM   514  N N   . THR A 1 74  ? -8.757  15.585  3.739   1.00 11.47 ? 113 THR A N   1 
ATOM   515  C CA  . THR A 1 74  ? -7.817  16.394  2.939   1.00 10.13 ? 113 THR A CA  1 
ATOM   516  C C   . THR A 1 74  ? -6.858  15.460  2.245   1.00 9.76  ? 113 THR A C   1 
ATOM   517  O O   . THR A 1 74  ? -6.042  14.866  2.992   1.00 8.49  ? 113 THR A O   1 
ATOM   518  C CB  . THR A 1 74  ? -6.917  17.342  3.834   1.00 11.29 ? 113 THR A CB  1 
ATOM   519  O OG1 . THR A 1 74  ? -7.977  18.108  4.455   1.00 14.72 ? 113 THR A OG1 1 
ATOM   520  C CG2 . THR A 1 74  ? -6.087  18.331  3.082   1.00 11.73 ? 113 THR A CG2 1 
ATOM   521  N N   . LEU A 1 75  ? -6.991  15.430  0.933   1.00 8.85  ? 114 LEU A N   1 
ATOM   522  C CA  . LEU A 1 75  ? -6.090  14.533  0.167   1.00 9.36  ? 114 LEU A CA  1 
ATOM   523  C C   . LEU A 1 75  ? -4.736  15.176  -0.073  1.00 10.11 ? 114 LEU A C   1 
ATOM   524  O O   . LEU A 1 75  ? -4.805  16.344  -0.525  1.00 11.81 ? 114 LEU A O   1 
ATOM   525  C CB  . LEU A 1 75  ? -6.765  14.274  -1.201  1.00 8.75  ? 114 LEU A CB  1 
ATOM   526  C CG  . LEU A 1 75  ? -8.061  13.495  -1.177  1.00 10.50 ? 114 LEU A CG  1 
ATOM   527  C CD1 . LEU A 1 75  ? -8.294  13.044  -2.624  1.00 11.17 ? 114 LEU A CD1 1 
ATOM   528  C CD2 . LEU A 1 75  ? -7.954  12.235  -0.348  1.00 10.21 ? 114 LEU A CD2 1 
ATOM   529  N N   . LEU A 1 76  ? -3.611  14.553  0.105   1.00 8.34  ? 115 LEU A N   1 
ATOM   530  C CA  . LEU A 1 76  ? -2.332  15.215  -0.179  1.00 7.98  ? 115 LEU A CA  1 
ATOM   531  C C   . LEU A 1 76  ? -1.513  14.306  -1.066  1.00 6.35  ? 115 LEU A C   1 
ATOM   532  O O   . LEU A 1 76  ? -1.595  13.083  -0.922  1.00 7.40  ? 115 LEU A O   1 
ATOM   533  C CB  . LEU A 1 76  ? -1.730  15.474  1.203   1.00 6.94  ? 115 LEU A CB  1 
ATOM   534  C CG  . LEU A 1 76  ? -2.535  16.375  2.118   1.00 7.58  ? 115 LEU A CG  1 
ATOM   535  C CD1 . LEU A 1 76  ? -1.867  16.330  3.507   1.00 7.54  ? 115 LEU A CD1 1 
ATOM   536  C CD2 . LEU A 1 76  ? -2.428  17.818  1.644   1.00 7.44  ? 115 LEU A CD2 1 
ATOM   537  N N   . PRO A 1 77  ? -0.719  14.908  -1.911  1.00 7.68  ? 116 PRO A N   1 
ATOM   538  C CA  . PRO A 1 77  ? 0.145   14.157  -2.841  1.00 7.64  ? 116 PRO A CA  1 
ATOM   539  C C   . PRO A 1 77  ? 1.448   13.782  -2.124  1.00 8.83  ? 116 PRO A C   1 
ATOM   540  O O   . PRO A 1 77  ? 2.536   14.136  -2.669  1.00 9.21  ? 116 PRO A O   1 
ATOM   541  C CB  . PRO A 1 77  ? 0.414   15.212  -3.941  1.00 6.35  ? 116 PRO A CB  1 
ATOM   542  C CG  . PRO A 1 77  ? 0.484   16.531  -3.169  1.00 7.84  ? 116 PRO A CG  1 
ATOM   543  C CD  . PRO A 1 77  ? -0.564  16.389  -2.025  1.00 7.50  ? 116 PRO A CD  1 
ATOM   544  N N   . ARG A 1 78  ? 1.355   13.153  -0.968  1.00 8.03  ? 117 ARG A N   1 
ATOM   545  C CA  . ARG A 1 78  ? 2.616   12.882  -0.207  1.00 7.41  ? 117 ARG A CA  1 
ATOM   546  C C   . ARG A 1 78  ? 2.610   11.530  0.469   1.00 7.55  ? 117 ARG A C   1 
ATOM   547  O O   . ARG A 1 78  ? 1.568   10.926  0.751   1.00 7.89  ? 117 ARG A O   1 
ATOM   548  C CB  . ARG A 1 78  ? 2.736   13.941  0.916   1.00 9.15  ? 117 ARG A CB  1 
ATOM   549  C CG  . ARG A 1 78  ? 2.758   15.365  0.395   1.00 12.21 ? 117 ARG A CG  1 
ATOM   550  C CD  . ARG A 1 78  ? 3.110   16.387  1.493   1.00 12.39 ? 117 ARG A CD  1 
ATOM   551  N NE  . ARG A 1 78  ? 2.200   17.603  1.293   1.00 14.25 ? 117 ARG A NE  1 
ATOM   552  C CZ  . ARG A 1 78  ? 2.455   18.437  0.276   1.00 13.72 ? 117 ARG A CZ  1 
ATOM   553  N NH1 . ARG A 1 78  ? 3.411   18.203  -0.616  1.00 14.65 ? 117 ARG A NH1 1 
ATOM   554  N NH2 . ARG A 1 78  ? 1.819   19.566  0.042   1.00 14.86 ? 117 ARG A NH2 1 
ATOM   555  N N   . VAL A 1 79  ? 3.823   11.046  0.692   1.00 6.91  ? 118 VAL A N   1 
ATOM   556  C CA  . VAL A 1 79  ? 4.074   9.749   1.379   1.00 6.53  ? 118 VAL A CA  1 
ATOM   557  C C   . VAL A 1 79  ? 4.961   10.089  2.615   1.00 7.93  ? 118 VAL A C   1 
ATOM   558  O O   . VAL A 1 79  ? 5.953   10.806  2.407   1.00 7.89  ? 118 VAL A O   1 
ATOM   559  C CB  . VAL A 1 79  ? 4.660   8.730   0.413   1.00 5.66  ? 118 VAL A CB  1 
ATOM   560  C CG1 . VAL A 1 79  ? 5.190   7.504   1.125   1.00 6.51  ? 118 VAL A CG1 1 
ATOM   561  C CG2 . VAL A 1 79  ? 3.643   8.323   -0.677  1.00 3.23  ? 118 VAL A CG2 1 
ATOM   562  N N   . ALA A 1 80  ? 4.626   9.497   3.761   1.00 7.23  ? 119 ALA A N   1 
ATOM   563  C CA  . ALA A 1 80  ? 5.406   9.781   4.987   1.00 7.31  ? 119 ALA A CA  1 
ATOM   564  C C   . ALA A 1 80  ? 6.788   9.178   4.956   1.00 7.63  ? 119 ALA A C   1 
ATOM   565  O O   . ALA A 1 80  ? 6.933   7.982   4.555   1.00 8.01  ? 119 ALA A O   1 
ATOM   566  C CB  . ALA A 1 80  ? 4.543   9.297   6.185   1.00 6.21  ? 119 ALA A CB  1 
ATOM   567  N N   . ASN A 1 81  ? 7.798   9.909   5.432   1.00 6.85  ? 120 ASN A N   1 
ATOM   568  C CA  . ASN A 1 81  ? 9.186   9.415   5.514   1.00 8.07  ? 120 ASN A CA  1 
ATOM   569  C C   . ASN A 1 81  ? 9.635   10.064  6.850   1.00 9.85  ? 120 ASN A C   1 
ATOM   570  O O   . ASN A 1 81  ? 10.140  11.207  6.889   1.00 7.11  ? 120 ASN A O   1 
ATOM   571  C CB  . ASN A 1 81  ? 10.040  9.881   4.330   1.00 8.80  ? 120 ASN A CB  1 
ATOM   572  C CG  . ASN A 1 81  ? 11.501  9.650   4.686   1.00 11.50 ? 120 ASN A CG  1 
ATOM   573  O OD1 . ASN A 1 81  ? 11.872  8.928   5.616   1.00 13.25 ? 120 ASN A OD1 1 
ATOM   574  N ND2 . ASN A 1 81  ? 12.389  10.274  3.943   1.00 13.74 ? 120 ASN A ND2 1 
ATOM   575  N N   . GLY A 1 82  B 9.350   9.314   7.890   1.00 8.59  ? 120 GLY A N   1 
ATOM   576  C CA  . GLY A 1 82  B 9.661   9.870   9.258   1.00 11.73 ? 120 GLY A CA  1 
ATOM   577  C C   . GLY A 1 82  B 8.698   11.091  9.373   1.00 14.20 ? 120 GLY A C   1 
ATOM   578  O O   . GLY A 1 82  B 7.450   11.050  9.113   1.00 15.20 ? 120 GLY A O   1 
ATOM   579  N N   . SER A 1 83  C 9.296   12.188  9.764   1.00 13.67 ? 120 SER A N   1 
ATOM   580  C CA  . SER A 1 83  C 8.632   13.481  9.948   1.00 15.99 ? 120 SER A CA  1 
ATOM   581  C C   . SER A 1 83  C 8.650   14.248  8.654   1.00 17.44 ? 120 SER A C   1 
ATOM   582  O O   . SER A 1 83  C 8.204   15.409  8.594   1.00 21.25 ? 120 SER A O   1 
ATOM   583  C CB  . SER A 1 83  C 9.591   14.385  10.831  1.00 19.07 ? 120 SER A CB  1 
ATOM   584  O OG  . SER A 1 83  C 9.411   13.771  12.121  1.00 23.13 ? 120 SER A OG  1 
ATOM   585  N N   . SER A 1 84  D 9.251   13.683  7.627   1.00 16.57 ? 120 SER A N   1 
ATOM   586  C CA  . SER A 1 84  D 9.369   14.348  6.321   1.00 16.28 ? 120 SER A CA  1 
ATOM   587  C C   . SER A 1 84  D 8.377   13.785  5.316   1.00 14.62 ? 120 SER A C   1 
ATOM   588  O O   . SER A 1 84  D 7.611   12.915  5.793   1.00 13.36 ? 120 SER A O   1 
ATOM   589  C CB  . SER A 1 84  D 10.844  14.046  6.038   1.00 19.38 ? 120 SER A CB  1 
ATOM   590  O OG  . SER A 1 84  D 11.261  15.246  5.468   1.00 26.05 ? 120 SER A OG  1 
ATOM   591  N N   . PHE A 1 85  ? 8.452   14.194  4.062   1.00 12.02 ? 121 PHE A N   1 
ATOM   592  C CA  . PHE A 1 85  ? 7.474   13.652  3.089   1.00 14.09 ? 121 PHE A CA  1 
ATOM   593  C C   . PHE A 1 85  ? 8.092   13.441  1.710   1.00 14.11 ? 121 PHE A C   1 
ATOM   594  O O   . PHE A 1 85  ? 9.038   14.173  1.452   1.00 15.67 ? 121 PHE A O   1 
ATOM   595  C CB  . PHE A 1 85  ? 6.334   14.668  2.879   1.00 10.36 ? 121 PHE A CB  1 
ATOM   596  C CG  . PHE A 1 85  ? 5.644   15.022  4.147   1.00 10.88 ? 121 PHE A CG  1 
ATOM   597  C CD1 . PHE A 1 85  ? 4.614   14.208  4.657   1.00 8.49  ? 121 PHE A CD1 1 
ATOM   598  C CD2 . PHE A 1 85  ? 6.018   16.199  4.834   1.00 11.34 ? 121 PHE A CD2 1 
ATOM   599  C CE1 . PHE A 1 85  ? 3.973   14.531  5.819   1.00 8.59  ? 121 PHE A CE1 1 
ATOM   600  C CE2 . PHE A 1 85  ? 5.395   16.506  6.060   1.00 10.26 ? 121 PHE A CE2 1 
ATOM   601  C CZ  . PHE A 1 85  ? 4.390   15.680  6.539   1.00 9.52  ? 121 PHE A CZ  1 
ATOM   602  N N   . VAL A 1 86  ? 7.608   12.515  0.923   1.00 12.77 ? 122 VAL A N   1 
ATOM   603  C CA  . VAL A 1 86  ? 8.073   12.295  -0.449  1.00 11.30 ? 122 VAL A CA  1 
ATOM   604  C C   . VAL A 1 86  ? 6.836   12.751  -1.264  1.00 11.11 ? 122 VAL A C   1 
ATOM   605  O O   . VAL A 1 86  ? 5.661   12.358  -1.034  1.00 9.60  ? 122 VAL A O   1 
ATOM   606  C CB  . VAL A 1 86  ? 8.485   10.832  -0.727  1.00 12.36 ? 122 VAL A CB  1 
ATOM   607  C CG1 . VAL A 1 86  ? 8.898   10.631  -2.191  1.00 10.75 ? 122 VAL A CG1 1 
ATOM   608  C CG2 . VAL A 1 86  ? 9.569   10.260  0.176   1.00 12.32 ? 122 VAL A CG2 1 
ATOM   609  N N   . THR A 1 87  ? 7.073   13.582  -2.212  1.00 8.84  ? 123 THR A N   1 
ATOM   610  C CA  . THR A 1 87  ? 6.046   14.121  -3.091  1.00 9.16  ? 123 THR A CA  1 
ATOM   611  C C   . THR A 1 87  ? 5.670   13.116  -4.174  1.00 9.17  ? 123 THR A C   1 
ATOM   612  O O   . THR A 1 87  ? 6.607   12.639  -4.775  1.00 8.67  ? 123 THR A O   1 
ATOM   613  C CB  . THR A 1 87  ? 6.416   15.506  -3.761  1.00 10.17 ? 123 THR A CB  1 
ATOM   614  O OG1 . THR A 1 87  ? 6.799   16.345  -2.611  1.00 9.52  ? 123 THR A OG1 1 
ATOM   615  C CG2 . THR A 1 87  ? 5.145   16.090  -4.451  1.00 7.70  ? 123 THR A CG2 1 
ATOM   616  N N   . VAL A 1 88  ? 4.375   12.889  -4.350  1.00 9.08  ? 124 VAL A N   1 
ATOM   617  C CA  . VAL A 1 88  ? 3.962   11.961  -5.445  1.00 9.08  ? 124 VAL A CA  1 
ATOM   618  C C   . VAL A 1 88  ? 3.894   12.775  -6.775  1.00 10.41 ? 124 VAL A C   1 
ATOM   619  O O   . VAL A 1 88  ? 3.150   13.768  -6.857  1.00 10.31 ? 124 VAL A O   1 
ATOM   620  C CB  . VAL A 1 88  ? 2.617   11.309  -5.147  1.00 9.02  ? 124 VAL A CB  1 
ATOM   621  C CG1 . VAL A 1 88  ? 2.121   10.341  -6.276  1.00 5.18  ? 124 VAL A CG1 1 
ATOM   622  C CG2 . VAL A 1 88  ? 2.682   10.648  -3.753  1.00 7.14  ? 124 VAL A CG2 1 
ATOM   623  N N   . ARG A 1 89  ? 4.648   12.326  -7.757  1.00 9.84  ? 125 ARG A N   1 
ATOM   624  C CA  . ARG A 1 89  ? 4.717   12.985  -9.062  1.00 12.02 ? 125 ARG A CA  1 
ATOM   625  C C   . ARG A 1 89  ? 4.107   12.170  -10.162 1.00 12.24 ? 125 ARG A C   1 
ATOM   626  O O   . ARG A 1 89  ? 3.898   12.873  -11.139 1.00 14.44 ? 125 ARG A O   1 
ATOM   627  C CB  . ARG A 1 89  ? 6.163   13.199  -9.527  1.00 14.01 ? 125 ARG A CB  1 
ATOM   628  C CG  . ARG A 1 89  ? 6.856   14.267  -8.647  1.00 17.96 ? 125 ARG A CG  1 
ATOM   629  C CD  . ARG A 1 89  ? 6.600   15.637  -9.149  1.00 20.49 ? 125 ARG A CD  1 
ATOM   630  N NE  . ARG A 1 89  ? 6.577   16.773  -8.228  1.00 20.59 ? 125 ARG A NE  1 
ATOM   631  C CZ  . ARG A 1 89  ? 7.709   17.323  -7.784  1.00 19.99 ? 125 ARG A CZ  1 
ATOM   632  N NH1 . ARG A 1 89  ? 8.821   16.672  -8.120  1.00 20.00 ? 125 ARG A NH1 1 
ATOM   633  N NH2 . ARG A 1 89  ? 7.759   18.476  -7.159  1.00 18.81 ? 125 ARG A NH2 1 
ATOM   634  N N   . GLY A 1 90  ? 3.816   10.900  -10.041 1.00 9.55  ? 126 GLY A N   1 
ATOM   635  C CA  . GLY A 1 90  ? 3.195   10.150  -11.169 1.00 9.74  ? 126 GLY A CA  1 
ATOM   636  C C   . GLY A 1 90  ? 3.278   8.661   -10.805 1.00 10.80 ? 126 GLY A C   1 
ATOM   637  O O   . GLY A 1 90  ? 3.558   8.310   -9.646  1.00 9.67  ? 126 GLY A O   1 
ATOM   638  N N   . SER A 1 91  ? 3.028   7.809   -11.781 1.00 10.28 ? 127 SER A N   1 
ATOM   639  C CA  . SER A 1 91  ? 3.045   6.371   -11.600 1.00 9.05  ? 127 SER A CA  1 
ATOM   640  C C   . SER A 1 91  ? 3.816   5.670   -12.685 1.00 9.30  ? 127 SER A C   1 
ATOM   641  O O   . SER A 1 91  ? 3.366   4.594   -13.089 1.00 9.93  ? 127 SER A O   1 
ATOM   642  C CB  . SER A 1 91  ? 1.637   5.874   -11.419 1.00 9.47  ? 127 SER A CB  1 
ATOM   643  O OG  . SER A 1 91  ? 0.852   6.242   -12.551 1.00 13.47 ? 127 SER A OG  1 
ATOM   644  N N   . THR A 1 92  ? 4.982   6.207   -13.057 1.00 10.85 ? 128 THR A N   1 
ATOM   645  C CA  . THR A 1 92  ? 5.826   5.510   -14.040 1.00 10.85 ? 128 THR A CA  1 
ATOM   646  C C   . THR A 1 92  ? 6.303   4.212   -13.366 1.00 9.99  ? 128 THR A C   1 
ATOM   647  O O   . THR A 1 92  ? 6.866   4.333   -12.283 1.00 8.74  ? 128 THR A O   1 
ATOM   648  C CB  . THR A 1 92  ? 7.117   6.251   -14.485 1.00 12.31 ? 128 THR A CB  1 
ATOM   649  O OG1 . THR A 1 92  ? 6.575   7.490   -15.064 1.00 16.44 ? 128 THR A OG1 1 
ATOM   650  C CG2 . THR A 1 92  ? 7.831   5.544   -15.614 1.00 12.98 ? 128 THR A CG2 1 
ATOM   651  N N   . GLU A 1 93  ? 6.109   3.102   -14.025 1.00 9.17  ? 129 GLU A N   1 
ATOM   652  C CA  . GLU A 1 93  ? 6.570   1.846   -13.393 1.00 11.02 ? 129 GLU A CA  1 
ATOM   653  C C   . GLU A 1 93  ? 8.058   1.692   -13.505 1.00 12.14 ? 129 GLU A C   1 
ATOM   654  O O   . GLU A 1 93  ? 8.534   1.803   -14.663 1.00 13.50 ? 129 GLU A O   1 
ATOM   655  C CB  . GLU A 1 93  ? 5.673   0.735   -13.991 1.00 10.64 ? 129 GLU A CB  1 
ATOM   656  C CG  . GLU A 1 93  ? 5.973   -0.582  -13.283 1.00 15.93 ? 129 GLU A CG  1 
ATOM   657  C CD  . GLU A 1 93  ? 5.002   -1.712  -13.695 1.00 19.53 ? 129 GLU A CD  1 
ATOM   658  O OE1 . GLU A 1 93  ? 3.833   -1.399  -14.000 1.00 20.24 ? 129 GLU A OE1 1 
ATOM   659  O OE2 . GLU A 1 93  ? 5.634   -2.822  -13.617 1.00 19.90 ? 129 GLU A OE2 1 
ATOM   660  N N   . ALA A 1 94  ? 8.816   1.430   -12.461 1.00 9.87  ? 130 ALA A N   1 
ATOM   661  C CA  . ALA A 1 94  ? 10.251  1.235   -12.475 1.00 10.59 ? 130 ALA A CA  1 
ATOM   662  C C   . ALA A 1 94  ? 10.501  -0.210  -12.883 1.00 12.20 ? 130 ALA A C   1 
ATOM   663  O O   . ALA A 1 94  ? 9.655   -1.138  -12.737 1.00 13.55 ? 130 ALA A O   1 
ATOM   664  C CB  . ALA A 1 94  ? 10.785  1.423   -11.061 1.00 9.32  ? 130 ALA A CB  1 
ATOM   665  N N   . ALA A 1 95  ? 11.672  -0.463  -13.428 1.00 11.74 ? 131 ALA A N   1 
ATOM   666  C CA  . ALA A 1 95  ? 12.079  -1.798  -13.861 1.00 12.20 ? 131 ALA A CA  1 
ATOM   667  C C   . ALA A 1 95  ? 12.804  -2.603  -12.813 1.00 12.46 ? 131 ALA A C   1 
ATOM   668  O O   . ALA A 1 95  ? 13.222  -2.047  -11.783 1.00 14.57 ? 131 ALA A O   1 
ATOM   669  C CB  . ALA A 1 95  ? 13.123  -1.560  -14.989 1.00 12.91 ? 131 ALA A CB  1 
ATOM   670  N N   . VAL A 1 96  ? 13.041  -3.873  -13.077 1.00 13.12 ? 132 VAL A N   1 
ATOM   671  C CA  . VAL A 1 96  ? 13.810  -4.706  -12.142 1.00 13.38 ? 132 VAL A CA  1 
ATOM   672  C C   . VAL A 1 96  ? 15.186  -4.038  -11.984 1.00 14.07 ? 132 VAL A C   1 
ATOM   673  O O   . VAL A 1 96  ? 15.804  -3.582  -12.967 1.00 15.44 ? 132 VAL A O   1 
ATOM   674  C CB  . VAL A 1 96  ? 13.752  -6.188  -12.538 1.00 14.55 ? 132 VAL A CB  1 
ATOM   675  C CG1 . VAL A 1 96  ? 14.804  -6.999  -11.755 1.00 15.37 ? 132 VAL A CG1 1 
ATOM   676  C CG2 . VAL A 1 96  ? 12.388  -6.801  -12.301 1.00 14.42 ? 132 VAL A CG2 1 
ATOM   677  N N   . GLY A 1 97  ? 15.702  -3.960  -10.780 1.00 11.93 ? 133 GLY A N   1 
ATOM   678  C CA  . GLY A 1 97  ? 16.971  -3.384  -10.450 1.00 10.41 ? 133 GLY A CA  1 
ATOM   679  C C   . GLY A 1 97  ? 16.774  -1.980  -9.893  1.00 13.22 ? 133 GLY A C   1 
ATOM   680  O O   . GLY A 1 97  ? 17.759  -1.566  -9.243  1.00 15.18 ? 133 GLY A O   1 
ATOM   681  N N   . ALA A 1 98  ? 15.655  -1.312  -10.093 1.00 10.65 ? 134 ALA A N   1 
ATOM   682  C CA  . ALA A 1 98  ? 15.513  0.033   -9.573  1.00 8.83  ? 134 ALA A CA  1 
ATOM   683  C C   . ALA A 1 98  ? 15.401  0.058   -8.054  1.00 10.09 ? 134 ALA A C   1 
ATOM   684  O O   . ALA A 1 98  ? 14.947  -0.933  -7.472  1.00 10.39 ? 134 ALA A O   1 
ATOM   685  C CB  . ALA A 1 98  ? 14.219  0.624   -10.151 1.00 11.26 ? 134 ALA A CB  1 
ATOM   686  N N   . ALA A 1 99  ? 15.804  1.163   -7.445  1.00 7.79  ? 135 ALA A N   1 
ATOM   687  C CA  . ALA A 1 99  ? 15.741  1.330   -6.000  1.00 7.87  ? 135 ALA A CA  1 
ATOM   688  C C   . ALA A 1 99  ? 14.321  1.780   -5.737  1.00 9.64  ? 135 ALA A C   1 
ATOM   689  O O   . ALA A 1 99  ? 13.760  2.523   -6.570  1.00 11.14 ? 135 ALA A O   1 
ATOM   690  C CB  . ALA A 1 99  ? 16.555  2.578   -5.638  1.00 9.53  ? 135 ALA A CB  1 
ATOM   691  N N   . VAL A 1 100 ? 13.757  1.397   -4.632  1.00 9.86  ? 136 VAL A N   1 
ATOM   692  C CA  . VAL A 1 100 ? 12.389  1.812   -4.282  1.00 9.25  ? 136 VAL A CA  1 
ATOM   693  C C   . VAL A 1 100 ? 12.272  1.862   -2.752  1.00 10.33 ? 136 VAL A C   1 
ATOM   694  O O   . VAL A 1 100 ? 13.082  1.162   -2.123  1.00 9.64  ? 136 VAL A O   1 
ATOM   695  C CB  . VAL A 1 100 ? 11.531  0.769   -5.019  1.00 10.24 ? 136 VAL A CB  1 
ATOM   696  C CG1 . VAL A 1 100 ? 11.671  -0.630  -4.380  1.00 11.15 ? 136 VAL A CG1 1 
ATOM   697  C CG2 . VAL A 1 100 ? 10.132  1.282   -4.944  1.00 11.98 ? 136 VAL A CG2 1 
ATOM   698  N N   . CYS A 1 101 ? 11.295  2.609   -2.260  1.00 9.40  ? 137 CYS A N   1 
ATOM   699  C CA  . CYS A 1 101 ? 11.111  2.650   -0.795  1.00 10.43 ? 137 CYS A CA  1 
ATOM   700  C C   . CYS A 1 101 ? 9.630   2.334   -0.602  1.00 10.11 ? 137 CYS A C   1 
ATOM   701  O O   . CYS A 1 101 ? 8.823   2.430   -1.555  1.00 9.23  ? 137 CYS A O   1 
ATOM   702  C CB  . CYS A 1 101 ? 11.410  4.065   -0.294  1.00 10.67 ? 137 CYS A CB  1 
ATOM   703  S SG  . CYS A 1 101 ? 13.166  4.472   -0.607  1.00 13.13 ? 137 CYS A SG  1 
ATOM   704  N N   . ARG A 1 102 ? 9.333   2.074   0.657   1.00 8.92  ? 138 ARG A N   1 
ATOM   705  C CA  . ARG A 1 102 ? 7.880   1.755   0.982   1.00 7.93  ? 138 ARG A CA  1 
ATOM   706  C C   . ARG A 1 102 ? 7.653   2.445   2.337   1.00 9.02  ? 138 ARG A C   1 
ATOM   707  O O   . ARG A 1 102 ? 8.644   2.585   3.102   1.00 7.28  ? 138 ARG A O   1 
ATOM   708  C CB  . ARG A 1 102 ? 7.602   0.231   0.976   1.00 7.50  ? 138 ARG A CB  1 
ATOM   709  C CG  . ARG A 1 102 ? 8.597   -0.588  1.854   1.00 7.86  ? 138 ARG A CG  1 
ATOM   710  C CD  . ARG A 1 102 ? 7.912   -1.791  2.498   1.00 7.21  ? 138 ARG A CD  1 
ATOM   711  N NE  . ARG A 1 102 ? 6.926   -1.315  3.445   1.00 5.27  ? 138 ARG A NE  1 
ATOM   712  C CZ  . ARG A 1 102 ? 7.276   -0.802  4.622   1.00 6.69  ? 138 ARG A CZ  1 
ATOM   713  N NH1 . ARG A 1 102 ? 8.537   -0.894  5.086   1.00 5.48  ? 138 ARG A NH1 1 
ATOM   714  N NH2 . ARG A 1 102 ? 6.372   -0.096  5.344   1.00 5.79  ? 138 ARG A NH2 1 
ATOM   715  N N   . SER A 1 103 ? 6.406   2.801   2.613   1.00 7.14  ? 139 SER A N   1 
ATOM   716  C CA  . SER A 1 103 ? 6.083   3.462   3.879   1.00 7.70  ? 139 SER A CA  1 
ATOM   717  C C   . SER A 1 103 ? 4.882   2.782   4.531   1.00 8.30  ? 139 SER A C   1 
ATOM   718  O O   . SER A 1 103 ? 3.918   2.380   3.780   1.00 8.88  ? 139 SER A O   1 
ATOM   719  C CB  . SER A 1 103 ? 5.798   4.880   3.322   1.00 8.12  ? 139 SER A CB  1 
ATOM   720  O OG  . SER A 1 103 ? 5.502   5.595   4.529   1.00 8.64  ? 139 SER A OG  1 
ATOM   721  N N   . GLY A 1 104 ? 4.924   2.614   5.831   1.00 7.28  ? 140 GLY A N   1 
ATOM   722  C CA  . GLY A 1 104 ? 3.755   1.907   6.494   1.00 8.46  ? 140 GLY A CA  1 
ATOM   723  C C   . GLY A 1 104 ? 3.855   2.116   8.031   1.00 7.51  ? 140 GLY A C   1 
ATOM   724  O O   . GLY A 1 104 ? 4.944   2.449   8.513   1.00 8.26  ? 140 GLY A O   1 
ATOM   725  N N   . ARG A 1 105 ? 2.761   1.877   8.722   1.00 7.26  ? 141 ARG A N   1 
ATOM   726  C CA  . ARG A 1 105 ? 2.693   2.145   10.138  1.00 7.87  ? 141 ARG A CA  1 
ATOM   727  C C   . ARG A 1 105 ? 3.553   1.224   10.961  1.00 9.02  ? 141 ARG A C   1 
ATOM   728  O O   . ARG A 1 105 ? 3.609   1.619   12.129  1.00 9.99  ? 141 ARG A O   1 
ATOM   729  C CB  . ARG A 1 105 ? 1.226   2.202   10.623  1.00 7.78  ? 141 ARG A CB  1 
ATOM   730  C CG  . ARG A 1 105 ? 0.344   0.958   10.356  1.00 7.48  ? 141 ARG A CG  1 
ATOM   731  C CD  . ARG A 1 105 ? 0.637   -0.104  11.371  1.00 10.25 ? 141 ARG A CD  1 
ATOM   732  N NE  . ARG A 1 105 ? 0.325   0.456   12.680  1.00 11.36 ? 141 ARG A NE  1 
ATOM   733  C CZ  . ARG A 1 105 ? 0.860   0.012   13.804  1.00 14.74 ? 141 ARG A CZ  1 
ATOM   734  N NH1 . ARG A 1 105 ? 0.575   0.482   15.041  1.00 15.67 ? 141 ARG A NH1 1 
ATOM   735  N NH2 . ARG A 1 105 ? 1.733   -0.980  13.604  1.00 16.88 ? 141 ARG A NH2 1 
ATOM   736  N N   . THR A 1 106 ? 4.111   0.131   10.511  1.00 8.36  ? 142 THR A N   1 
ATOM   737  C CA  . THR A 1 106 ? 4.842   -0.749  11.430  1.00 9.42  ? 142 THR A CA  1 
ATOM   738  C C   . THR A 1 106 ? 6.339   -0.538  11.303  1.00 9.59  ? 142 THR A C   1 
ATOM   739  O O   . THR A 1 106 ? 6.893   -0.254  12.381  1.00 10.25 ? 142 THR A O   1 
ATOM   740  C CB  . THR A 1 106 ? 4.466   -2.261  11.243  1.00 9.23  ? 142 THR A CB  1 
ATOM   741  O OG1 . THR A 1 106 ? 3.062   -2.276  11.578  1.00 9.40  ? 142 THR A OG1 1 
ATOM   742  C CG2 . THR A 1 106 ? 5.348   -3.179  12.024  1.00 9.64  ? 142 THR A CG2 1 
ATOM   743  N N   . THR A 1 107 ? 6.857   -0.655  10.111  1.00 9.20  ? 143 THR A N   1 
ATOM   744  C CA  . THR A 1 107 ? 8.307   -0.410  10.003  1.00 8.68  ? 143 THR A CA  1 
ATOM   745  C C   . THR A 1 107 ? 8.634   0.985   9.506   1.00 9.11  ? 143 THR A C   1 
ATOM   746  O O   . THR A 1 107 ? 9.878   1.172   9.311   1.00 10.78 ? 143 THR A O   1 
ATOM   747  C CB  . THR A 1 107 ? 8.975   -1.563  9.144   1.00 10.16 ? 143 THR A CB  1 
ATOM   748  O OG1 . THR A 1 107 ? 8.405   -1.322  7.820   1.00 9.62  ? 143 THR A OG1 1 
ATOM   749  C CG2 . THR A 1 107 ? 8.691   -3.000  9.583   1.00 10.51 ? 143 THR A CG2 1 
ATOM   750  N N   . GLY A 1 108 ? 7.757   1.934   9.290   1.00 7.97  ? 156 GLY A N   1 
ATOM   751  C CA  . GLY A 1 108 ? 8.185   3.255   8.812   1.00 7.57  ? 156 GLY A CA  1 
ATOM   752  C C   . GLY A 1 108 ? 8.569   3.137   7.350   1.00 9.14  ? 156 GLY A C   1 
ATOM   753  O O   . GLY A 1 108 ? 8.058   2.335   6.578   1.00 9.21  ? 156 GLY A O   1 
ATOM   754  N N   . TYR A 1 109 ? 9.520   3.932   6.956   1.00 9.99  ? 157 TYR A N   1 
ATOM   755  C CA  . TYR A 1 109 ? 10.002  4.097   5.548   1.00 9.26  ? 157 TYR A CA  1 
ATOM   756  C C   . TYR A 1 109 ? 11.206  3.268   5.311   1.00 8.10  ? 157 TYR A C   1 
ATOM   757  O O   . TYR A 1 109 ? 12.221  3.585   5.984   1.00 9.53  ? 157 TYR A O   1 
ATOM   758  C CB  . TYR A 1 109 ? 10.208  5.639   5.428   1.00 8.97  ? 157 TYR A CB  1 
ATOM   759  C CG  . TYR A 1 109 ? 10.572  6.100   4.021   1.00 10.59 ? 157 TYR A CG  1 
ATOM   760  C CD1 . TYR A 1 109 ? 11.877  6.252   3.567   1.00 9.32  ? 157 TYR A CD1 1 
ATOM   761  C CD2 . TYR A 1 109 ? 9.523   6.332   3.122   1.00 11.31 ? 157 TYR A CD2 1 
ATOM   762  C CE1 . TYR A 1 109 ? 12.142  6.627   2.263   1.00 10.67 ? 157 TYR A CE1 1 
ATOM   763  C CE2 . TYR A 1 109 ? 9.761   6.733   1.806   1.00 11.78 ? 157 TYR A CE2 1 
ATOM   764  C CZ  . TYR A 1 109 ? 11.093  6.899   1.414   1.00 11.63 ? 157 TYR A CZ  1 
ATOM   765  O OH  . TYR A 1 109 ? 11.265  7.340   0.123   1.00 14.70 ? 157 TYR A OH  1 
ATOM   766  N N   . GLN A 1 110 ? 11.170  2.258   4.499   1.00 7.41  ? 158 GLN A N   1 
ATOM   767  C CA  . GLN A 1 110 ? 12.278  1.322   4.245   1.00 8.85  ? 158 GLN A CA  1 
ATOM   768  C C   . GLN A 1 110 ? 12.587  1.325   2.735   1.00 9.80  ? 158 GLN A C   1 
ATOM   769  O O   . GLN A 1 110 ? 11.570  1.446   2.000   1.00 9.14  ? 158 GLN A O   1 
ATOM   770  C CB  . GLN A 1 110 ? 12.060  -0.130  4.689   1.00 7.58  ? 158 GLN A CB  1 
ATOM   771  C CG  . GLN A 1 110 ? 11.645  -0.221  6.157   1.00 9.20  ? 158 GLN A CG  1 
ATOM   772  C CD  . GLN A 1 110 ? 12.829  0.106   7.029   1.00 13.11 ? 158 GLN A CD  1 
ATOM   773  O OE1 . GLN A 1 110 ? 13.997  -0.040  6.653   1.00 12.53 ? 158 GLN A OE1 1 
ATOM   774  N NE2 . GLN A 1 110 ? 12.585  0.554   8.269   1.00 13.17 ? 158 GLN A NE2 1 
ATOM   775  N N   . CYS A 1 111 ? 13.865  1.194   2.399   1.00 7.98  ? 159 CYS A N   1 
ATOM   776  C CA  . CYS A 1 111 ? 14.132  1.211   0.933   1.00 8.18  ? 159 CYS A CA  1 
ATOM   777  C C   . CYS A 1 111 ? 14.922  -0.014  0.554   1.00 10.10 ? 159 CYS A C   1 
ATOM   778  O O   . CYS A 1 111 ? 15.464  -0.700  1.419   1.00 10.51 ? 159 CYS A O   1 
ATOM   779  C CB  . CYS A 1 111 ? 15.048  2.404   0.657   1.00 10.76 ? 159 CYS A CB  1 
ATOM   780  S SG  . CYS A 1 111 ? 14.228  3.999   1.052   1.00 13.04 ? 159 CYS A SG  1 
ATOM   781  N N   . GLY A 1 112 ? 15.011  -0.305  -0.726  1.00 9.38  ? 160 GLY A N   1 
ATOM   782  C CA  . GLY A 1 112 ? 15.735  -1.494  -1.214  1.00 9.30  ? 160 GLY A CA  1 
ATOM   783  C C   . GLY A 1 112 ? 15.598  -1.376  -2.758  1.00 10.86 ? 160 GLY A C   1 
ATOM   784  O O   . GLY A 1 112 ? 15.546  -0.259  -3.343  1.00 10.63 ? 160 GLY A O   1 
ATOM   785  N N   . THR A 1 113 ? 15.556  -2.583  -3.310  1.00 12.15 ? 161 THR A N   1 
ATOM   786  C CA  . THR A 1 113 ? 15.454  -2.632  -4.794  1.00 13.74 ? 161 THR A CA  1 
ATOM   787  C C   . THR A 1 113 ? 14.440  -3.647  -5.267  1.00 11.73 ? 161 THR A C   1 
ATOM   788  O O   . THR A 1 113 ? 14.118  -4.569  -4.524  1.00 10.95 ? 161 THR A O   1 
ATOM   789  C CB  . THR A 1 113 ? 16.897  -2.829  -5.432  1.00 17.18 ? 161 THR A CB  1 
ATOM   790  O OG1 . THR A 1 113 ? 17.109  -4.242  -5.328  1.00 21.12 ? 161 THR A OG1 1 
ATOM   791  C CG2 . THR A 1 113 ? 18.115  -2.142  -4.857  1.00 15.79 ? 161 THR A CG2 1 
ATOM   792  N N   . ILE A 1 114 ? 14.010  -3.411  -6.474  1.00 10.44 ? 162 ILE A N   1 
ATOM   793  C CA  . ILE A 1 114 ? 13.018  -4.332  -7.081  1.00 11.55 ? 162 ILE A CA  1 
ATOM   794  C C   . ILE A 1 114 ? 13.822  -5.548  -7.579  1.00 12.81 ? 162 ILE A C   1 
ATOM   795  O O   . ILE A 1 114 ? 14.798  -5.329  -8.300  1.00 12.32 ? 162 ILE A O   1 
ATOM   796  C CB  . ILE A 1 114 ? 12.240  -3.594  -8.221  1.00 11.28 ? 162 ILE A CB  1 
ATOM   797  C CG1 . ILE A 1 114 ? 11.353  -2.438  -7.664  1.00 12.31 ? 162 ILE A CG1 1 
ATOM   798  C CG2 . ILE A 1 114 ? 11.482  -4.701  -9.004  1.00 10.81 ? 162 ILE A CG2 1 
ATOM   799  C CD1 . ILE A 1 114 ? 10.720  -1.537  -8.758  1.00 12.92 ? 162 ILE A CD1 1 
ATOM   800  N N   . THR A 1 115 ? 13.394  -6.724  -7.179  1.00 12.93 ? 163 THR A N   1 
ATOM   801  C CA  . THR A 1 115 ? 14.135  -7.924  -7.606  1.00 14.55 ? 163 THR A CA  1 
ATOM   802  C C   . THR A 1 115 ? 13.444  -8.841  -8.607  1.00 14.31 ? 163 THR A C   1 
ATOM   803  O O   . THR A 1 115 ? 14.194  -9.670  -9.167  1.00 15.27 ? 163 THR A O   1 
ATOM   804  C CB  . THR A 1 115 ? 14.570  -8.722  -6.306  1.00 14.18 ? 163 THR A CB  1 
ATOM   805  O OG1 . THR A 1 115 ? 13.325  -8.887  -5.562  1.00 13.71 ? 163 THR A OG1 1 
ATOM   806  C CG2 . THR A 1 115 ? 15.591  -7.881  -5.497  1.00 14.29 ? 163 THR A CG2 1 
ATOM   807  N N   . ALA A 1 116 ? 12.143  -8.721  -8.748  1.00 11.94 ? 164 ALA A N   1 
ATOM   808  C CA  . ALA A 1 116 ? 11.395  -9.600  -9.672  1.00 11.78 ? 164 ALA A CA  1 
ATOM   809  C C   . ALA A 1 116 ? 9.978   -9.082  -9.839  1.00 11.75 ? 164 ALA A C   1 
ATOM   810  O O   . ALA A 1 116 ? 9.461   -8.390  -8.948  1.00 11.23 ? 164 ALA A O   1 
ATOM   811  C CB  . ALA A 1 116 ? 11.358  -10.997 -9.043  1.00 11.67 ? 164 ALA A CB  1 
ATOM   812  N N   . LYS A 1 117 ? 9.346   -9.401  -10.946 1.00 10.66 ? 165 LYS A N   1 
ATOM   813  C CA  . LYS A 1 117 ? 7.989   -9.008  -11.239 1.00 10.97 ? 165 LYS A CA  1 
ATOM   814  C C   . LYS A 1 117 ? 7.232   -10.299 -11.557 1.00 13.72 ? 165 LYS A C   1 
ATOM   815  O O   . LYS A 1 117 ? 7.858   -11.346 -11.848 1.00 11.96 ? 165 LYS A O   1 
ATOM   816  C CB  . LYS A 1 117 ? 7.971   -8.131  -12.512 1.00 11.25 ? 165 LYS A CB  1 
ATOM   817  C CG  . LYS A 1 117 ? 8.446   -6.743  -12.142 1.00 11.87 ? 165 LYS A CG  1 
ATOM   818  C CD  . LYS A 1 117 ? 8.217   -5.699  -13.209 1.00 13.33 ? 165 LYS A CD  1 
ATOM   819  C CE  . LYS A 1 117 ? 8.870   -4.355  -12.770 1.00 12.99 ? 165 LYS A CE  1 
ATOM   820  N NZ  . LYS A 1 117 ? 8.518   -3.380  -13.864 1.00 15.30 ? 165 LYS A NZ  1 
ATOM   821  N N   . ASN A 1 118 ? 5.901   -10.146 -11.518 1.00 16.01 ? 166 ASN A N   1 
ATOM   822  C CA  . ASN A 1 118 ? 5.017   -11.275 -11.821 1.00 17.45 ? 166 ASN A CA  1 
ATOM   823  C C   . ASN A 1 118 ? 5.166   -12.427 -10.855 1.00 16.94 ? 166 ASN A C   1 
ATOM   824  O O   . ASN A 1 118 ? 5.165   -13.584 -11.317 1.00 16.81 ? 166 ASN A O   1 
ATOM   825  C CB  . ASN A 1 118 ? 5.234   -11.644 -13.287 1.00 21.22 ? 166 ASN A CB  1 
ATOM   826  C CG  . ASN A 1 118 ? 3.876   -12.197 -13.746 1.00 27.68 ? 166 ASN A CG  1 
ATOM   827  O OD1 . ASN A 1 118 ? 3.866   -13.112 -14.642 1.00 32.23 ? 166 ASN A OD1 1 
ATOM   828  N ND2 . ASN A 1 118 ? 2.675   -11.809 -13.309 1.00 27.88 ? 166 ASN A ND2 1 
ATOM   829  N N   . VAL A 1 119 ? 5.334   -12.137 -9.566  1.00 14.65 ? 167 VAL A N   1 
ATOM   830  C CA  . VAL A 1 119 ? 5.484   -13.195 -8.573  1.00 14.58 ? 167 VAL A CA  1 
ATOM   831  C C   . VAL A 1 119 ? 4.110   -13.597 -8.037  1.00 15.07 ? 167 VAL A C   1 
ATOM   832  O O   . VAL A 1 119 ? 3.229   -12.737 -7.872  1.00 14.94 ? 167 VAL A O   1 
ATOM   833  C CB  . VAL A 1 119 ? 6.433   -12.665 -7.467  1.00 14.70 ? 167 VAL A CB  1 
ATOM   834  C CG1 . VAL A 1 119 ? 6.602   -13.671 -6.334  1.00 12.65 ? 167 VAL A CG1 1 
ATOM   835  C CG2 . VAL A 1 119 ? 7.810   -12.326 -8.079  1.00 13.20 ? 167 VAL A CG2 1 
ATOM   836  N N   . THR A 1 120 ? 3.964   -14.885 -7.760  1.00 15.41 ? 168 THR A N   1 
ATOM   837  C CA  . THR A 1 120 ? 2.782   -15.446 -7.121  1.00 16.67 ? 168 THR A CA  1 
ATOM   838  C C   . THR A 1 120 ? 3.021   -15.628 -5.614  1.00 16.94 ? 168 THR A C   1 
ATOM   839  O O   . THR A 1 120 ? 4.019   -16.230 -5.179  1.00 17.84 ? 168 THR A O   1 
ATOM   840  C CB  . THR A 1 120 ? 2.277   -16.864 -7.632  1.00 18.10 ? 168 THR A CB  1 
ATOM   841  O OG1 . THR A 1 120 ? 1.794   -16.584 -8.979  1.00 19.22 ? 168 THR A OG1 1 
ATOM   842  C CG2 . THR A 1 120 ? 0.974   -17.323 -6.894  1.00 17.83 ? 168 THR A CG2 1 
ATOM   843  N N   . ALA A 1 121 ? 2.109   -15.147 -4.784  1.00 16.47 ? 169 ALA A N   1 
ATOM   844  C CA  . ALA A 1 121 ? 2.213   -15.366 -3.312  1.00 15.35 ? 169 ALA A CA  1 
ATOM   845  C C   . ALA A 1 121 ? 1.121   -16.421 -3.049  1.00 16.05 ? 169 ALA A C   1 
ATOM   846  O O   . ALA A 1 121 ? -0.058  -16.287 -3.481  1.00 16.43 ? 169 ALA A O   1 
ATOM   847  C CB  . ALA A 1 121 ? 1.874   -14.084 -2.536  1.00 15.33 ? 169 ALA A CB  1 
ATOM   848  N N   . ASN A 1 122 ? 1.429   -17.472 -2.344  1.00 17.64 ? 170 ASN A N   1 
ATOM   849  C CA  . ASN A 1 122 ? 0.425   -18.505 -1.993  1.00 19.57 ? 170 ASN A CA  1 
ATOM   850  C C   . ASN A 1 122 ? -0.057  -18.208 -0.582  1.00 18.37 ? 170 ASN A C   1 
ATOM   851  O O   . ASN A 1 122 ? 0.528   -18.818 0.316   1.00 20.27 ? 170 ASN A O   1 
ATOM   852  C CB  . ASN A 1 122 ? 0.973   -19.919 -2.141  1.00 22.89 ? 170 ASN A CB  1 
ATOM   853  C CG  . ASN A 1 122 ? 1.049   -20.166 -3.658  1.00 25.43 ? 170 ASN A CG  1 
ATOM   854  O OD1 . ASN A 1 122 ? 0.093   -20.072 -4.439  1.00 27.68 ? 170 ASN A OD1 1 
ATOM   855  N ND2 . ASN A 1 122 ? 2.280   -20.470 -4.056  1.00 26.86 ? 170 ASN A ND2 1 
ATOM   856  N N   . TYR A 1 123 ? -1.002  -17.330 -0.437  1.00 16.00 ? 171 TYR A N   1 
ATOM   857  C CA  . TYR A 1 123 ? -1.487  -16.993 0.930   1.00 14.89 ? 171 TYR A CA  1 
ATOM   858  C C   . TYR A 1 123 ? -2.474  -18.084 1.336   1.00 17.68 ? 171 TYR A C   1 
ATOM   859  O O   . TYR A 1 123 ? -2.971  -18.823 0.455   1.00 17.12 ? 171 TYR A O   1 
ATOM   860  C CB  . TYR A 1 123 ? -2.131  -15.615 0.874   1.00 13.10 ? 171 TYR A CB  1 
ATOM   861  C CG  . TYR A 1 123 ? -1.258  -14.410 0.573   1.00 11.42 ? 171 TYR A CG  1 
ATOM   862  C CD1 . TYR A 1 123 ? -1.755  -13.339 -0.160  1.00 12.45 ? 171 TYR A CD1 1 
ATOM   863  C CD2 . TYR A 1 123 ? 0.062   -14.323 1.019   1.00 10.74 ? 171 TYR A CD2 1 
ATOM   864  C CE1 . TYR A 1 123 ? -0.982  -12.205 -0.458  1.00 12.00 ? 171 TYR A CE1 1 
ATOM   865  C CE2 . TYR A 1 123 ? 0.849   -13.196 0.765   1.00 12.75 ? 171 TYR A CE2 1 
ATOM   866  C CZ  . TYR A 1 123 ? 0.313   -12.135 0.041   1.00 13.21 ? 171 TYR A CZ  1 
ATOM   867  O OH  . TYR A 1 123 ? 1.115   -11.027 -0.162  1.00 13.47 ? 171 TYR A OH  1 
ATOM   868  N N   . ALA A 1 124 ? -2.774  -18.138 2.621   1.00 17.38 ? 172 ALA A N   1 
ATOM   869  C CA  . ALA A 1 124 ? -3.719  -19.132 3.152   1.00 16.68 ? 172 ALA A CA  1 
ATOM   870  C C   . ALA A 1 124 ? -5.048  -18.989 2.423   1.00 15.72 ? 172 ALA A C   1 
ATOM   871  O O   . ALA A 1 124 ? -5.701  -20.025 2.136   1.00 17.56 ? 172 ALA A O   1 
ATOM   872  C CB  . ALA A 1 124 ? -3.909  -18.812 4.646   1.00 17.28 ? 172 ALA A CB  1 
ATOM   873  N N   . GLU A 1 125 ? -5.490  -17.784 2.111   1.00 13.50 ? 174 GLU A N   1 
ATOM   874  C CA  . GLU A 1 125 ? -6.782  -17.593 1.441   1.00 12.35 ? 174 GLU A CA  1 
ATOM   875  C C   . GLU A 1 125 ? -6.820  -17.985 -0.031  1.00 11.10 ? 174 GLU A C   1 
ATOM   876  O O   . GLU A 1 125 ? -7.928  -18.162 -0.555  1.00 10.56 ? 174 GLU A O   1 
ATOM   877  C CB  . GLU A 1 125 ? -7.053  -16.064 1.430   1.00 15.53 ? 174 GLU A CB  1 
ATOM   878  C CG  . GLU A 1 125 ? -7.260  -15.548 2.838   1.00 16.68 ? 174 GLU A CG  1 
ATOM   879  C CD  . GLU A 1 125 ? -5.975  -15.129 3.496   1.00 17.77 ? 174 GLU A CD  1 
ATOM   880  O OE1 . GLU A 1 125 ? -4.832  -15.379 3.172   1.00 16.43 ? 174 GLU A OE1 1 
ATOM   881  O OE2 . GLU A 1 125 ? -6.375  -14.467 4.503   1.00 20.43 ? 174 GLU A OE2 1 
ATOM   882  N N   . GLY A 1 126 ? -5.691  -18.064 -0.689  1.00 10.84 ? 175 GLY A N   1 
ATOM   883  C CA  . GLY A 1 126 ? -5.629  -18.368 -2.142  1.00 13.01 ? 175 GLY A CA  1 
ATOM   884  C C   . GLY A 1 126 ? -4.429  -17.607 -2.709  1.00 14.28 ? 175 GLY A C   1 
ATOM   885  O O   . GLY A 1 126 ? -3.864  -16.680 -2.049  1.00 15.98 ? 175 GLY A O   1 
ATOM   886  N N   . ALA A 1 127 ? -4.051  -17.975 -3.929  1.00 12.92 ? 176 ALA A N   1 
ATOM   887  C CA  . ALA A 1 127 ? -2.912  -17.327 -4.583  1.00 13.34 ? 176 ALA A CA  1 
ATOM   888  C C   . ALA A 1 127 ? -3.323  -15.880 -4.972  1.00 11.47 ? 176 ALA A C   1 
ATOM   889  O O   . ALA A 1 127 ? -4.482  -15.553 -5.251  1.00 9.10  ? 176 ALA A O   1 
ATOM   890  C CB  . ALA A 1 127 ? -2.587  -18.083 -5.898  1.00 14.58 ? 176 ALA A CB  1 
ATOM   891  N N   . VAL A 1 128 ? -2.307  -15.041 -4.969  1.00 10.98 ? 177 VAL A N   1 
ATOM   892  C CA  . VAL A 1 128 ? -2.349  -13.651 -5.426  1.00 10.78 ? 177 VAL A CA  1 
ATOM   893  C C   . VAL A 1 128 ? -1.233  -13.668 -6.513  1.00 11.22 ? 177 VAL A C   1 
ATOM   894  O O   . VAL A 1 128 ? -0.033  -13.930 -6.201  1.00 12.28 ? 177 VAL A O   1 
ATOM   895  C CB  . VAL A 1 128 ? -2.178  -12.515 -4.422  1.00 10.87 ? 177 VAL A CB  1 
ATOM   896  C CG1 . VAL A 1 128 ? -2.102  -11.098 -5.031  1.00 8.57  ? 177 VAL A CG1 1 
ATOM   897  C CG2 . VAL A 1 128 ? -3.278  -12.577 -3.366  1.00 10.22 ? 177 VAL A CG2 1 
ATOM   898  N N   . ARG A 1 129 ? -1.598  -13.398 -7.748  1.00 10.76 ? 178 ARG A N   1 
ATOM   899  C CA  . ARG A 1 129 ? -0.613  -13.425 -8.821  1.00 12.69 ? 178 ARG A CA  1 
ATOM   900  C C   . ARG A 1 129 ? -0.164  -12.066 -9.285  1.00 12.73 ? 178 ARG A C   1 
ATOM   901  O O   . ARG A 1 129 ? -0.810  -11.093 -8.922  1.00 13.68 ? 178 ARG A O   1 
ATOM   902  C CB  . ARG A 1 129 ? -1.405  -14.032 -10.029 1.00 18.73 ? 178 ARG A CB  1 
ATOM   903  C CG  . ARG A 1 129 ? -1.726  -15.485 -9.677  1.00 26.20 ? 178 ARG A CG  1 
ATOM   904  C CD  . ARG A 1 129 ? -1.686  -16.335 -10.909 1.00 33.00 ? 178 ARG A CD  1 
ATOM   905  N NE  . ARG A 1 129 ? -1.097  -17.663 -10.562 1.00 39.70 ? 178 ARG A NE  1 
ATOM   906  C CZ  . ARG A 1 129 ? -1.973  -18.494 -9.908  1.00 43.65 ? 178 ARG A CZ  1 
ATOM   907  N NH1 . ARG A 1 129 ? -3.277  -18.120 -9.713  1.00 45.40 ? 178 ARG A NH1 1 
ATOM   908  N NH2 . ARG A 1 129 ? -1.507  -19.659 -9.400  1.00 44.59 ? 178 ARG A NH2 1 
ATOM   909  N N   . GLY A 1 130 ? 0.903   -11.979 -10.062 1.00 13.04 ? 179 GLY A N   1 
ATOM   910  C CA  . GLY A 1 130 ? 1.387   -10.741 -10.655 1.00 11.73 ? 179 GLY A CA  1 
ATOM   911  C C   . GLY A 1 130 ? 1.974   -9.707  -9.714  1.00 12.61 ? 179 GLY A C   1 
ATOM   912  O O   . GLY A 1 130 ? 2.001   -8.511  -10.138 1.00 12.00 ? 179 GLY A O   1 
ATOM   913  N N   . LEU A 1 131 ? 2.429   -10.129 -8.556  1.00 11.08 ? 180 LEU A N   1 
ATOM   914  C CA  . LEU A 1 131 ? 3.037   -9.134  -7.618  1.00 11.05 ? 180 LEU A CA  1 
ATOM   915  C C   . LEU A 1 131 ? 4.491   -8.796  -8.003  1.00 10.98 ? 180 LEU A C   1 
ATOM   916  O O   . LEU A 1 131 ? 5.126   -9.617  -8.663  1.00 10.52 ? 180 LEU A O   1 
ATOM   917  C CB  . LEU A 1 131 ? 2.979   -9.769  -6.208  1.00 9.11  ? 180 LEU A CB  1 
ATOM   918  C CG  . LEU A 1 131 ? 1.562   -10.029 -5.726  1.00 10.14 ? 180 LEU A CG  1 
ATOM   919  C CD1 . LEU A 1 131 ? 1.624   -10.887 -4.457  1.00 10.38 ? 180 LEU A CD1 1 
ATOM   920  C CD2 . LEU A 1 131 ? 0.829   -8.733  -5.336  1.00 9.86  ? 180 LEU A CD2 1 
ATOM   921  N N   . THR A 1 132 ? 4.988   -7.646  -7.601  1.00 10.73 ? 181 THR A N   1 
ATOM   922  C CA  . THR A 1 132 ? 6.380   -7.263  -7.890  1.00 10.31 ? 181 THR A CA  1 
ATOM   923  C C   . THR A 1 132 ? 7.065   -7.469  -6.513  1.00 11.28 ? 181 THR A C   1 
ATOM   924  O O   . THR A 1 132 ? 6.434   -7.226  -5.420  1.00 9.80  ? 181 THR A O   1 
ATOM   925  C CB  . THR A 1 132 ? 6.527   -5.742  -8.304  1.00 10.91 ? 181 THR A CB  1 
ATOM   926  O OG1 . THR A 1 132 ? 5.782   -5.688  -9.524  1.00 11.72 ? 181 THR A OG1 1 
ATOM   927  C CG2 . THR A 1 132 ? 8.005   -5.306  -8.497  1.00 9.59  ? 181 THR A CG2 1 
ATOM   928  N N   . GLN A 1 133 ? 8.292   -7.933  -6.611  1.00 10.86 ? 182 GLN A N   1 
ATOM   929  C CA  . GLN A 1 133 ? 9.052   -8.217  -5.401  1.00 11.89 ? 182 GLN A CA  1 
ATOM   930  C C   . GLN A 1 133 ? 10.189  -7.220  -5.177  1.00 12.93 ? 182 GLN A C   1 
ATOM   931  O O   . GLN A 1 133 ? 10.945  -7.008  -6.121  1.00 13.80 ? 182 GLN A O   1 
ATOM   932  C CB  . GLN A 1 133 ? 9.622   -9.637  -5.444  1.00 12.84 ? 182 GLN A CB  1 
ATOM   933  C CG  . GLN A 1 133 ? 10.535  -9.944  -4.266  1.00 14.95 ? 182 GLN A CG  1 
ATOM   934  C CD  . GLN A 1 133 ? 11.032  -11.340 -4.605  1.00 19.70 ? 182 GLN A CD  1 
ATOM   935  O OE1 . GLN A 1 133 ? 10.425  -12.322 -4.203  1.00 22.40 ? 182 GLN A OE1 1 
ATOM   936  N NE2 . GLN A 1 133 ? 12.065  -11.483 -5.406  1.00 18.69 ? 182 GLN A NE2 1 
ATOM   937  N N   . GLY A 1 134 ? 10.295  -6.734  -3.946  1.00 11.62 ? 183 GLY A N   1 
ATOM   938  C CA  . GLY A 1 134 ? 11.394  -5.854  -3.565  1.00 10.78 ? 183 GLY A CA  1 
ATOM   939  C C   . GLY A 1 134 ? 12.089  -6.502  -2.360  1.00 10.81 ? 183 GLY A C   1 
ATOM   940  O O   . GLY A 1 134 ? 11.560  -7.475  -1.798  1.00 10.96 ? 183 GLY A O   1 
ATOM   941  N N   . ASN A 1 135 ? 13.170  -5.904  -1.945  1.00 10.93 ? 184 ASN A N   1 
ATOM   942  C CA  . ASN A 1 135 ? 13.930  -6.417  -0.789  1.00 11.49 ? 184 ASN A CA  1 
ATOM   943  C C   . ASN A 1 135 ? 14.016  -5.395  0.346   1.00 11.04 ? 184 ASN A C   1 
ATOM   944  O O   . ASN A 1 135 ? 14.869  -5.627  1.221   1.00 11.69 ? 184 ASN A O   1 
ATOM   945  C CB  . ASN A 1 135 ? 15.237  -7.089  -1.175  1.00 10.38 ? 184 ASN A CB  1 
ATOM   946  C CG  . ASN A 1 135 ? 16.156  -6.009  -1.670  1.00 11.56 ? 184 ASN A CG  1 
ATOM   947  O OD1 . ASN A 1 135 ? 16.061  -4.784  -1.665  1.00 10.22 ? 184 ASN A OD1 1 
ATOM   948  N ND2 . ASN A 1 135 ? 17.246  -6.445  -2.273  1.00 12.64 ? 184 ASN A ND2 1 
ATOM   949  N N   . ALA A 1 136 ? 13.135  -4.389  0.279   1.00 9.54  ? 190 ALA A N   1 
ATOM   950  C CA  . ALA A 1 136 ? 13.003  -3.410  1.361   1.00 8.81  ? 190 ALA A CA  1 
ATOM   951  C C   . ALA A 1 136 ? 12.282  -4.242  2.442   1.00 9.81  ? 190 ALA A C   1 
ATOM   952  O O   . ALA A 1 136 ? 11.444  -5.108  2.042   1.00 11.42 ? 190 ALA A O   1 
ATOM   953  C CB  . ALA A 1 136 ? 12.146  -2.265  0.832   1.00 6.91  ? 190 ALA A CB  1 
ATOM   954  N N   . CYS A 1 137 ? 12.547  -4.093  3.742   1.00 7.80  ? 191 CYS A N   1 
ATOM   955  C CA  . CYS A 1 137 ? 11.864  -4.924  4.746   1.00 8.00  ? 191 CYS A CA  1 
ATOM   956  C C   . CYS A 1 137 ? 10.506  -4.266  5.031   1.00 10.21 ? 191 CYS A C   1 
ATOM   957  O O   . CYS A 1 137 ? 10.207  -3.123  4.630   1.00 10.34 ? 191 CYS A O   1 
ATOM   958  C CB  . CYS A 1 137 ? 12.720  -5.179  5.944   1.00 7.81  ? 191 CYS A CB  1 
ATOM   959  S SG  . CYS A 1 137 ? 12.901  -3.746  7.089   1.00 9.78  ? 191 CYS A SG  1 
ATOM   960  N N   . MET A 1 138 ? 9.668   -5.011  5.725   1.00 10.47 ? 192 MET A N   1 
ATOM   961  C CA  . MET A 1 138 ? 8.270   -4.692  6.039   1.00 9.44  ? 192 MET A CA  1 
ATOM   962  C C   . MET A 1 138 ? 7.790   -5.578  7.180   1.00 8.38  ? 192 MET A C   1 
ATOM   963  O O   . MET A 1 138 ? 8.448   -6.567  7.522   1.00 7.85  ? 192 MET A O   1 
ATOM   964  C CB  . MET A 1 138 ? 7.439   -4.982  4.789   1.00 10.55 ? 192 MET A CB  1 
ATOM   965  C CG  . MET A 1 138 ? 7.567   -6.398  4.262   1.00 14.65 ? 192 MET A CG  1 
ATOM   966  S SD  . MET A 1 138 ? 6.331   -7.615  4.933   1.00 19.19 ? 192 MET A SD  1 
ATOM   967  C CE  . MET A 1 138 ? 4.926   -6.606  4.741   1.00 21.88 ? 192 MET A CE  1 
ATOM   968  N N   . GLY A 1 139 A 6.680   -5.240  7.800   1.00 8.64  ? 192 GLY A N   1 
ATOM   969  C CA  . GLY A 1 139 A 6.125   -5.963  8.940   1.00 7.57  ? 192 GLY A CA  1 
ATOM   970  C C   . GLY A 1 139 A 4.611   -5.968  8.899   1.00 9.40  ? 192 GLY A C   1 
ATOM   971  O O   . GLY A 1 139 A 3.943   -5.251  8.145   1.00 10.35 ? 192 GLY A O   1 
ATOM   972  N N   . ARG A 1 140 B 4.004   -6.768  9.739   1.00 8.96  ? 192 ARG A N   1 
ATOM   973  C CA  . ARG A 1 140 B 2.565   -6.903  9.888   1.00 10.90 ? 192 ARG A CA  1 
ATOM   974  C C   . ARG A 1 140 B 2.072   -5.495  10.214  1.00 9.25  ? 192 ARG A C   1 
ATOM   975  O O   . ARG A 1 140 B 2.595   -4.912  11.192  1.00 10.21 ? 192 ARG A O   1 
ATOM   976  C CB  . ARG A 1 140 B 2.236   -7.779  11.099  1.00 13.10 ? 192 ARG A CB  1 
ATOM   977  C CG  . ARG A 1 140 B 2.402   -9.281  10.876  1.00 17.61 ? 192 ARG A CG  1 
ATOM   978  C CD  . ARG A 1 140 B 2.181   -9.858  12.296  1.00 20.48 ? 192 ARG A CD  1 
ATOM   979  N NE  . ARG A 1 140 B 2.621   -11.227 12.044  1.00 24.07 ? 192 ARG A NE  1 
ATOM   980  C CZ  . ARG A 1 140 B 3.315   -11.778 13.051  1.00 26.75 ? 192 ARG A CZ  1 
ATOM   981  N NH1 . ARG A 1 140 B 4.000   -12.837 12.602  1.00 27.46 ? 192 ARG A NH1 1 
ATOM   982  N NH2 . ARG A 1 140 B 3.300   -11.291 14.305  1.00 25.68 ? 192 ARG A NH2 1 
ATOM   983  N N   . GLY A 1 141 ? 1.098   -5.044  9.446   1.00 8.65  ? 193 GLY A N   1 
ATOM   984  C CA  . GLY A 1 141 ? 0.575   -3.670  9.677   1.00 9.52  ? 193 GLY A CA  1 
ATOM   985  C C   . GLY A 1 141 ? 0.959   -2.747  8.483   1.00 9.91  ? 193 GLY A C   1 
ATOM   986  O O   . GLY A 1 141 ? 0.278   -1.703  8.250   1.00 10.79 ? 193 GLY A O   1 
ATOM   987  N N   . ASP A 1 142 ? 2.029   -3.119  7.827   1.00 7.48  ? 194 ASP A N   1 
ATOM   988  C CA  . ASP A 1 142 ? 2.529   -2.310  6.700   1.00 8.21  ? 194 ASP A CA  1 
ATOM   989  C C   . ASP A 1 142 ? 1.637   -2.470  5.441   1.00 9.21  ? 194 ASP A C   1 
ATOM   990  O O   . ASP A 1 142 ? 1.790   -1.624  4.521   1.00 8.36  ? 194 ASP A O   1 
ATOM   991  C CB  . ASP A 1 142 ? 3.968   -2.774  6.400   1.00 5.91  ? 194 ASP A CB  1 
ATOM   992  C CG  . ASP A 1 142 ? 4.957   -2.106  7.363   1.00 9.85  ? 194 ASP A CG  1 
ATOM   993  O OD1 . ASP A 1 142 ? 6.081   -2.606  7.460   1.00 8.04  ? 194 ASP A OD1 1 
ATOM   994  O OD2 . ASP A 1 142 ? 4.717   -1.055  8.064   1.00 8.08  ? 194 ASP A OD2 1 
ATOM   995  N N   . SER A 1 143 ? 0.817   -3.503  5.465   1.00 8.07  ? 195 SER A N   1 
ATOM   996  C CA  . SER A 1 143 ? -0.038  -3.794  4.294   1.00 8.95  ? 195 SER A CA  1 
ATOM   997  C C   . SER A 1 143 ? -0.855  -2.572  3.825   1.00 7.37  ? 195 SER A C   1 
ATOM   998  O O   . SER A 1 143 ? -1.393  -1.873  4.702   1.00 5.71  ? 195 SER A O   1 
ATOM   999  C CB  . SER A 1 143 ? -1.158  -4.789  4.586   1.00 10.88 ? 195 SER A CB  1 
ATOM   1000 O OG  . SER A 1 143 ? -0.607  -6.064  4.993   1.00 13.45 ? 195 SER A OG  1 
ATOM   1001 N N   . GLY A 1 144 ? -0.922  -2.451  2.529   1.00 5.88  ? 196 GLY A N   1 
ATOM   1002 C CA  . GLY A 1 144 ? -1.653  -1.365  1.910   1.00 6.04  ? 196 GLY A CA  1 
ATOM   1003 C C   . GLY A 1 144 ? -0.757  -0.141  1.754   1.00 7.27  ? 196 GLY A C   1 
ATOM   1004 O O   . GLY A 1 144 ? -1.213  0.738   0.985   1.00 9.22  ? 196 GLY A O   1 
ATOM   1005 N N   . GLY A 1 145 ? 0.395   -0.050  2.384   1.00 6.08  ? 197 GLY A N   1 
ATOM   1006 C CA  . GLY A 1 145 ? 1.218   1.148   2.331   1.00 5.79  ? 197 GLY A CA  1 
ATOM   1007 C C   . GLY A 1 145 ? 1.883   1.348   0.959   1.00 8.34  ? 197 GLY A C   1 
ATOM   1008 O O   . GLY A 1 145 ? 1.990   0.457   0.089   1.00 8.41  ? 197 GLY A O   1 
ATOM   1009 N N   . SER A 1 146 ? 2.383   2.562   0.827   1.00 6.45  ? 198 SER A N   1 
ATOM   1010 C CA  . SER A 1 146 ? 2.975   2.987   -0.458  1.00 7.11  ? 198 SER A CA  1 
ATOM   1011 C C   . SER A 1 146 ? 4.286   2.364   -0.830  1.00 7.99  ? 198 SER A C   1 
ATOM   1012 O O   . SER A 1 146 ? 5.093   2.241   0.092   1.00 9.59  ? 198 SER A O   1 
ATOM   1013 C CB  . SER A 1 146 ? 3.271   4.517   -0.336  1.00 6.18  ? 198 SER A CB  1 
ATOM   1014 O OG  . SER A 1 146 ? 2.313   5.170   0.472   1.00 6.21  ? 198 SER A OG  1 
ATOM   1015 N N   . TRP A 1 147 ? 4.492   2.184   -2.137  1.00 7.29  ? 199 TRP A N   1 
ATOM   1016 C CA  . TRP A 1 147 ? 5.812   1.735   -2.626  1.00 7.90  ? 199 TRP A CA  1 
ATOM   1017 C C   . TRP A 1 147 ? 6.112   2.905   -3.599  1.00 8.42  ? 199 TRP A C   1 
ATOM   1018 O O   . TRP A 1 147 ? 5.228   3.157   -4.457  1.00 7.47  ? 199 TRP A O   1 
ATOM   1019 C CB  . TRP A 1 147 ? 5.911   0.366   -3.261  1.00 9.44  ? 199 TRP A CB  1 
ATOM   1020 C CG  . TRP A 1 147 ? 6.089   -0.771  -2.292  1.00 7.16  ? 199 TRP A CG  1 
ATOM   1021 C CD1 . TRP A 1 147 ? 5.132   -1.207  -1.450  1.00 7.70  ? 199 TRP A CD1 1 
ATOM   1022 C CD2 . TRP A 1 147 ? 7.204   -1.640  -2.121  1.00 7.03  ? 199 TRP A CD2 1 
ATOM   1023 N NE1 . TRP A 1 147 ? 5.596   -2.301  -0.714  1.00 7.84  ? 199 TRP A NE1 1 
ATOM   1024 C CE2 . TRP A 1 147 ? 6.871   -2.563  -1.127  1.00 7.21  ? 199 TRP A CE2 1 
ATOM   1025 C CE3 . TRP A 1 147 ? 8.470   -1.713  -2.720  1.00 7.52  ? 199 TRP A CE3 1 
ATOM   1026 C CZ2 . TRP A 1 147 ? 7.750   -3.547  -0.675  1.00 7.56  ? 199 TRP A CZ2 1 
ATOM   1027 C CZ3 . TRP A 1 147 ? 9.371   -2.690  -2.293  1.00 7.39  ? 199 TRP A CZ3 1 
ATOM   1028 C CH2 . TRP A 1 147 ? 9.022   -3.601  -1.281  1.00 7.11  ? 199 TRP A CH2 1 
ATOM   1029 N N   . ILE A 1 148 ? 7.208   3.617   -3.451  1.00 6.70  ? 200 ILE A N   1 
ATOM   1030 C CA  . ILE A 1 148 ? 7.473   4.783   -4.302  1.00 7.08  ? 200 ILE A CA  1 
ATOM   1031 C C   . ILE A 1 148 ? 8.976   4.928   -4.493  1.00 9.63  ? 200 ILE A C   1 
ATOM   1032 O O   . ILE A 1 148 ? 9.656   4.399   -3.611  1.00 10.62 ? 200 ILE A O   1 
ATOM   1033 C CB  . ILE A 1 148 ? 6.892   6.042   -3.528  1.00 8.15  ? 200 ILE A CB  1 
ATOM   1034 C CG1 . ILE A 1 148 ? 6.952   7.279   -4.463  1.00 9.66  ? 200 ILE A CG1 1 
ATOM   1035 C CG2 . ILE A 1 148 ? 7.630   6.337   -2.199  1.00 7.36  ? 200 ILE A CG2 1 
ATOM   1036 C CD1 . ILE A 1 148 ? 5.930   8.366   -4.013  1.00 10.58 ? 200 ILE A CD1 1 
ATOM   1037 N N   . THR A 1 149 ? 9.374   5.542   -5.592  1.00 10.26 ? 201 THR A N   1 
ATOM   1038 C CA  . THR A 1 149 ? 10.811  5.767   -5.839  1.00 10.93 ? 201 THR A CA  1 
ATOM   1039 C C   . THR A 1 149 ? 11.082  7.126   -5.212  1.00 12.41 ? 201 THR A C   1 
ATOM   1040 O O   . THR A 1 149 ? 10.154  7.900   -4.989  1.00 10.44 ? 201 THR A O   1 
ATOM   1041 C CB  . THR A 1 149 ? 11.163  5.712   -7.385  1.00 10.70 ? 201 THR A CB  1 
ATOM   1042 O OG1 . THR A 1 149 ? 10.420  6.861   -7.919  1.00 9.61  ? 201 THR A OG1 1 
ATOM   1043 C CG2 . THR A 1 149 ? 10.649  4.466   -8.156  1.00 10.13 ? 201 THR A CG2 1 
ATOM   1044 N N   . SER A 1 150 ? 12.327  7.483   -4.949  1.00 15.06 ? 202 SER A N   1 
ATOM   1045 C CA  . SER A 1 150 ? 12.697  8.766   -4.330  1.00 18.82 ? 202 SER A CA  1 
ATOM   1046 C C   . SER A 1 150 ? 12.386  9.870   -5.324  1.00 18.06 ? 202 SER A C   1 
ATOM   1047 O O   . SER A 1 150 ? 12.252  10.969  -4.781  1.00 21.15 ? 202 SER A O   1 
ATOM   1048 C CB  . SER A 1 150 ? 14.116  8.810   -3.837  1.00 21.25 ? 202 SER A CB  1 
ATOM   1049 O OG  . SER A 1 150 ? 14.756  8.554   -5.124  1.00 27.24 ? 202 SER A OG  1 
ATOM   1050 N N   . ALA A 1 151 ? 12.217  9.532   -6.579  1.00 15.57 ? 203 ALA A N   1 
ATOM   1051 C CA  . ALA A 1 151 ? 11.816  10.550  -7.536  1.00 15.52 ? 203 ALA A CA  1 
ATOM   1052 C C   . ALA A 1 151 ? 10.310  10.738  -7.452  1.00 14.83 ? 203 ALA A C   1 
ATOM   1053 O O   . ALA A 1 151 ? 9.908   11.520  -8.324  1.00 16.47 ? 203 ALA A O   1 
ATOM   1054 C CB  . ALA A 1 151 ? 12.223  10.335  -9.005  1.00 16.73 ? 203 ALA A CB  1 
ATOM   1055 N N   . GLY A 1 152 ? 9.543   10.110  -6.591  1.00 12.49 ? 207 GLY A N   1 
ATOM   1056 C CA  . GLY A 1 152 ? 8.095   10.370  -6.597  1.00 10.68 ? 207 GLY A CA  1 
ATOM   1057 C C   . GLY A 1 152 ? 7.200   9.573   -7.514  1.00 7.68  ? 207 GLY A C   1 
ATOM   1058 O O   . GLY A 1 152 ? 6.018   9.953   -7.623  1.00 8.96  ? 207 GLY A O   1 
ATOM   1059 N N   . GLN A 1 153 ? 7.686   8.520   -8.118  1.00 8.00  ? 208 GLN A N   1 
ATOM   1060 C CA  . GLN A 1 153 ? 6.806   7.695   -9.022  1.00 7.13  ? 208 GLN A CA  1 
ATOM   1061 C C   . GLN A 1 153 ? 6.286   6.560   -8.133  1.00 8.13  ? 208 GLN A C   1 
ATOM   1062 O O   . GLN A 1 153 ? 7.078   5.752   -7.627  1.00 6.24  ? 208 GLN A O   1 
ATOM   1063 C CB  . GLN A 1 153 ? 7.657   7.160   -10.154 1.00 8.55  ? 208 GLN A CB  1 
ATOM   1064 C CG  . GLN A 1 153 ? 8.367   8.276   -10.959 1.00 9.80  ? 208 GLN A CG  1 
ATOM   1065 C CD  . GLN A 1 153 ? 7.312   9.149   -11.584 1.00 11.36 ? 208 GLN A CD  1 
ATOM   1066 O OE1 . GLN A 1 153 ? 6.232   8.752   -11.972 1.00 12.01 ? 208 GLN A OE1 1 
ATOM   1067 N NE2 . GLN A 1 153 ? 7.580   10.453  -11.595 1.00 10.70 ? 208 GLN A NE2 1 
ATOM   1068 N N   . ALA A 1 154 ? 4.975   6.618   -7.945  1.00 6.96  ? 209 ALA A N   1 
ATOM   1069 C CA  . ALA A 1 154 ? 4.252   5.623   -7.118  1.00 7.62  ? 209 ALA A CA  1 
ATOM   1070 C C   . ALA A 1 154 ? 4.257   4.288   -7.875  1.00 7.72  ? 209 ALA A C   1 
ATOM   1071 O O   . ALA A 1 154 ? 3.927   4.195   -9.085  1.00 9.15  ? 209 ALA A O   1 
ATOM   1072 C CB  . ALA A 1 154 ? 2.847   6.211   -7.057  1.00 4.51  ? 209 ALA A CB  1 
ATOM   1073 N N   . GLN A 1 155 ? 4.637   3.212   -7.222  1.00 5.92  ? 210 GLN A N   1 
ATOM   1074 C CA  . GLN A 1 155 ? 4.770   1.873   -7.777  1.00 7.57  ? 210 GLN A CA  1 
ATOM   1075 C C   . GLN A 1 155 ? 3.643   0.882   -7.417  1.00 9.23  ? 210 GLN A C   1 
ATOM   1076 O O   . GLN A 1 155 ? 3.317   0.050   -8.290  1.00 7.90  ? 210 GLN A O   1 
ATOM   1077 C CB  . GLN A 1 155 ? 6.063   1.203   -7.273  1.00 6.25  ? 210 GLN A CB  1 
ATOM   1078 C CG  . GLN A 1 155 ? 7.271   2.049   -7.647  1.00 9.37  ? 210 GLN A CG  1 
ATOM   1079 C CD  . GLN A 1 155 ? 7.365   2.315   -9.134  1.00 10.82 ? 210 GLN A CD  1 
ATOM   1080 O OE1 . GLN A 1 155 ? 7.461   1.348   -9.862  1.00 11.54 ? 210 GLN A OE1 1 
ATOM   1081 N NE2 . GLN A 1 155 ? 7.355   3.518   -9.717  1.00 9.89  ? 210 GLN A NE2 1 
ATOM   1082 N N   . GLY A 1 156 ? 3.137   0.964   -6.161  1.00 8.32  ? 211 GLY A N   1 
ATOM   1083 C CA  . GLY A 1 156 ? 2.096   -0.006  -5.817  1.00 6.68  ? 211 GLY A CA  1 
ATOM   1084 C C   . GLY A 1 156 ? 1.861   0.017   -4.299  1.00 8.66  ? 211 GLY A C   1 
ATOM   1085 O O   . GLY A 1 156 ? 2.364   0.974   -3.660  1.00 8.96  ? 211 GLY A O   1 
ATOM   1086 N N   . VAL A 1 157 ? 1.085   -0.971  -3.876  1.00 5.81  ? 212 VAL A N   1 
ATOM   1087 C CA  . VAL A 1 157 ? 0.737   -0.980  -2.428  1.00 7.35  ? 212 VAL A CA  1 
ATOM   1088 C C   . VAL A 1 157 ? 1.184   -2.339  -1.872  1.00 6.90  ? 212 VAL A C   1 
ATOM   1089 O O   . VAL A 1 157 ? 1.051   -3.388  -2.538  1.00 5.60  ? 212 VAL A O   1 
ATOM   1090 C CB  . VAL A 1 157 ? -0.798  -0.810  -2.242  1.00 7.69  ? 212 VAL A CB  1 
ATOM   1091 C CG1 . VAL A 1 157 ? -1.367  0.534   -2.668  1.00 8.58  ? 212 VAL A CG1 1 
ATOM   1092 C CG2 . VAL A 1 157 ? -1.581  -1.841  -3.047  1.00 7.37  ? 212 VAL A CG2 1 
ATOM   1093 N N   . MET A 1 158 ? 1.653   -2.267  -0.653  1.00 6.90  ? 213 MET A N   1 
ATOM   1094 C CA  . MET A 1 158 ? 2.124   -3.468  0.097   1.00 6.13  ? 213 MET A CA  1 
ATOM   1095 C C   . MET A 1 158 ? 1.060   -4.578  0.212   1.00 6.34  ? 213 MET A C   1 
ATOM   1096 O O   . MET A 1 158 ? -0.044  -4.368  0.702   1.00 6.45  ? 213 MET A O   1 
ATOM   1097 C CB  . MET A 1 158 ? 2.569   -3.022  1.500   1.00 5.95  ? 213 MET A CB  1 
ATOM   1098 C CG  . MET A 1 158 ? 3.191   -4.080  2.382   1.00 6.82  ? 213 MET A CG  1 
ATOM   1099 S SD  . MET A 1 158 ? 5.000   -4.249  2.069   1.00 8.66  ? 213 MET A SD  1 
ATOM   1100 C CE  . MET A 1 158 ? 5.000   -5.869  1.361   1.00 7.74  ? 213 MET A CE  1 
ATOM   1101 N N   . SER A 1 159 ? 1.464   -5.789  -0.177  1.00 5.63  ? 214 SER A N   1 
ATOM   1102 C CA  . SER A 1 159 ? 0.635   -6.973  -0.100  1.00 6.35  ? 214 SER A CA  1 
ATOM   1103 C C   . SER A 1 159 ? 1.116   -7.899  1.034   1.00 5.90  ? 214 SER A C   1 
ATOM   1104 O O   . SER A 1 159 ? 0.326   -8.089  2.003   1.00 8.64  ? 214 SER A O   1 
ATOM   1105 C CB  . SER A 1 159 ? 0.603   -7.815  -1.407  1.00 6.08  ? 214 SER A CB  1 
ATOM   1106 O OG  . SER A 1 159 ? -0.285  -8.954  -1.173  1.00 7.03  ? 214 SER A OG  1 
ATOM   1107 N N   . GLY A 1 160 ? 2.338   -8.411  0.900   1.00 5.31  ? 215 GLY A N   1 
ATOM   1108 C CA  . GLY A 1 160 ? 2.739   -9.371  1.981   1.00 5.42  ? 215 GLY A CA  1 
ATOM   1109 C C   . GLY A 1 160 ? 4.162   -9.812  1.723   1.00 8.12  ? 215 GLY A C   1 
ATOM   1110 O O   . GLY A 1 160 ? 4.893   -9.172  0.932   1.00 8.89  ? 215 GLY A O   1 
ATOM   1111 N N   . GLY A 1 161 ? 4.574   -10.860 2.399   1.00 8.42  ? 216 GLY A N   1 
ATOM   1112 C CA  . GLY A 1 161 ? 5.953   -11.328 2.278   1.00 11.69 ? 216 GLY A CA  1 
ATOM   1113 C C   . GLY A 1 161 ? 6.355   -12.315 3.352   1.00 10.98 ? 216 GLY A C   1 
ATOM   1114 O O   . GLY A 1 161 ? 5.399   -12.775 3.995   1.00 13.07 ? 216 GLY A O   1 
ATOM   1115 N N   . ASN A 1 162 ? 7.657   -12.588 3.378   1.00 10.76 ? 217 ASN A N   1 
ATOM   1116 C CA  . ASN A 1 162 ? 8.138   -13.595 4.369   1.00 11.52 ? 217 ASN A CA  1 
ATOM   1117 C C   . ASN A 1 162 ? 8.441   -13.021 5.749   1.00 12.56 ? 217 ASN A C   1 
ATOM   1118 O O   . ASN A 1 162 ? 9.587   -12.887 6.194   1.00 12.55 ? 217 ASN A O   1 
ATOM   1119 C CB  . ASN A 1 162 ? 9.336   -14.233 3.661   1.00 12.09 ? 217 ASN A CB  1 
ATOM   1120 C CG  . ASN A 1 162 ? 10.547  -13.362 3.412   1.00 15.09 ? 217 ASN A CG  1 
ATOM   1121 O OD1 . ASN A 1 162 ? 10.585  -12.129 3.239   1.00 14.33 ? 217 ASN A OD1 1 
ATOM   1122 N ND2 . ASN A 1 162 ? 11.701  -14.088 3.433   1.00 13.51 ? 217 ASN A ND2 1 
ATOM   1123 N N   . VAL A 1 163 A 7.390   -12.718 6.464   1.00 14.32 ? 217 VAL A N   1 
ATOM   1124 C CA  . VAL A 1 163 A 7.466   -12.150 7.821   1.00 17.92 ? 217 VAL A CA  1 
ATOM   1125 C C   . VAL A 1 163 A 8.068   -13.257 8.663   1.00 16.23 ? 217 VAL A C   1 
ATOM   1126 O O   . VAL A 1 163 A 7.584   -14.358 8.412   1.00 16.46 ? 217 VAL A O   1 
ATOM   1127 C CB  . VAL A 1 163 A 6.154   -11.653 8.443   1.00 19.18 ? 217 VAL A CB  1 
ATOM   1128 C CG1 . VAL A 1 163 A 5.234   -11.011 7.381   1.00 22.61 ? 217 VAL A CG1 1 
ATOM   1129 C CG2 . VAL A 1 163 A 5.285   -12.728 9.009   1.00 22.18 ? 217 VAL A CG2 1 
ATOM   1130 N N   . GLN A 1 164 B 8.920   -12.920 9.563   1.00 15.75 ? 217 GLN A N   1 
ATOM   1131 C CA  . GLN A 1 164 B 9.532   -13.938 10.482  1.00 14.42 ? 217 GLN A CA  1 
ATOM   1132 C C   . GLN A 1 164 B 8.724   -13.896 11.778  1.00 13.40 ? 217 GLN A C   1 
ATOM   1133 O O   . GLN A 1 164 B 7.713   -13.183 11.904  1.00 12.21 ? 217 GLN A O   1 
ATOM   1134 C CB  . GLN A 1 164 B 11.011  -13.666 10.699  1.00 14.53 ? 217 GLN A CB  1 
ATOM   1135 C CG  . GLN A 1 164 B 11.644  -13.400 9.332   1.00 17.44 ? 217 GLN A CG  1 
ATOM   1136 C CD  . GLN A 1 164 B 11.680  -14.708 8.545   1.00 21.67 ? 217 GLN A CD  1 
ATOM   1137 O OE1 . GLN A 1 164 B 12.368  -15.590 9.103   1.00 22.31 ? 217 GLN A OE1 1 
ATOM   1138 N NE2 . GLN A 1 164 B 11.047  -14.880 7.377   1.00 20.03 ? 217 GLN A NE2 1 
ATOM   1139 N N   . SER A 1 165 C 9.170   -14.648 12.762  1.00 14.41 ? 217 SER A N   1 
ATOM   1140 C CA  . SER A 1 165 C 8.452   -14.728 14.067  1.00 15.78 ? 217 SER A CA  1 
ATOM   1141 C C   . SER A 1 165 C 8.439   -13.379 14.776  1.00 14.98 ? 217 SER A C   1 
ATOM   1142 O O   . SER A 1 165 C 7.487   -13.279 15.567  1.00 16.86 ? 217 SER A O   1 
ATOM   1143 C CB  . SER A 1 165 C 8.995   -15.903 14.875  1.00 18.33 ? 217 SER A CB  1 
ATOM   1144 O OG  . SER A 1 165 C 10.324  -15.504 15.250  1.00 24.76 ? 217 SER A OG  1 
ATOM   1145 N N   . ASN A 1 166 D 9.301   -12.414 14.548  1.00 11.42 ? 217 ASN A N   1 
ATOM   1146 C CA  . ASN A 1 166 D 9.229   -11.123 15.219  1.00 9.73  ? 217 ASN A CA  1 
ATOM   1147 C C   . ASN A 1 166 D 8.245   -10.195 14.490  1.00 10.03 ? 217 ASN A C   1 
ATOM   1148 O O   . ASN A 1 166 D 8.117   -9.007  14.835  1.00 9.50  ? 217 ASN A O   1 
ATOM   1149 C CB  . ASN A 1 166 D 10.643  -10.558 15.272  1.00 11.30 ? 217 ASN A CB  1 
ATOM   1150 C CG  . ASN A 1 166 D 11.130  -10.119 13.894  1.00 13.76 ? 217 ASN A CG  1 
ATOM   1151 O OD1 . ASN A 1 166 D 10.586  -10.503 12.834  1.00 11.93 ? 217 ASN A OD1 1 
ATOM   1152 N ND2 . ASN A 1 166 D 12.150  -9.280  13.929  1.00 14.31 ? 217 ASN A ND2 1 
ATOM   1153 N N   . GLY A 1 167 E 7.509   -10.708 13.519  1.00 10.03 ? 217 GLY A N   1 
ATOM   1154 C CA  . GLY A 1 167 E 6.504   -9.890  12.805  1.00 9.49  ? 217 GLY A CA  1 
ATOM   1155 C C   . GLY A 1 167 E 7.007   -9.092  11.599  1.00 10.00 ? 217 GLY A C   1 
ATOM   1156 O O   . GLY A 1 167 E 6.140   -8.391  11.006  1.00 12.15 ? 217 GLY A O   1 
ATOM   1157 N N   . ASN A 1 168 ? 8.260   -9.155  11.254  1.00 8.36  ? 218 ASN A N   1 
ATOM   1158 C CA  . ASN A 1 168 ? 8.764   -8.428  10.083  1.00 7.89  ? 218 ASN A CA  1 
ATOM   1159 C C   . ASN A 1 168 ? 9.804   -9.295  9.405   1.00 10.02 ? 218 ASN A C   1 
ATOM   1160 O O   . ASN A 1 168 ? 10.100  -10.411 9.894   1.00 9.95  ? 218 ASN A O   1 
ATOM   1161 C CB  . ASN A 1 168 ? 9.252   -7.075  10.536  1.00 7.43  ? 218 ASN A CB  1 
ATOM   1162 C CG  . ASN A 1 168 ? 10.386  -7.088  11.526  1.00 8.88  ? 218 ASN A CG  1 
ATOM   1163 O OD1 . ASN A 1 168 ? 11.497  -7.444  11.099  1.00 10.18 ? 218 ASN A OD1 1 
ATOM   1164 N ND2 . ASN A 1 168 ? 10.180  -6.658  12.755  1.00 7.83  ? 218 ASN A ND2 1 
ATOM   1165 N N   . ASN A 1 169 ? 10.447  -8.791  8.363   1.00 9.77  ? 219 ASN A N   1 
ATOM   1166 C CA  . ASN A 1 169 ? 11.556  -9.475  7.680   1.00 10.27 ? 219 ASN A CA  1 
ATOM   1167 C C   . ASN A 1 169 ? 12.764  -8.495  7.756   1.00 10.87 ? 219 ASN A C   1 
ATOM   1168 O O   . ASN A 1 169 ? 13.708  -8.603  6.949   1.00 10.34 ? 219 ASN A O   1 
ATOM   1169 C CB  . ASN A 1 169 ? 11.270  -9.986  6.268   1.00 8.94  ? 219 ASN A CB  1 
ATOM   1170 C CG  . ASN A 1 169 ? 10.877  -8.884  5.266   1.00 8.92  ? 219 ASN A CG  1 
ATOM   1171 O OD1 . ASN A 1 169 ? 10.971  -7.639  5.463   1.00 8.78  ? 219 ASN A OD1 1 
ATOM   1172 N ND2 . ASN A 1 169 ? 10.394  -9.310  4.082   1.00 9.91  ? 219 ASN A ND2 1 
ATOM   1173 N N   . CYS A 1 170 ? 12.698  -7.591  8.740   1.00 11.76 ? 220 CYS A N   1 
ATOM   1174 C CA  . CYS A 1 170 ? 13.823  -6.647  8.886   1.00 12.87 ? 220 CYS A CA  1 
ATOM   1175 C C   . CYS A 1 170 ? 15.002  -7.326  9.570   1.00 14.46 ? 220 CYS A C   1 
ATOM   1176 O O   . CYS A 1 170 ? 16.071  -6.778  9.335   1.00 16.33 ? 220 CYS A O   1 
ATOM   1177 C CB  . CYS A 1 170 ? 13.483  -5.361  9.603   1.00 12.80 ? 220 CYS A CB  1 
ATOM   1178 S SG  . CYS A 1 170 ? 12.135  -4.442  8.788   1.00 12.10 ? 220 CYS A SG  1 
ATOM   1179 N N   . GLY A 1 171 ? 14.935  -8.399  10.283  1.00 16.68 ? 221 GLY A N   1 
ATOM   1180 C CA  . GLY A 1 171 ? 16.120  -8.974  10.932  1.00 17.27 ? 221 GLY A CA  1 
ATOM   1181 C C   . GLY A 1 171 ? 16.817  -10.032 10.097  1.00 20.89 ? 221 GLY A C   1 
ATOM   1182 O O   . GLY A 1 171 ? 17.647  -10.743 10.675  1.00 22.71 ? 221 GLY A O   1 
ATOM   1183 N N   . ILE A 1 172 A 16.524  -10.210 8.811   1.00 20.36 ? 221 ILE A N   1 
ATOM   1184 C CA  . ILE A 1 172 A 17.178  -11.165 7.924   1.00 19.67 ? 221 ILE A CA  1 
ATOM   1185 C C   . ILE A 1 172 A 17.770  -10.268 6.819   1.00 20.10 ? 221 ILE A C   1 
ATOM   1186 O O   . ILE A 1 172 A 17.260  -9.153  6.594   1.00 19.72 ? 221 ILE A O   1 
ATOM   1187 C CB  . ILE A 1 172 A 16.297  -12.304 7.394   1.00 18.71 ? 221 ILE A CB  1 
ATOM   1188 C CG1 . ILE A 1 172 A 15.233  -11.632 6.498   1.00 18.55 ? 221 ILE A CG1 1 
ATOM   1189 C CG2 . ILE A 1 172 A 15.705  -13.127 8.530   1.00 18.58 ? 221 ILE A CG2 1 
ATOM   1190 C CD1 . ILE A 1 172 A 14.288  -12.686 5.814   1.00 16.65 ? 221 ILE A CD1 1 
ATOM   1191 N N   . PRO A 1 173 B 18.806  -10.798 6.174   1.00 20.68 ? 221 PRO A N   1 
ATOM   1192 C CA  . PRO A 1 173 B 19.497  -9.989  5.149   1.00 19.86 ? 221 PRO A CA  1 
ATOM   1193 C C   . PRO A 1 173 B 18.626  -9.693  3.950   1.00 17.46 ? 221 PRO A C   1 
ATOM   1194 O O   . PRO A 1 173 B 17.806  -10.521 3.640   1.00 16.07 ? 221 PRO A O   1 
ATOM   1195 C CB  . PRO A 1 173 B 20.782  -10.742 4.937   1.00 20.55 ? 221 PRO A CB  1 
ATOM   1196 C CG  . PRO A 1 173 B 20.592  -12.117 5.504   1.00 20.73 ? 221 PRO A CG  1 
ATOM   1197 C CD  . PRO A 1 173 B 19.401  -12.116 6.405   1.00 20.07 ? 221 PRO A CD  1 
ATOM   1198 N N   . ALA A 1 174 C 18.856  -8.592  3.303   1.00 17.42 ? 221 ALA A N   1 
ATOM   1199 C CA  . ALA A 1 174 C 18.153  -8.106  2.124   1.00 17.74 ? 221 ALA A CA  1 
ATOM   1200 C C   . ALA A 1 174 C 18.076  -9.222  1.110   1.00 18.57 ? 221 ALA A C   1 
ATOM   1201 O O   . ALA A 1 174 C 17.030  -9.415  0.473   1.00 17.78 ? 221 ALA A O   1 
ATOM   1202 C CB  . ALA A 1 174 C 18.773  -6.877  1.499   1.00 16.83 ? 221 ALA A CB  1 
ATOM   1203 N N   . SER A 1 175 ? 19.141  -9.961  0.995   1.00 19.63 ? 222 SER A N   1 
ATOM   1204 C CA  . SER A 1 175 ? 19.165  -11.078 0.030   1.00 21.24 ? 222 SER A CA  1 
ATOM   1205 C C   . SER A 1 175 ? 18.089  -12.108 0.352   1.00 21.05 ? 222 SER A C   1 
ATOM   1206 O O   . SER A 1 175 ? 17.737  -12.767 -0.643  1.00 22.21 ? 222 SER A O   1 
ATOM   1207 C CB  . SER A 1 175 ? 20.526  -11.770 -0.077  1.00 23.41 ? 222 SER A CB  1 
ATOM   1208 O OG  . SER A 1 175 ? 20.986  -12.256 1.187   1.00 26.15 ? 222 SER A OG  1 
ATOM   1209 N N   . GLN A 1 176 ? 17.594  -12.255 1.549   1.00 19.62 ? 223 GLN A N   1 
ATOM   1210 C CA  . GLN A 1 176 ? 16.609  -13.295 1.829   1.00 18.43 ? 223 GLN A CA  1 
ATOM   1211 C C   . GLN A 1 176 ? 15.224  -12.741 2.003   1.00 17.92 ? 223 GLN A C   1 
ATOM   1212 O O   . GLN A 1 176 ? 14.397  -13.546 2.392   1.00 16.35 ? 223 GLN A O   1 
ATOM   1213 C CB  . GLN A 1 176 ? 17.041  -13.928 3.140   1.00 22.97 ? 223 GLN A CB  1 
ATOM   1214 C CG  . GLN A 1 176 ? 18.369  -14.676 2.957   1.00 29.50 ? 223 GLN A CG  1 
ATOM   1215 C CD  . GLN A 1 176 ? 18.845  -15.085 4.338   1.00 35.46 ? 223 GLN A CD  1 
ATOM   1216 O OE1 . GLN A 1 176 ? 18.085  -15.297 5.306   1.00 37.48 ? 223 GLN A OE1 1 
ATOM   1217 N NE2 . GLN A 1 176 ? 20.172  -15.196 4.517   1.00 38.36 ? 223 GLN A NE2 1 
ATOM   1218 N N   . ARG A 1 177 ? 14.990  -11.460 1.717   1.00 15.03 ? 224 ARG A N   1 
ATOM   1219 C CA  . ARG A 1 177 ? 13.624  -10.926 1.905   1.00 12.55 ? 224 ARG A CA  1 
ATOM   1220 C C   . ARG A 1 177 ? 12.726  -11.024 0.712   1.00 13.36 ? 224 ARG A C   1 
ATOM   1221 O O   . ARG A 1 177 ? 13.329  -10.814 -0.367  1.00 17.03 ? 224 ARG A O   1 
ATOM   1222 C CB  . ARG A 1 177 ? 13.806  -9.439  2.214   1.00 10.72 ? 224 ARG A CB  1 
ATOM   1223 C CG  . ARG A 1 177 ? 14.524  -9.261  3.531   1.00 10.78 ? 224 ARG A CG  1 
ATOM   1224 C CD  . ARG A 1 177 ? 14.654  -7.768  3.661   1.00 13.44 ? 224 ARG A CD  1 
ATOM   1225 N NE  . ARG A 1 177 ? 15.516  -7.526  4.782   1.00 12.72 ? 224 ARG A NE  1 
ATOM   1226 C CZ  . ARG A 1 177 ? 16.230  -6.441  4.815   1.00 14.61 ? 224 ARG A CZ  1 
ATOM   1227 N NH1 . ARG A 1 177 ? 16.195  -5.513  3.874   1.00 15.07 ? 224 ARG A NH1 1 
ATOM   1228 N NH2 . ARG A 1 177 ? 17.048  -6.241  5.859   1.00 17.05 ? 224 ARG A NH2 1 
ATOM   1229 N N   . SER A 1 178 ? 11.467  -11.261 0.851   1.00 12.65 ? 225 SER A N   1 
ATOM   1230 C CA  . SER A 1 178 ? 10.583  -11.250 -0.348  1.00 12.98 ? 225 SER A CA  1 
ATOM   1231 C C   . SER A 1 178 ? 9.487   -10.330 0.200   1.00 11.32 ? 225 SER A C   1 
ATOM   1232 O O   . SER A 1 178 ? 8.760   -10.816 1.086   1.00 12.08 ? 225 SER A O   1 
ATOM   1233 C CB  . SER A 1 178 ? 9.925   -12.554 -0.658  1.00 14.64 ? 225 SER A CB  1 
ATOM   1234 O OG  . SER A 1 178 ? 8.857   -12.472 -1.578  1.00 18.58 ? 225 SER A OG  1 
ATOM   1235 N N   . SER A 1 179 ? 9.361   -9.140  -0.259  1.00 9.26  ? 226 SER A N   1 
ATOM   1236 C CA  . SER A 1 179 ? 8.382   -8.164  0.144   1.00 9.20  ? 226 SER A CA  1 
ATOM   1237 C C   . SER A 1 179 ? 7.618   -7.915  -1.163  1.00 10.31 ? 226 SER A C   1 
ATOM   1238 O O   . SER A 1 179 ? 8.280   -7.382  -2.072  1.00 11.84 ? 226 SER A O   1 
ATOM   1239 C CB  . SER A 1 179 ? 9.037   -6.869  0.655   1.00 9.48  ? 226 SER A CB  1 
ATOM   1240 O OG  . SER A 1 179 ? 9.785   -7.179  1.847   1.00 10.42 ? 226 SER A OG  1 
ATOM   1241 N N   . LEU A 1 180 ? 6.338   -8.236  -1.194  1.00 9.32  ? 227 LEU A N   1 
ATOM   1242 C CA  . LEU A 1 180 ? 5.540   -8.104  -2.417  1.00 8.87  ? 227 LEU A CA  1 
ATOM   1243 C C   . LEU A 1 180 ? 4.485   -6.991  -2.411  1.00 8.95  ? 227 LEU A C   1 
ATOM   1244 O O   . LEU A 1 180 ? 3.845   -6.802  -1.368  1.00 7.74  ? 227 LEU A O   1 
ATOM   1245 C CB  . LEU A 1 180 ? 4.835   -9.472  -2.529  1.00 8.90  ? 227 LEU A CB  1 
ATOM   1246 C CG  . LEU A 1 180 ? 5.747   -10.689 -2.368  1.00 11.26 ? 227 LEU A CG  1 
ATOM   1247 C CD1 . LEU A 1 180 ? 4.937   -11.983 -2.226  1.00 12.28 ? 227 LEU A CD1 1 
ATOM   1248 C CD2 . LEU A 1 180 ? 6.706   -10.784 -3.568  1.00 10.66 ? 227 LEU A CD2 1 
ATOM   1249 N N   . PHE A 1 181 ? 4.406   -6.308  -3.561  1.00 6.69  ? 228 PHE A N   1 
ATOM   1250 C CA  . PHE A 1 181 ? 3.464   -5.213  -3.695  1.00 6.84  ? 228 PHE A CA  1 
ATOM   1251 C C   . PHE A 1 181 ? 2.633   -5.457  -4.972  1.00 8.44  ? 228 PHE A C   1 
ATOM   1252 O O   . PHE A 1 181 ? 3.171   -6.062  -5.902  1.00 8.61  ? 228 PHE A O   1 
ATOM   1253 C CB  . PHE A 1 181 ? 4.144   -3.852  -3.704  1.00 7.23  ? 228 PHE A CB  1 
ATOM   1254 C CG  . PHE A 1 181 ? 5.072   -3.450  -4.802  1.00 8.58  ? 228 PHE A CG  1 
ATOM   1255 C CD1 . PHE A 1 181 ? 4.580   -2.884  -5.970  1.00 8.20  ? 228 PHE A CD1 1 
ATOM   1256 C CD2 . PHE A 1 181 ? 6.456   -3.616  -4.659  1.00 7.15  ? 228 PHE A CD2 1 
ATOM   1257 C CE1 . PHE A 1 181 ? 5.443   -2.501  -6.991  1.00 8.46  ? 228 PHE A CE1 1 
ATOM   1258 C CE2 . PHE A 1 181 ? 7.366   -3.218  -5.635  1.00 6.54  ? 228 PHE A CE2 1 
ATOM   1259 C CZ  . PHE A 1 181 ? 6.842   -2.671  -6.796  1.00 8.29  ? 228 PHE A CZ  1 
ATOM   1260 N N   . GLU A 1 182 ? 1.413   -4.939  -4.882  1.00 8.71  ? 229 GLU A N   1 
ATOM   1261 C CA  . GLU A 1 182 ? 0.474   -5.004  -6.025  1.00 8.56  ? 229 GLU A CA  1 
ATOM   1262 C C   . GLU A 1 182 ? 0.768   -3.726  -6.832  1.00 7.31  ? 229 GLU A C   1 
ATOM   1263 O O   . GLU A 1 182 ? 0.774   -2.622  -6.213  1.00 7.15  ? 229 GLU A O   1 
ATOM   1264 C CB  . GLU A 1 182 ? -0.951  -4.880  -5.459  1.00 7.20  ? 229 GLU A CB  1 
ATOM   1265 C CG  . GLU A 1 182 ? -2.186  -4.700  -6.367  1.00 8.49  ? 229 GLU A CG  1 
ATOM   1266 C CD  . GLU A 1 182 ? -2.496  -6.040  -7.053  1.00 11.20 ? 229 GLU A CD  1 
ATOM   1267 O OE1 . GLU A 1 182 ? -1.616  -6.816  -7.521  1.00 13.37 ? 229 GLU A OE1 1 
ATOM   1268 O OE2 . GLU A 1 182 ? -3.711  -6.360  -7.087  1.00 10.14 ? 229 GLU A OE2 1 
ATOM   1269 N N   . ARG A 1 183 ? 0.957   -3.899  -8.115  1.00 6.38  ? 230 ARG A N   1 
ATOM   1270 C CA  . ARG A 1 183 ? 1.207   -2.771  -9.039  1.00 9.25  ? 230 ARG A CA  1 
ATOM   1271 C C   . ARG A 1 183 ? 0.117   -1.718  -8.996  1.00 9.33  ? 230 ARG A C   1 
ATOM   1272 O O   . ARG A 1 183 ? -1.043  -2.136  -8.955  1.00 8.74  ? 230 ARG A O   1 
ATOM   1273 C CB  . ARG A 1 183 ? 1.220   -3.240  -10.508 1.00 7.14  ? 230 ARG A CB  1 
ATOM   1274 C CG  . ARG A 1 183 ? 2.495   -4.031  -10.693 1.00 9.22  ? 230 ARG A CG  1 
ATOM   1275 C CD  . ARG A 1 183 ? 2.538   -4.904  -11.917 1.00 11.65 ? 230 ARG A CD  1 
ATOM   1276 N NE  . ARG A 1 183 ? 2.413   -4.000  -13.049 1.00 13.97 ? 230 ARG A NE  1 
ATOM   1277 C CZ  . ARG A 1 183 ? 1.378   -4.030  -13.876 1.00 16.40 ? 230 ARG A CZ  1 
ATOM   1278 N NH1 . ARG A 1 183 ? 0.391   -4.923  -13.966 1.00 15.44 ? 230 ARG A NH1 1 
ATOM   1279 N NH2 . ARG A 1 183 ? 1.313   -2.969  -14.735 1.00 16.93 ? 230 ARG A NH2 1 
ATOM   1280 N N   . LEU A 1 184 ? 0.434   -0.452  -8.960  1.00 9.33  ? 231 LEU A N   1 
ATOM   1281 C CA  . LEU A 1 184 ? -0.618  0.602   -8.918  1.00 8.10  ? 231 LEU A CA  1 
ATOM   1282 C C   . LEU A 1 184 ? -1.383  0.750   -10.221 1.00 7.57  ? 231 LEU A C   1 
ATOM   1283 O O   . LEU A 1 184 ? -2.582  1.013   -10.142 1.00 8.09  ? 231 LEU A O   1 
ATOM   1284 C CB  . LEU A 1 184 ? 0.144   1.908   -8.515  1.00 5.69  ? 231 LEU A CB  1 
ATOM   1285 C CG  . LEU A 1 184 ? -0.738  3.151   -8.379  1.00 8.93  ? 231 LEU A CG  1 
ATOM   1286 C CD1 . LEU A 1 184 ? -1.859  3.011   -7.363  1.00 7.57  ? 231 LEU A CD1 1 
ATOM   1287 C CD2 . LEU A 1 184 ? 0.070   4.423   -8.091  1.00 7.62  ? 231 LEU A CD2 1 
ATOM   1288 N N   . GLN A 1 185 ? -0.709  0.699   -11.370 1.00 7.92  ? 232 GLN A N   1 
ATOM   1289 C CA  . GLN A 1 185 ? -1.371  0.923   -12.673 1.00 10.23 ? 232 GLN A CA  1 
ATOM   1290 C C   . GLN A 1 185 ? -2.702  0.242   -12.891 1.00 8.97  ? 232 GLN A C   1 
ATOM   1291 O O   . GLN A 1 185 ? -3.684  0.930   -13.173 1.00 8.13  ? 232 GLN A O   1 
ATOM   1292 C CB  . GLN A 1 185 ? -0.409  0.758   -13.863 1.00 11.83 ? 232 GLN A CB  1 
ATOM   1293 C CG  . GLN A 1 185 ? 0.386   2.077   -13.960 1.00 19.34 ? 232 GLN A CG  1 
ATOM   1294 C CD  . GLN A 1 185 ? 1.519   1.908   -14.930 1.00 23.78 ? 232 GLN A CD  1 
ATOM   1295 O OE1 . GLN A 1 185 ? 1.536   0.990   -15.769 1.00 27.48 ? 232 GLN A OE1 1 
ATOM   1296 N NE2 . GLN A 1 185 ? 2.552   2.754   -14.876 1.00 25.58 ? 232 GLN A NE2 1 
ATOM   1297 N N   . PRO A 1 186 ? -2.786  -1.053  -12.730 1.00 9.45  ? 233 PRO A N   1 
ATOM   1298 C CA  . PRO A 1 186 ? -4.034  -1.785  -12.908 1.00 8.85  ? 233 PRO A CA  1 
ATOM   1299 C C   . PRO A 1 186 ? -5.065  -1.371  -11.881 1.00 10.01 ? 233 PRO A C   1 
ATOM   1300 O O   . PRO A 1 186 ? -6.285  -1.467  -12.228 1.00 9.82  ? 233 PRO A O   1 
ATOM   1301 C CB  . PRO A 1 186 ? -3.546  -3.236  -12.903 1.00 9.95  ? 233 PRO A CB  1 
ATOM   1302 C CG  . PRO A 1 186 ? -2.397  -3.215  -11.967 1.00 11.48 ? 233 PRO A CG  1 
ATOM   1303 C CD  . PRO A 1 186 ? -1.638  -1.940  -12.395 1.00 9.46  ? 233 PRO A CD  1 
ATOM   1304 N N   . ILE A 1 187 ? -4.697  -0.968  -10.668 1.00 7.56  ? 234 ILE A N   1 
ATOM   1305 C CA  . ILE A 1 187 ? -5.714  -0.531  -9.710  1.00 7.08  ? 234 ILE A CA  1 
ATOM   1306 C C   . ILE A 1 187 ? -6.303  0.797   -10.267 1.00 7.83  ? 234 ILE A C   1 
ATOM   1307 O O   . ILE A 1 187 ? -7.559  0.924   -10.213 1.00 7.33  ? 234 ILE A O   1 
ATOM   1308 C CB  . ILE A 1 187 ? -5.131  -0.207  -8.250  1.00 7.91  ? 234 ILE A CB  1 
ATOM   1309 C CG1 . ILE A 1 187 ? -4.264  -1.419  -7.850  1.00 7.17  ? 234 ILE A CG1 1 
ATOM   1310 C CG2 . ILE A 1 187 ? -6.296  0.203   -7.264  1.00 6.68  ? 234 ILE A CG2 1 
ATOM   1311 C CD1 . ILE A 1 187 ? -3.606  -1.127  -6.449  1.00 8.40  ? 234 ILE A CD1 1 
ATOM   1312 N N   . LEU A 1 188 ? -5.461  1.772   -10.701 1.00 6.09  ? 235 LEU A N   1 
ATOM   1313 C CA  . LEU A 1 188 ? -6.056  3.014   -11.194 1.00 5.68  ? 235 LEU A CA  1 
ATOM   1314 C C   . LEU A 1 188 ? -7.005  2.782   -12.388 1.00 6.63  ? 235 LEU A C   1 
ATOM   1315 O O   . LEU A 1 188 ? -8.042  3.444   -12.400 1.00 7.31  ? 235 LEU A O   1 
ATOM   1316 C CB  . LEU A 1 188 ? -4.894  3.942   -11.604 1.00 7.59  ? 235 LEU A CB  1 
ATOM   1317 C CG  . LEU A 1 188 ? -3.876  4.291   -10.497 1.00 9.60  ? 235 LEU A CG  1 
ATOM   1318 C CD1 . LEU A 1 188 ? -2.757  5.093   -11.104 1.00 8.59  ? 235 LEU A CD1 1 
ATOM   1319 C CD2 . LEU A 1 188 ? -4.598  5.150   -9.436  1.00 11.27 ? 235 LEU A CD2 1 
ATOM   1320 N N   . SER A 1 189 A -6.637  1.920   -13.325 1.00 5.51  ? 235 SER A N   1 
ATOM   1321 C CA  . SER A 1 189 A -7.523  1.702   -14.474 1.00 8.51  ? 235 SER A CA  1 
ATOM   1322 C C   . SER A 1 189 A -8.744  0.866   -14.108 1.00 9.29  ? 235 SER A C   1 
ATOM   1323 O O   . SER A 1 189 A -9.831  1.265   -14.585 1.00 10.80 ? 235 SER A O   1 
ATOM   1324 C CB  . SER A 1 189 A -6.745  1.348   -15.716 1.00 8.22  ? 235 SER A CB  1 
ATOM   1325 O OG  . SER A 1 189 A -6.189  0.069   -15.443 1.00 11.61 ? 235 SER A OG  1 
ATOM   1326 N N   . GLN A 1 190 ? -8.610  -0.155  -13.296 1.00 8.00  ? 236 GLN A N   1 
ATOM   1327 C CA  . GLN A 1 190 ? -9.771  -0.954  -12.888 1.00 8.25  ? 236 GLN A CA  1 
ATOM   1328 C C   . GLN A 1 190 ? -10.822 -0.058  -12.238 1.00 9.71  ? 236 GLN A C   1 
ATOM   1329 O O   . GLN A 1 190 ? -12.040 -0.235  -12.559 1.00 11.38 ? 236 GLN A O   1 
ATOM   1330 C CB  . GLN A 1 190 ? -9.354  -2.057  -11.908 1.00 9.22  ? 236 GLN A CB  1 
ATOM   1331 C CG  . GLN A 1 190 ? -10.665 -2.791  -11.597 1.00 13.38 ? 236 GLN A CG  1 
ATOM   1332 C CD  . GLN A 1 190 ? -10.269 -4.074  -10.927 1.00 16.01 ? 236 GLN A CD  1 
ATOM   1333 O OE1 . GLN A 1 190 ? -9.186  -4.580  -10.700 1.00 17.69 ? 236 GLN A OE1 1 
ATOM   1334 N NE2 . GLN A 1 190 ? -11.380 -4.665  -10.526 1.00 18.25 ? 236 GLN A NE2 1 
ATOM   1335 N N   . TYR A 1 191 ? -10.447 0.871   -11.385 1.00 6.71  ? 237 TYR A N   1 
ATOM   1336 C CA  . TYR A 1 191 ? -11.475 1.703   -10.717 1.00 7.82  ? 237 TYR A CA  1 
ATOM   1337 C C   . TYR A 1 191 ? -11.657 3.107   -11.268 1.00 7.98  ? 237 TYR A C   1 
ATOM   1338 O O   . TYR A 1 191 ? -12.474 3.781   -10.641 1.00 8.13  ? 237 TYR A O   1 
ATOM   1339 C CB  . TYR A 1 191 ? -11.208 1.738   -9.182  1.00 8.31  ? 237 TYR A CB  1 
ATOM   1340 C CG  . TYR A 1 191 ? -11.161 0.345   -8.583  1.00 7.51  ? 237 TYR A CG  1 
ATOM   1341 C CD1 . TYR A 1 191 ? -10.024 -0.117  -7.898  1.00 10.22 ? 237 TYR A CD1 1 
ATOM   1342 C CD2 . TYR A 1 191 ? -12.266 -0.488  -8.666  1.00 8.47  ? 237 TYR A CD2 1 
ATOM   1343 C CE1 . TYR A 1 191 ? -9.989  -1.392  -7.312  1.00 9.18  ? 237 TYR A CE1 1 
ATOM   1344 C CE2 . TYR A 1 191 ? -12.239 -1.759  -8.079  1.00 10.12 ? 237 TYR A CE2 1 
ATOM   1345 C CZ  . TYR A 1 191 ? -11.094 -2.198  -7.425  1.00 10.17 ? 237 TYR A CZ  1 
ATOM   1346 O OH  . TYR A 1 191 ? -11.193 -3.465  -6.919  1.00 12.48 ? 237 TYR A OH  1 
ATOM   1347 N N   . GLY A 1 192 ? -10.981 3.446   -12.356 1.00 7.79  ? 238 GLY A N   1 
ATOM   1348 C CA  . GLY A 1 192 ? -11.149 4.777   -12.958 1.00 8.10  ? 238 GLY A CA  1 
ATOM   1349 C C   . GLY A 1 192 ? -10.580 5.816   -11.993 1.00 8.55  ? 238 GLY A C   1 
ATOM   1350 O O   . GLY A 1 192 ? -11.265 6.902   -11.917 1.00 10.60 ? 238 GLY A O   1 
ATOM   1351 N N   . LEU A 1 193 ? -9.472  5.570   -11.283 1.00 7.84  ? 239 LEU A N   1 
ATOM   1352 C CA  . LEU A 1 193 ? -9.043  6.632   -10.291 1.00 6.75  ? 239 LEU A CA  1 
ATOM   1353 C C   . LEU A 1 193 ? -7.943  7.516   -10.822 1.00 7.83  ? 239 LEU A C   1 
ATOM   1354 O O   . LEU A 1 193 ? -7.224  6.940   -11.671 1.00 7.41  ? 239 LEU A O   1 
ATOM   1355 C CB  . LEU A 1 193 ? -8.431  5.838   -9.098  1.00 5.96  ? 239 LEU A CB  1 
ATOM   1356 C CG  . LEU A 1 193 ? -9.380  4.803   -8.509  1.00 5.17  ? 239 LEU A CG  1 
ATOM   1357 C CD1 . LEU A 1 193 ? -8.695  3.936   -7.448  1.00 4.59  ? 239 LEU A CD1 1 
ATOM   1358 C CD2 . LEU A 1 193 ? -10.587 5.515   -7.862  1.00 6.55  ? 239 LEU A CD2 1 
ATOM   1359 N N   . SER A 1 194 ? -7.782  8.701   -10.341 1.00 7.70  ? 240 SER A N   1 
ATOM   1360 C CA  . SER A 1 194 ? -6.607  9.508   -10.799 1.00 9.85  ? 240 SER A CA  1 
ATOM   1361 C C   . SER A 1 194 ? -5.785  9.785   -9.534  1.00 8.62  ? 240 SER A C   1 
ATOM   1362 O O   . SER A 1 194 ? -6.370  10.093  -8.464  1.00 9.95  ? 240 SER A O   1 
ATOM   1363 C CB  . SER A 1 194 ? -7.020  10.897  -11.310 1.00 13.45 ? 240 SER A CB  1 
ATOM   1364 O OG  . SER A 1 194 ? -7.847  10.666  -12.482 1.00 18.93 ? 240 SER A OG  1 
ATOM   1365 N N   . LEU A 1 195 ? -4.496  9.653   -9.654  1.00 9.84  ? 241 LEU A N   1 
ATOM   1366 C CA  . LEU A 1 195 ? -3.595  9.867   -8.496  1.00 9.79  ? 241 LEU A CA  1 
ATOM   1367 C C   . LEU A 1 195 ? -3.503  11.345  -8.165  1.00 10.23 ? 241 LEU A C   1 
ATOM   1368 O O   . LEU A 1 195 ? -3.410  12.136  -9.136  1.00 8.63  ? 241 LEU A O   1 
ATOM   1369 C CB  . LEU A 1 195 ? -2.241  9.317   -9.021  1.00 12.08 ? 241 LEU A CB  1 
ATOM   1370 C CG  . LEU A 1 195 ? -1.129  9.074   -8.027  1.00 12.28 ? 241 LEU A CG  1 
ATOM   1371 C CD1 . LEU A 1 195 ? -1.505  8.014   -6.950  1.00 11.58 ? 241 LEU A CD1 1 
ATOM   1372 C CD2 . LEU A 1 195 ? 0.011   8.499   -8.887  1.00 11.74 ? 241 LEU A CD2 1 
ATOM   1373 N N   . VAL A 1 196 ? -3.476  11.731  -6.904  1.00 8.86  ? 242 VAL A N   1 
ATOM   1374 C CA  . VAL A 1 196 ? -3.283  13.166  -6.575  1.00 9.50  ? 242 VAL A CA  1 
ATOM   1375 C C   . VAL A 1 196 ? -1.788  13.403  -6.631  1.00 9.50  ? 242 VAL A C   1 
ATOM   1376 O O   . VAL A 1 196 ? -1.073  12.632  -5.958  1.00 9.70  ? 242 VAL A O   1 
ATOM   1377 C CB  . VAL A 1 196 ? -3.810  13.319  -5.145  1.00 9.97  ? 242 VAL A CB  1 
ATOM   1378 C CG1 . VAL A 1 196 ? -3.484  14.689  -4.594  1.00 9.85  ? 242 VAL A CG1 1 
ATOM   1379 C CG2 . VAL A 1 196 ? -5.333  13.077  -5.208  1.00 10.50 ? 242 VAL A CG2 1 
ATOM   1380 N N   . THR A 1 197 ? -1.280  14.382  -7.339  1.00 9.72  ? 243 THR A N   1 
ATOM   1381 C CA  . THR A 1 197 ? 0.186   14.622  -7.440  1.00 9.35  ? 243 THR A CA  1 
ATOM   1382 C C   . THR A 1 197 ? 0.546   16.039  -7.092  1.00 9.86  ? 243 THR A C   1 
ATOM   1383 O O   . THR A 1 197 ? -0.359  16.871  -6.987  1.00 8.72  ? 243 THR A O   1 
ATOM   1384 C CB  . THR A 1 197 ? 0.736   14.236  -8.876  1.00 11.05 ? 243 THR A CB  1 
ATOM   1385 O OG1 . THR A 1 197 ? -0.021  15.130  -9.788  1.00 12.19 ? 243 THR A OG1 1 
ATOM   1386 C CG2 . THR A 1 197 ? 0.377   12.798  -9.306  1.00 10.90 ? 243 THR A CG2 1 
ATOM   1387 N N   . GLY A 1 198 ? 1.789   16.320  -6.846  1.00 10.03 ? 244 GLY A N   1 
ATOM   1388 C CA  . GLY A 1 198 ? 2.213   17.679  -6.478  1.00 13.57 ? 244 GLY A CA  1 
ATOM   1389 C C   . GLY A 1 198 ? 3.570   18.028  -7.072  1.00 15.33 ? 244 GLY A C   1 
ATOM   1390 O O   . GLY A 1 198 ? 4.123   18.937  -6.410  1.00 17.74 ? 244 GLY A O   1 
ATOM   1391 O OXT . GLY A 1 198 ? 4.049   17.435  -8.045  1.00 17.06 ? 244 GLY A OXT 1 
ATOM   1392 N N   . ALA B 2 2   ? 4.898   -16.971 2.562   1.00 27.47 ? 4   ALA P N   1 
ATOM   1393 C CA  . ALA B 2 2   ? 4.414   -15.576 2.529   1.00 24.10 ? 4   ALA P CA  1 
ATOM   1394 C C   . ALA B 2 2   ? 3.056   -15.380 3.182   1.00 21.27 ? 4   ALA P C   1 
ATOM   1395 O O   . ALA B 2 2   ? 2.191   -16.294 3.072   1.00 22.04 ? 4   ALA P O   1 
ATOM   1396 C CB  . ALA B 2 2   ? 4.164   -15.079 1.109   1.00 26.39 ? 4   ALA P CB  1 
ATOM   1397 N N   . ALA B 2 3   ? 2.929   -14.225 3.800   1.00 16.52 ? 3   ALA P N   1 
ATOM   1398 C CA  . ALA B 2 3   ? 1.612   -13.960 4.453   1.00 14.88 ? 3   ALA P CA  1 
ATOM   1399 C C   . ALA B 2 3   ? 1.295   -12.501 4.145   1.00 15.08 ? 3   ALA P C   1 
ATOM   1400 O O   . ALA B 2 3   ? 2.262   -11.785 3.891   1.00 11.56 ? 3   ALA P O   1 
ATOM   1401 C CB  . ALA B 2 3   ? 1.686   -14.263 5.931   1.00 15.30 ? 3   ALA P CB  1 
ATOM   1402 N N   . PRO B 2 4   ? 0.015   -12.172 4.113   1.00 15.07 ? 2   PRO P N   1 
ATOM   1403 C CA  . PRO B 2 4   ? -0.426  -10.799 3.869   1.00 14.36 ? 2   PRO P CA  1 
ATOM   1404 C C   . PRO B 2 4   ? 0.016   -9.966  5.068   1.00 16.27 ? 2   PRO P C   1 
ATOM   1405 O O   . PRO B 2 4   ? 0.098   -10.548 6.172   1.00 16.75 ? 2   PRO P O   1 
ATOM   1406 C CB  . PRO B 2 4   ? -1.939  -10.889 3.797   1.00 14.21 ? 2   PRO P CB  1 
ATOM   1407 C CG  . PRO B 2 4   ? -2.257  -12.358 3.628   1.00 16.26 ? 2   PRO P CG  1 
ATOM   1408 C CD  . PRO B 2 4   ? -1.114  -13.079 4.397   1.00 14.57 ? 2   PRO P CD  1 
HETATM 1409 N N   . B2A B 2 5   ? 0.309   -8.692  4.867   1.00 15.26 ? 1   B2A P N   1 
HETATM 1410 C CA  . B2A B 2 5   ? 0.727   -7.838  6.008   1.00 16.94 ? 1   B2A P CA  1 
HETATM 1411 C CB  . B2A B 2 5   ? 2.109   -7.258  5.759   1.00 16.53 ? 1   B2A P CB  1 
HETATM 1412 B B   . B2A B 2 5   ? -0.302  -6.785  6.394   1.00 17.16 ? 1   B2A P B   1 
HETATM 1413 O O1  . B2A B 2 5   ? 0.046   -5.678  7.328   1.00 16.43 ? 1   B2A P O1  1 
HETATM 1414 O O2  . B2A B 2 5   ? -1.698  -7.238  6.455   1.00 15.90 ? 1   B2A P O2  1 
HETATM 1415 S S   . SO4 C 3 .   ? -2.207  -3.718  -16.685 1.00 34.51 ? 1   SO4 A S   1 
HETATM 1416 O O1  . SO4 C 3 .   ? -2.537  -4.125  -18.082 0.82 37.71 ? 1   SO4 A O1  1 
HETATM 1417 O O2  . SO4 C 3 .   ? -1.580  -4.902  -16.004 1.00 33.98 ? 1   SO4 A O2  1 
HETATM 1418 O O3  . SO4 C 3 .   ? -1.374  -2.488  -16.560 1.00 34.30 ? 1   SO4 A O3  1 
HETATM 1419 O O4  . SO4 C 3 .   ? -3.474  -3.334  -15.954 0.80 44.58 ? 1   SO4 A O4  1 
HETATM 1420 O O   . HOH D 4 .   ? -8.657  17.265  -0.479  0.95 15.57 ? 245 HOH A O   1 
HETATM 1421 O O   . HOH D 4 .   ? 9.648   5.244   -12.112 0.92 29.02 ? 246 HOH A O   1 
HETATM 1422 O O   . HOH D 4 .   ? 9.025   9.098   -14.732 0.94 12.09 ? 247 HOH A O   1 
HETATM 1423 O O   . HOH D 4 .   ? 4.082   -0.359  3.497   0.99 8.35  ? 248 HOH A O   1 
HETATM 1424 O O   . HOH D 4 .   ? -17.141 -0.145  12.718  1.00 25.26 ? 249 HOH A O   1 
HETATM 1425 O O   . HOH D 4 .   ? 1.971   -15.178 9.433   0.88 19.69 ? 250 HOH A O   1 
HETATM 1426 O O   . HOH D 4 .   ? -7.460  -1.946  16.293  0.93 22.97 ? 251 HOH A O   1 
HETATM 1427 O O   . HOH D 4 .   ? -9.692  -6.498  8.048   0.81 24.53 ? 252 HOH A O   1 
HETATM 1428 O O   . HOH D 4 .   ? -15.574 12.184  -1.330  0.95 13.72 ? 253 HOH A O   1 
HETATM 1429 O O   . HOH D 4 .   ? 2.696   9.031   -14.910 0.56 7.92  ? 254 HOH A O   1 
HETATM 1430 O O   . HOH D 4 .   ? -0.603  8.681   -12.710 0.89 16.03 ? 255 HOH A O   1 
HETATM 1431 O O   . HOH D 4 .   ? 6.088   -3.354  -10.928 1.00 7.02  ? 256 HOH A O   1 
HETATM 1432 O O   . HOH D 4 .   ? 9.432   13.400  -5.144  0.65 17.24 ? 257 HOH A O   1 
HETATM 1433 O O   . HOH D 4 .   ? -3.255  9.146   -12.301 0.92 11.54 ? 258 HOH A O   1 
HETATM 1434 O O   . HOH D 4 .   ? -5.112  6.249   12.786  0.78 22.18 ? 259 HOH A O   1 
HETATM 1435 O O   . HOH D 4 .   ? 17.447  1.472   -2.217  1.00 24.61 ? 260 HOH A O   1 
HETATM 1436 O O   . HOH D 4 .   ? -18.730 11.822  -1.995  1.00 39.56 ? 261 HOH A O   1 
HETATM 1437 O O   . HOH D 4 .   ? -8.959  -15.983 -6.747  0.75 31.52 ? 262 HOH A O   1 
HETATM 1438 O O   . HOH D 4 .   ? -8.843  11.676  12.799  0.76 35.13 ? 263 HOH A O   1 
HETATM 1439 O O   . HOH D 4 .   ? 4.913   3.153   -16.705 0.70 14.90 ? 264 HOH A O   1 
HETATM 1440 O O   . HOH D 4 .   ? 14.742  -2.300  4.258   0.95 15.68 ? 265 HOH A O   1 
HETATM 1441 O O   . HOH D 4 .   ? -10.681 11.993  -10.897 0.71 19.97 ? 266 HOH A O   1 
HETATM 1442 O O   . HOH D 4 .   ? 5.846   5.489   7.433   1.00 17.99 ? 267 HOH A O   1 
HETATM 1443 O O   . HOH D 4 .   ? -6.564  -17.043 -5.838  1.00 19.48 ? 268 HOH A O   1 
HETATM 1444 O O   . HOH D 4 .   ? -12.444 -10.467 -4.153  0.81 22.82 ? 269 HOH A O   1 
HETATM 1445 O O   . HOH D 4 .   ? -13.435 -4.838  -7.400  0.85 17.48 ? 270 HOH A O   1 
HETATM 1446 O O   . HOH D 4 .   ? -6.694  17.466  9.432   0.96 26.78 ? 271 HOH A O   1 
HETATM 1447 O O   . HOH D 4 .   ? 5.917   16.581  -0.034  0.59 6.19  ? 272 HOH A O   1 
HETATM 1448 O O   . HOH D 4 .   ? 0.284   -6.483  -9.248  1.00 9.10  ? 273 HOH A O   1 
HETATM 1449 O O   . HOH D 4 .   ? 13.630  8.350   -0.304  1.00 33.23 ? 274 HOH A O   1 
HETATM 1450 O O   . HOH D 4 .   ? -15.484 -4.848  -5.002  0.62 11.11 ? 275 HOH A O   1 
HETATM 1451 O O   . HOH D 4 .   ? 4.938   -5.247  -15.049 0.59 21.87 ? 276 HOH A O   1 
HETATM 1452 O O   . HOH D 4 .   ? 15.815  1.336   4.259   0.75 10.84 ? 277 HOH A O   1 
HETATM 1453 O O   . HOH D 4 .   ? -10.278 9.497   -12.494 0.61 19.43 ? 278 HOH A O   1 
HETATM 1454 O O   . HOH D 4 .   ? -10.627 -17.082 0.200   0.72 22.70 ? 279 HOH A O   1 
HETATM 1455 O O   . HOH D 4 .   ? 2.175   -14.243 -11.000 0.99 22.36 ? 280 HOH A O   1 
HETATM 1456 O O   . HOH D 4 .   ? -16.144 -7.982  0.109   1.00 26.58 ? 281 HOH A O   1 
HETATM 1457 O O   . HOH D 4 .   ? -3.965  -0.423  -16.521 0.94 21.57 ? 282 HOH A O   1 
HETATM 1458 O O   . HOH D 4 .   ? 7.758   6.979   8.367   1.00 14.70 ? 283 HOH A O   1 
HETATM 1459 O O   . HOH D 4 .   ? -3.426  2.888   -15.220 0.69 24.47 ? 284 HOH A O   1 
HETATM 1460 O O   . HOH D 4 .   ? 12.214  7.569   7.850   0.99 15.79 ? 285 HOH A O   1 
HETATM 1461 O O   . HOH D 4 .   ? -15.415 1.255   -7.570  0.99 16.91 ? 286 HOH A O   1 
HETATM 1462 O O   . HOH D 4 .   ? 5.678   12.349  7.843   0.81 12.48 ? 287 HOH A O   1 
HETATM 1463 O O   . HOH D 4 .   ? -2.525  -9.062  -8.806  1.00 12.52 ? 288 HOH A O   1 
HETATM 1464 O O   . HOH D 4 .   ? 11.834  12.728  2.166   0.77 24.68 ? 289 HOH A O   1 
HETATM 1465 O O   . HOH D 4 .   ? 5.891   9.042   9.943   0.89 26.47 ? 290 HOH A O   1 
HETATM 1466 O O   . HOH D 4 .   ? 10.463  5.900   9.106   0.64 9.31  ? 291 HOH A O   1 
HETATM 1467 O O   . HOH D 4 .   ? 11.551  -17.112 5.219   1.00 40.62 ? 292 HOH A O   1 
HETATM 1468 O O   . HOH D 4 .   ? 14.392  -13.606 -1.906  0.81 31.03 ? 293 HOH A O   1 
HETATM 1469 O O   . HOH D 4 .   ? 11.291  6.997   -10.572 0.94 14.07 ? 294 HOH A O   1 
HETATM 1470 O O   . HOH D 4 .   ? -14.611 -7.193  10.103  0.49 17.02 ? 295 HOH A O   1 
HETATM 1471 O O   . HOH D 4 .   ? 5.421   10.274  -14.560 0.81 17.90 ? 296 HOH A O   1 
HETATM 1472 O O   . HOH D 4 .   ? -5.262  -7.231  8.203   0.89 41.71 ? 297 HOH A O   1 
HETATM 1473 O O   . HOH D 4 .   ? 16.872  -9.368  -9.350  1.00 35.06 ? 298 HOH A O   1 
HETATM 1474 O O   . HOH D 4 .   ? -15.181 -5.639  13.580  0.96 19.73 ? 299 HOH A O   1 
HETATM 1475 O O   . HOH D 4 .   ? 7.796   -1.465  -10.343 0.57 9.06  ? 300 HOH A O   1 
HETATM 1476 O O   . HOH D 4 .   ? 4.940   -13.938 15.814  0.91 24.04 ? 301 HOH A O   1 
HETATM 1477 O O   . HOH D 4 .   ? 15.998  0.928   9.289   1.00 40.96 ? 302 HOH A O   1 
HETATM 1478 O O   . HOH D 4 .   ? 15.692  -4.368  -15.587 0.42 11.34 ? 303 HOH A O   1 
HETATM 1479 O O   . HOH D 4 .   ? -7.657  0.091   17.124  0.66 28.02 ? 304 HOH A O   1 
HETATM 1480 O O   . HOH D 4 .   ? -8.276  4.895   13.698  0.99 27.71 ? 305 HOH A O   1 
HETATM 1481 O O   . HOH D 4 .   ? 14.728  6.715   6.745   0.51 24.01 ? 306 HOH A O   1 
HETATM 1482 O O   . HOH D 4 .   ? -7.864  -20.504 4.040   0.44 14.37 ? 307 HOH A O   1 
HETATM 1483 O O   . HOH D 4 .   ? 7.839   -5.377  13.417  0.69 25.53 ? 308 HOH A O   1 
HETATM 1484 O O   . HOH D 4 .   ? -13.751 -6.545  6.652   0.94 35.47 ? 309 HOH A O   1 
HETATM 1485 O O   . HOH D 4 .   ? 22.078  -9.155  1.465   0.91 36.73 ? 310 HOH A O   1 
HETATM 1486 O O   . HOH D 4 .   ? -10.725 -13.003 -5.783  0.99 27.52 ? 311 HOH A O   1 
HETATM 1487 O O   . HOH D 4 .   ? -14.167 -2.132  -12.677 0.68 37.65 ? 312 HOH A O   1 
HETATM 1488 O O   . HOH D 4 .   ? -5.127  7.382   -13.298 0.88 14.76 ? 313 HOH A O   1 
HETATM 1489 O O   . HOH D 4 .   ? 12.267  -13.004 14.233  1.00 38.59 ? 314 HOH A O   1 
HETATM 1490 O O   . HOH D 4 .   ? -18.562 11.958  -4.410  1.00 20.92 ? 315 HOH A O   1 
HETATM 1491 O O   . HOH D 4 .   ? -6.293  19.708  7.348   0.86 29.77 ? 316 HOH A O   1 
HETATM 1492 O O   . HOH D 4 .   ? 11.494  -11.017 -12.869 0.45 18.57 ? 317 HOH A O   1 
HETATM 1493 O O   . HOH D 4 .   ? 4.250   -18.557 -1.411  0.71 33.10 ? 318 HOH A O   1 
HETATM 1494 O O   . HOH D 4 .   ? 0.667   6.407   11.134  0.92 30.92 ? 319 HOH A O   1 
HETATM 1495 O O   . HOH D 4 .   ? 3.578   5.779   8.965   0.61 13.69 ? 320 HOH A O   1 
HETATM 1496 O O   . HOH D 4 .   ? 9.994   14.743  -2.779  0.79 36.22 ? 321 HOH A O   1 
HETATM 1497 O O   . HOH D 4 .   ? -11.681 -15.754 -4.796  0.64 36.61 ? 322 HOH A O   1 
HETATM 1498 O O   . HOH D 4 .   ? -3.830  -6.881  -12.625 0.66 10.94 ? 323 HOH A O   1 
HETATM 1499 O O   . HOH D 4 .   ? 13.208  16.878  5.475   0.66 28.02 ? 324 HOH A O   1 
HETATM 1500 O O   . HOH D 4 .   ? -17.829 -5.152  5.243   0.69 32.83 ? 325 HOH A O   1 
HETATM 1501 O O   . HOH D 4 .   ? 5.783   4.298   11.214  0.52 14.36 ? 326 HOH A O   1 
HETATM 1502 O O   . HOH D 4 .   ? 4.152   -7.558  -13.817 0.81 22.98 ? 327 HOH A O   1 
HETATM 1503 O O   . HOH D 4 .   ? 3.215   11.487  8.315   0.62 29.91 ? 328 HOH A O   1 
HETATM 1504 O O   . HOH D 4 .   ? 12.951  4.207   8.898   1.00 40.77 ? 329 HOH A O   1 
HETATM 1505 O O   . HOH D 4 .   ? -19.609 13.201  2.330   1.00 35.28 ? 330 HOH A O   1 
HETATM 1506 O O   . HOH D 4 .   ? -10.864 13.155  10.782  1.00 32.38 ? 331 HOH A O   1 
HETATM 1507 O O   . HOH D 4 .   ? -10.480 -10.390 3.738   0.71 32.62 ? 332 HOH A O   1 
HETATM 1508 O O   . HOH D 4 .   ? 7.478   18.500  0.827   0.43 8.19  ? 333 HOH A O   1 
HETATM 1509 O O   . HOH D 4 .   ? -2.766  7.702   11.045  0.98 23.72 ? 334 HOH A O   1 
HETATM 1510 O O   . HOH D 4 .   ? 12.944  -10.302 10.730  0.88 6.94  ? 335 HOH A O   1 
HETATM 1511 O O   . HOH D 4 .   ? 4.492   -7.725  -11.218 0.96 11.12 ? 336 HOH A O   1 
HETATM 1512 O O   . HOH D 4 .   ? 17.785  -7.150  -9.014  0.89 40.52 ? 337 HOH A O   1 
HETATM 1513 O O   . HOH D 4 .   ? -10.338 2.081   15.553  0.56 10.67 ? 338 HOH A O   1 
HETATM 1514 O O   . HOH D 4 .   ? 2.117   0.192   -11.713 1.00 9.21  ? 339 HOH A O   1 
HETATM 1515 O O   . HOH D 4 .   ? 4.633   6.123   -18.210 0.97 40.76 ? 340 HOH A O   1 
HETATM 1516 O O   . HOH D 4 .   ? -11.058 -5.650  10.318  0.69 32.16 ? 341 HOH A O   1 
HETATM 1517 O O   . HOH D 4 .   ? -11.458 -8.220  7.054   0.63 31.31 ? 342 HOH A O   1 
HETATM 1518 O O   . HOH D 4 .   ? -0.696  9.931   -1.588  0.88 5.05  ? 343 HOH A O   1 
HETATM 1519 O O   . HOH D 4 .   ? -2.691  -5.661  9.014   0.93 28.38 ? 344 HOH A O   1 
HETATM 1520 O O   . HOH D 4 .   ? -6.868  13.883  -9.175  1.00 46.15 ? 345 HOH A O   1 
HETATM 1521 O O   . HOH D 4 .   ? -9.245  17.324  6.659   0.41 16.09 ? 346 HOH A O   1 
HETATM 1522 O O   . HOH D 4 .   ? 3.379   8.467   9.473   0.85 26.76 ? 347 HOH A O   1 
HETATM 1523 O O   . HOH D 4 .   ? 1.854   -8.793  15.889  1.00 26.85 ? 348 HOH A O   1 
HETATM 1524 O O   . HOH D 4 .   ? -2.160  18.920  -5.076  0.40 34.25 ? 349 HOH A O   1 
HETATM 1525 O O   . HOH D 4 .   ? 16.116  6.760   2.803   0.74 36.83 ? 350 HOH A O   1 
HETATM 1526 O O   . HOH D 4 .   ? 14.267  5.371   -5.454  0.70 31.34 ? 351 HOH A O   1 
HETATM 1527 O O   . HOH D 4 .   ? -0.764  -17.055 4.561   0.99 17.19 ? 352 HOH A O   1 
HETATM 1528 O O   . HOH D 4 .   ? 11.524  -4.889  -15.727 1.00 24.32 ? 353 HOH A O   1 
HETATM 1529 O O   . HOH D 4 .   ? -16.919 8.501   -8.073  0.85 20.79 ? 354 HOH A O   1 
HETATM 1530 O O   . HOH D 4 .   ? 13.762  -9.752  -3.127  0.83 18.00 ? 355 HOH A O   1 
HETATM 1531 O O   . HOH D 4 .   ? -12.167 1.243   11.923  0.88 7.95  ? 356 HOH A O   1 
HETATM 1532 O O   . HOH D 4 .   ? 1.709   -12.882 9.944   0.69 20.89 ? 357 HOH A O   1 
HETATM 1533 O O   . HOH D 4 .   ? -2.219  -8.681  -11.551 0.33 10.66 ? 358 HOH A O   1 
HETATM 1534 O O   . HOH D 4 .   ? -13.296 12.409  9.857   0.64 28.20 ? 359 HOH A O   1 
HETATM 1535 O O   . HOH D 4 .   ? 6.560   12.773  -13.413 0.79 33.61 ? 360 HOH A O   1 
HETATM 1536 O O   . HOH D 4 .   ? 3.375   2.391   -11.199 0.95 11.08 ? 361 HOH A O   1 
HETATM 1537 O O   . HOH D 4 .   ? 14.314  7.043   -8.715  0.89 38.21 ? 362 HOH A O   1 
HETATM 1538 O O   . HOH D 4 .   ? 5.350   -0.865  -10.153 0.80 35.78 ? 363 HOH A O   1 
HETATM 1539 O O   . HOH D 4 .   ? -16.585 -1.361  -8.571  0.58 19.54 ? 364 HOH A O   1 
HETATM 1540 O O   . HOH D 4 .   ? -5.792  3.777   14.285  0.84 39.59 ? 365 HOH A O   1 
HETATM 1541 O O   . HOH D 4 .   ? -5.836  18.562  -1.661  0.63 33.79 ? 366 HOH A O   1 
HETATM 1542 O O   . HOH D 4 .   ? 3.294   20.012  -4.503  0.65 28.41 ? 367 HOH A O   1 
HETATM 1543 O O   . HOH D 4 .   ? 7.791   2.262   -17.683 0.71 26.47 ? 368 HOH A O   1 
HETATM 1544 O O   . HOH D 4 .   ? 14.225  -12.301 12.347  0.94 31.78 ? 369 HOH A O   1 
HETATM 1545 O O   . HOH D 4 .   ? -14.019 -8.528  -5.590  0.40 6.74  ? 370 HOH A O   1 
HETATM 1546 O O   . HOH D 4 .   ? -3.271  12.360  9.248   0.65 21.71 ? 371 HOH A O   1 
HETATM 1547 O O   . HOH D 4 .   ? -12.542 -13.331 -1.540  0.77 33.51 ? 372 HOH A O   1 
HETATM 1548 O O   . HOH D 4 .   ? -2.871  10.305  11.288  0.69 30.74 ? 373 HOH A O   1 
HETATM 1549 O O   . HOH D 4 .   ? -17.808 -2.697  -4.991  0.57 14.98 ? 374 HOH A O   1 
HETATM 1550 O O   . HOH D 4 .   ? 18.681  -6.690  -11.742 0.60 43.71 ? 375 HOH A O   1 
HETATM 1551 O O   . HOH D 4 .   ? 14.731  8.386   4.589   0.77 39.79 ? 376 HOH A O   1 
HETATM 1552 O O   . HOH D 4 .   ? -15.858 4.001   17.328  0.60 38.02 ? 377 HOH A O   1 
HETATM 1553 O O   . HOH D 4 .   ? 10.765  -17.256 2.128   0.53 33.52 ? 378 HOH A O   1 
HETATM 1554 O O   . HOH D 4 .   ? -15.678 4.680   -11.496 0.75 40.43 ? 379 HOH A O   1 
HETATM 1555 O O   . HOH D 4 .   ? 2.954   -5.354  14.063  0.48 20.00 ? 380 HOH A O   1 
HETATM 1556 O O   . HOH D 4 .   ? 19.116  -0.595  -12.109 0.72 32.67 ? 381 HOH A O   1 
HETATM 1557 O O   . HOH D 4 .   ? -1.659  -6.123  11.237  0.85 28.38 ? 382 HOH A O   1 
HETATM 1558 O O   . HOH D 4 .   ? 0.578   -23.050 6.404   0.67 33.10 ? 383 HOH A O   1 
HETATM 1559 O O   . HOH D 4 .   ? -7.483  -18.597 6.591   0.51 14.37 ? 384 HOH A O   1 
HETATM 1560 O O   . HOH D 4 .   ? -1.260  10.487  -4.216  0.82 5.03  ? 385 HOH A O   1 
HETATM 1561 O O   . HOH E 4 .   ? -5.133  -10.673 7.671   0.60 20.71 ? 87  HOH P O   1 
HETATM 1562 O O   . HOH E 4 .   ? -2.122  -9.926  7.876   0.80 26.07 ? 90  HOH P O   1 
HETATM 1563 O O   . HOH E 4 .   ? 1.057   -11.456 8.170   0.58 31.34 ? 103 HOH P O   1 
HETATM 1564 O O   . HOH E 4 .   ? -5.700  -9.439  9.936   0.52 20.71 ? 142 HOH P O   1 
HETATM 1565 O O   . HOH E 4 .   ? 3.247   -18.681 5.935   0.33 22.70 ? 145 HOH P O   1 
# 
